data_1C5F
#
_entry.id   1C5F
#
_cell.length_a   62.000
_cell.length_b   100.160
_cell.length_c   133.920
_cell.angle_alpha   90.00
_cell.angle_beta   93.75
_cell.angle_gamma   90.00
#
_symmetry.space_group_name_H-M   'P 1 21 1'
#
loop_
_entity.id
_entity.type
_entity.pdbx_description
1 polymer 'PEPTIDYL-PROLYL CIS-TRANS ISOMERASE 1'
2 polymer 'CYCLOSPORIN A'
3 water water
#
loop_
_entity_poly.entity_id
_entity_poly.type
_entity_poly.pdbx_seq_one_letter_code
_entity_poly.pdbx_strand_id
1 'polypeptide(L)'
;MSKKDRRRVFLDVTIDGNLAGRIVMELYNDIAPRTCNNFLMLCTGMAGTGKISGKPLHYKGSTFHRVIKNFMIQGGDFTK
GDGTGGESIYGGMFDDEEFVMKHDEPFVVSMANKGPNTNGSQFFITTTPAPHLNNIHVVFGKVVSGQEVVTKIEYLKTNS
KNRPLADVVILNCGELV
;
A,C,E,G,I,K,M,O
2 'polypeptide(L)' (DAL)(MLE)(MLE)(MVA)(BMT)(ABA)(SAR)(MLE)V(MLE)A B,D,F,H,J,L,N,P
#
# COMPACT_ATOMS: atom_id res chain seq x y z
N MET A 1 -4.57 -52.78 -2.81
CA MET A 1 -4.05 -52.18 -4.06
C MET A 1 -4.62 -50.78 -4.28
N SER A 2 -3.83 -49.90 -4.88
CA SER A 2 -4.26 -48.53 -5.14
C SER A 2 -3.95 -48.07 -6.55
N LYS A 3 -4.99 -47.83 -7.34
CA LYS A 3 -4.82 -47.36 -8.71
C LYS A 3 -4.14 -45.99 -8.67
N LYS A 4 -4.20 -45.35 -7.51
CA LYS A 4 -3.61 -44.04 -7.31
C LYS A 4 -2.09 -44.12 -7.38
N ASP A 5 -1.55 -45.27 -6.98
CA ASP A 5 -0.11 -45.52 -6.97
C ASP A 5 0.47 -45.85 -8.34
N ARG A 6 -0.39 -46.00 -9.34
CA ARG A 6 0.06 -46.31 -10.69
C ARG A 6 0.57 -45.08 -11.42
N ARG A 7 1.81 -45.16 -11.89
CA ARG A 7 2.48 -44.07 -12.58
C ARG A 7 2.41 -44.22 -14.10
N ARG A 8 2.78 -43.15 -14.81
CA ARG A 8 2.76 -43.18 -16.26
C ARG A 8 4.10 -42.79 -16.89
N VAL A 9 4.47 -43.50 -17.95
CA VAL A 9 5.71 -43.23 -18.64
C VAL A 9 5.50 -43.20 -20.15
N PHE A 10 6.50 -42.68 -20.86
CA PHE A 10 6.39 -42.59 -22.30
C PHE A 10 7.69 -42.90 -23.04
N LEU A 11 7.53 -43.32 -24.30
CA LEU A 11 8.65 -43.61 -25.17
C LEU A 11 8.45 -42.89 -26.53
N ASP A 12 9.27 -41.88 -26.81
CA ASP A 12 9.18 -41.14 -28.08
C ASP A 12 10.12 -41.85 -29.04
N VAL A 13 9.55 -42.45 -30.07
CA VAL A 13 10.27 -43.23 -31.05
C VAL A 13 10.59 -42.54 -32.37
N THR A 14 11.68 -42.97 -33.00
CA THR A 14 12.04 -42.45 -34.31
C THR A 14 12.48 -43.67 -35.13
N ILE A 15 12.10 -43.69 -36.39
CA ILE A 15 12.47 -44.78 -37.29
C ILE A 15 13.32 -44.13 -38.37
N ASP A 16 14.62 -44.40 -38.34
CA ASP A 16 15.55 -43.82 -39.30
C ASP A 16 15.46 -42.32 -39.21
N GLY A 17 15.32 -41.81 -37.99
CA GLY A 17 15.25 -40.38 -37.76
C GLY A 17 13.87 -39.75 -37.82
N ASN A 18 12.95 -40.39 -38.52
CA ASN A 18 11.60 -39.85 -38.66
C ASN A 18 10.74 -40.12 -37.45
N LEU A 19 10.00 -39.10 -37.01
CA LEU A 19 9.14 -39.21 -35.84
C LEU A 19 8.05 -40.23 -36.11
N ALA A 20 7.90 -41.20 -35.20
CA ALA A 20 6.90 -42.25 -35.35
C ALA A 20 5.75 -42.17 -34.35
N GLY A 21 5.87 -41.27 -33.38
CA GLY A 21 4.82 -41.13 -32.39
C GLY A 21 5.27 -41.47 -30.98
N ARG A 22 4.36 -41.31 -30.03
CA ARG A 22 4.65 -41.58 -28.63
C ARG A 22 3.84 -42.76 -28.08
N ILE A 23 4.51 -43.58 -27.27
CA ILE A 23 3.87 -44.72 -26.62
C ILE A 23 3.74 -44.34 -25.15
N VAL A 24 2.51 -44.35 -24.64
CA VAL A 24 2.27 -44.00 -23.24
C VAL A 24 1.81 -45.25 -22.54
N MET A 25 2.52 -45.62 -21.47
CA MET A 25 2.18 -46.81 -20.71
C MET A 25 1.79 -46.54 -19.26
N GLU A 26 0.89 -47.35 -18.75
CA GLU A 26 0.48 -47.24 -17.35
C GLU A 26 1.10 -48.40 -16.61
N LEU A 27 1.99 -48.10 -15.68
CA LEU A 27 2.65 -49.12 -14.89
C LEU A 27 1.77 -49.48 -13.70
N TYR A 28 1.83 -50.75 -13.30
CA TYR A 28 1.02 -51.22 -12.17
C TYR A 28 1.86 -51.43 -10.93
N ASN A 29 2.21 -50.34 -10.26
CA ASN A 29 3.03 -50.38 -9.05
C ASN A 29 2.33 -51.05 -7.88
N ASP A 30 1.01 -51.18 -7.98
CA ASP A 30 0.21 -51.80 -6.95
C ASP A 30 0.23 -53.32 -7.08
N ILE A 31 0.79 -53.80 -8.19
CA ILE A 31 0.84 -55.24 -8.45
C ILE A 31 2.26 -55.75 -8.72
N ALA A 32 3.15 -54.82 -9.08
CA ALA A 32 4.53 -55.16 -9.38
C ALA A 32 5.37 -53.92 -9.08
N PRO A 33 5.34 -53.46 -7.82
CA PRO A 33 6.07 -52.29 -7.33
C PRO A 33 7.56 -52.27 -7.62
N ARG A 34 8.22 -53.41 -7.44
CA ARG A 34 9.64 -53.50 -7.68
C ARG A 34 9.96 -53.40 -9.16
N THR A 35 9.16 -54.08 -9.97
CA THR A 35 9.39 -54.09 -11.41
C THR A 35 9.09 -52.74 -12.06
N CYS A 36 7.93 -52.18 -11.72
CA CYS A 36 7.54 -50.89 -12.27
C CYS A 36 8.52 -49.78 -11.87
N ASN A 37 9.04 -49.85 -10.66
CA ASN A 37 9.97 -48.82 -10.21
C ASN A 37 11.22 -48.87 -11.10
N ASN A 38 11.59 -50.07 -11.50
CA ASN A 38 12.76 -50.22 -12.37
C ASN A 38 12.52 -49.52 -13.69
N PHE A 39 11.38 -49.83 -14.29
CA PHE A 39 11.01 -49.26 -15.57
C PHE A 39 10.99 -47.73 -15.57
N LEU A 40 10.28 -47.14 -14.60
CA LEU A 40 10.18 -45.69 -14.51
C LEU A 40 11.54 -45.04 -14.25
N MET A 41 12.32 -45.61 -13.34
CA MET A 41 13.63 -45.05 -13.06
C MET A 41 14.51 -45.15 -14.32
N LEU A 42 14.22 -46.11 -15.18
CA LEU A 42 14.99 -46.27 -16.40
C LEU A 42 14.54 -45.30 -17.48
N CYS A 43 13.27 -44.90 -17.46
CA CYS A 43 12.77 -43.96 -18.44
C CYS A 43 13.32 -42.58 -18.08
N THR A 44 13.30 -42.23 -16.80
CA THR A 44 13.81 -40.93 -16.37
C THR A 44 15.31 -40.93 -16.18
N GLY A 45 15.90 -42.12 -16.08
CA GLY A 45 17.34 -42.26 -15.90
C GLY A 45 17.87 -41.63 -14.63
N MET A 46 16.99 -41.32 -13.70
CA MET A 46 17.39 -40.70 -12.45
C MET A 46 18.02 -41.65 -11.45
N ALA A 47 18.26 -42.89 -11.85
CA ALA A 47 18.86 -43.88 -10.96
C ALA A 47 20.38 -43.92 -11.07
N GLY A 48 20.96 -43.04 -11.89
CA GLY A 48 22.40 -43.00 -12.00
C GLY A 48 23.15 -43.85 -13.01
N THR A 49 24.09 -44.63 -12.51
CA THR A 49 24.93 -45.48 -13.35
C THR A 49 24.90 -46.95 -12.96
N GLY A 50 25.02 -47.83 -13.95
CA GLY A 50 25.02 -49.25 -13.69
C GLY A 50 26.21 -49.70 -12.85
N LYS A 51 25.91 -50.34 -11.71
CA LYS A 51 26.93 -50.84 -10.80
C LYS A 51 27.88 -51.82 -11.49
N ILE A 52 27.33 -52.57 -12.44
CA ILE A 52 28.10 -53.56 -13.20
C ILE A 52 28.41 -53.07 -14.61
N SER A 53 27.39 -52.54 -15.29
CA SER A 53 27.53 -52.03 -16.66
C SER A 53 28.49 -50.87 -16.71
N GLY A 54 28.19 -49.84 -15.92
CA GLY A 54 29.00 -48.65 -15.89
C GLY A 54 28.30 -47.60 -16.74
N LYS A 55 27.59 -48.07 -17.76
CA LYS A 55 26.87 -47.19 -18.66
C LYS A 55 25.61 -46.67 -17.95
N PRO A 56 25.09 -45.51 -18.39
CA PRO A 56 23.89 -45.00 -17.74
C PRO A 56 22.61 -45.83 -17.81
N LEU A 57 21.96 -45.95 -16.65
CA LEU A 57 20.71 -46.69 -16.51
C LEU A 57 19.63 -45.79 -17.11
N HIS A 58 19.53 -45.79 -18.44
CA HIS A 58 18.56 -44.94 -19.13
C HIS A 58 18.17 -45.54 -20.48
N TYR A 59 16.87 -45.73 -20.71
CA TYR A 59 16.42 -46.27 -21.99
C TYR A 59 16.71 -45.30 -23.12
N LYS A 60 16.73 -44.02 -22.79
CA LYS A 60 16.99 -42.95 -23.75
C LYS A 60 18.22 -43.23 -24.61
N GLY A 61 17.98 -43.38 -25.90
CA GLY A 61 19.08 -43.66 -26.82
C GLY A 61 19.13 -45.13 -27.20
N SER A 62 18.49 -45.99 -26.41
CA SER A 62 18.51 -47.42 -26.73
C SER A 62 17.54 -47.67 -27.86
N THR A 63 17.50 -48.91 -28.35
CA THR A 63 16.62 -49.23 -29.47
C THR A 63 15.67 -50.39 -29.21
N PHE A 64 14.91 -50.73 -30.25
CA PHE A 64 13.99 -51.86 -30.25
C PHE A 64 14.71 -52.74 -31.27
N HIS A 65 15.58 -53.62 -30.78
CA HIS A 65 16.41 -54.47 -31.63
C HIS A 65 15.80 -55.73 -32.21
N ARG A 66 14.62 -56.13 -31.74
CA ARG A 66 14.00 -57.35 -32.25
C ARG A 66 12.49 -57.23 -32.38
N VAL A 67 11.96 -57.56 -33.55
CA VAL A 67 10.51 -57.47 -33.75
C VAL A 67 9.96 -58.69 -34.50
N ILE A 68 8.80 -59.18 -34.06
CA ILE A 68 8.15 -60.32 -34.70
C ILE A 68 6.70 -59.98 -35.03
N LYS A 69 6.35 -60.09 -36.31
CA LYS A 69 5.00 -59.82 -36.77
C LYS A 69 3.96 -60.69 -36.07
N ASN A 70 2.87 -60.07 -35.66
CA ASN A 70 1.78 -60.75 -34.97
C ASN A 70 2.21 -61.24 -33.60
N PHE A 71 3.28 -60.68 -33.06
CA PHE A 71 3.75 -61.12 -31.76
C PHE A 71 4.13 -60.01 -30.77
N MET A 72 5.33 -59.45 -30.91
CA MET A 72 5.76 -58.39 -29.98
C MET A 72 7.00 -57.63 -30.46
N ILE A 73 7.34 -56.55 -29.76
CA ILE A 73 8.56 -55.80 -30.10
C ILE A 73 9.40 -55.78 -28.82
N GLN A 74 10.72 -55.93 -28.99
CA GLN A 74 11.61 -55.98 -27.84
C GLN A 74 12.75 -54.96 -27.90
N GLY A 75 13.06 -54.37 -26.74
CA GLY A 75 14.14 -53.40 -26.65
C GLY A 75 14.55 -53.19 -25.21
N GLY A 76 15.33 -52.14 -24.96
CA GLY A 76 15.76 -51.86 -23.60
C GLY A 76 17.19 -52.26 -23.31
N ASP A 77 17.87 -52.83 -24.30
CA ASP A 77 19.25 -53.24 -24.11
C ASP A 77 20.13 -52.04 -24.37
N PHE A 78 20.39 -51.28 -23.32
CA PHE A 78 21.19 -50.07 -23.46
C PHE A 78 22.68 -50.24 -23.17
N THR A 79 23.16 -51.49 -23.16
CA THR A 79 24.57 -51.75 -22.91
C THR A 79 25.22 -52.54 -24.05
N LYS A 80 24.41 -53.26 -24.82
CA LYS A 80 24.94 -54.05 -25.93
C LYS A 80 24.19 -53.76 -27.22
N GLY A 81 22.89 -53.48 -27.09
CA GLY A 81 22.07 -53.17 -28.25
C GLY A 81 21.79 -54.37 -29.14
N ASP A 82 22.11 -55.57 -28.67
CA ASP A 82 21.89 -56.78 -29.44
C ASP A 82 20.99 -57.80 -28.72
N GLY A 83 20.65 -57.49 -27.48
CA GLY A 83 19.81 -58.40 -26.71
C GLY A 83 20.57 -59.19 -25.67
N THR A 84 21.88 -58.98 -25.57
CA THR A 84 22.69 -59.71 -24.58
C THR A 84 23.10 -58.82 -23.42
N GLY A 85 22.62 -57.58 -23.41
CA GLY A 85 22.98 -56.66 -22.33
C GLY A 85 21.82 -56.16 -21.50
N GLY A 86 21.98 -54.97 -20.91
CA GLY A 86 20.95 -54.40 -20.08
C GLY A 86 21.22 -54.63 -18.60
N GLU A 87 20.67 -53.76 -17.75
CA GLU A 87 20.87 -53.88 -16.31
C GLU A 87 19.82 -53.08 -15.55
N SER A 88 19.33 -53.66 -14.46
CA SER A 88 18.32 -52.98 -13.66
C SER A 88 18.98 -51.92 -12.79
N ILE A 89 18.16 -51.13 -12.11
CA ILE A 89 18.64 -50.07 -11.24
C ILE A 89 19.15 -50.65 -9.92
N TYR A 90 18.62 -51.82 -9.55
CA TYR A 90 19.01 -52.51 -8.32
C TYR A 90 20.40 -53.14 -8.39
N GLY A 91 21.13 -52.86 -9.46
CA GLY A 91 22.45 -53.43 -9.60
C GLY A 91 22.34 -54.84 -10.16
N GLY A 92 22.78 -55.02 -11.41
CA GLY A 92 22.68 -56.33 -12.03
C GLY A 92 21.23 -56.67 -12.28
N MET A 93 20.88 -57.95 -12.12
CA MET A 93 19.51 -58.40 -12.35
C MET A 93 18.72 -58.50 -11.04
N PHE A 94 17.40 -58.63 -11.15
CA PHE A 94 16.57 -58.76 -9.96
C PHE A 94 15.55 -59.86 -10.14
N ASP A 95 14.95 -60.29 -9.03
CA ASP A 95 13.97 -61.37 -9.03
C ASP A 95 12.59 -61.12 -9.64
N ASP A 96 11.92 -62.23 -9.98
CA ASP A 96 10.59 -62.22 -10.56
C ASP A 96 9.52 -62.01 -9.49
N GLU A 97 8.84 -60.88 -9.53
CA GLU A 97 7.77 -60.65 -8.57
C GLU A 97 6.62 -61.63 -8.87
N GLU A 98 5.60 -61.67 -8.02
CA GLU A 98 4.47 -62.58 -8.25
C GLU A 98 3.92 -62.40 -9.66
N PHE A 99 3.81 -63.48 -10.40
CA PHE A 99 3.28 -63.38 -11.76
C PHE A 99 1.78 -63.15 -11.72
N VAL A 100 1.36 -62.00 -11.18
CA VAL A 100 -0.06 -61.67 -11.08
C VAL A 100 -0.74 -61.36 -12.41
N MET A 101 -0.12 -60.48 -13.21
CA MET A 101 -0.69 -60.10 -14.50
C MET A 101 -0.25 -61.07 -15.61
N LYS A 102 -1.16 -61.29 -16.55
CA LYS A 102 -0.90 -62.20 -17.67
C LYS A 102 -0.85 -61.50 -19.02
N HIS A 103 -0.42 -62.24 -20.03
CA HIS A 103 -0.37 -61.72 -21.39
C HIS A 103 -1.65 -62.16 -22.05
N ASP A 104 -2.78 -61.98 -21.39
CA ASP A 104 -4.04 -62.40 -21.99
C ASP A 104 -4.70 -61.30 -22.82
N GLU A 105 -3.99 -60.20 -23.01
CA GLU A 105 -4.48 -59.10 -23.82
C GLU A 105 -3.34 -58.50 -24.60
N PRO A 106 -3.64 -57.86 -25.72
CA PRO A 106 -2.57 -57.26 -26.52
C PRO A 106 -2.12 -55.94 -25.88
N PHE A 107 -0.90 -55.54 -26.21
CA PHE A 107 -0.35 -54.28 -25.72
C PHE A 107 -0.12 -54.17 -24.22
N VAL A 108 0.45 -55.21 -23.62
CA VAL A 108 0.78 -55.15 -22.20
C VAL A 108 2.30 -55.08 -22.22
N VAL A 109 2.91 -54.50 -21.20
CA VAL A 109 4.37 -54.41 -21.18
C VAL A 109 4.89 -55.46 -20.25
N SER A 110 5.94 -56.16 -20.67
CA SER A 110 6.49 -57.23 -19.87
C SER A 110 8.00 -57.25 -19.86
N MET A 111 8.57 -57.98 -18.92
CA MET A 111 10.01 -58.07 -18.80
C MET A 111 10.60 -59.23 -19.61
N ALA A 112 11.58 -58.92 -20.45
CA ALA A 112 12.24 -59.95 -21.22
C ALA A 112 13.28 -60.48 -20.26
N ASN A 113 13.62 -61.75 -20.37
CA ASN A 113 14.62 -62.33 -19.49
C ASN A 113 15.31 -63.52 -20.13
N LYS A 114 16.10 -64.25 -19.34
CA LYS A 114 16.80 -65.43 -19.82
C LYS A 114 16.74 -66.50 -18.74
N GLY A 115 15.52 -66.77 -18.27
CA GLY A 115 15.34 -67.74 -17.23
C GLY A 115 14.90 -67.07 -15.94
N PRO A 116 14.63 -67.85 -14.88
CA PRO A 116 14.20 -67.34 -13.57
C PRO A 116 15.07 -66.23 -13.03
N ASN A 117 14.45 -65.26 -12.37
CA ASN A 117 15.12 -64.12 -11.77
C ASN A 117 16.28 -63.59 -12.62
N THR A 118 15.96 -63.11 -13.82
CA THR A 118 17.01 -62.57 -14.68
C THR A 118 16.56 -61.28 -15.34
N ASN A 119 15.72 -60.54 -14.61
CA ASN A 119 15.20 -59.27 -15.10
C ASN A 119 16.30 -58.21 -15.16
N GLY A 120 16.54 -57.68 -16.36
CA GLY A 120 17.55 -56.64 -16.51
C GLY A 120 16.81 -55.37 -16.83
N SER A 121 17.00 -54.86 -18.05
CA SER A 121 16.30 -53.66 -18.49
C SER A 121 15.44 -54.01 -19.71
N GLN A 122 15.87 -55.01 -20.48
CA GLN A 122 15.14 -55.42 -21.67
C GLN A 122 13.69 -55.79 -21.38
N PHE A 123 12.79 -55.23 -22.19
CA PHE A 123 11.35 -55.46 -22.06
C PHE A 123 10.70 -55.59 -23.43
N PHE A 124 9.47 -56.09 -23.45
CA PHE A 124 8.76 -56.22 -24.70
C PHE A 124 7.32 -55.75 -24.56
N ILE A 125 6.73 -55.37 -25.68
CA ILE A 125 5.34 -54.93 -25.74
C ILE A 125 4.70 -55.87 -26.75
N THR A 126 3.65 -56.58 -26.34
CA THR A 126 2.99 -57.51 -27.24
C THR A 126 1.91 -56.78 -28.03
N THR A 127 1.44 -57.41 -29.12
CA THR A 127 0.37 -56.86 -29.93
C THR A 127 -0.64 -57.98 -30.13
N THR A 128 -0.61 -58.94 -29.21
CA THR A 128 -1.50 -60.08 -29.29
C THR A 128 -1.40 -60.87 -27.98
N PRO A 129 -2.42 -61.70 -27.66
CA PRO A 129 -2.35 -62.47 -26.41
C PRO A 129 -1.21 -63.47 -26.52
N ALA A 130 -0.36 -63.55 -25.49
CA ALA A 130 0.77 -64.48 -25.50
C ALA A 130 0.77 -65.31 -24.24
N PRO A 131 -0.32 -66.07 -24.00
CA PRO A 131 -0.48 -66.93 -22.82
C PRO A 131 0.68 -67.88 -22.56
N HIS A 132 1.38 -68.29 -23.62
CA HIS A 132 2.51 -69.18 -23.44
C HIS A 132 3.67 -68.50 -22.72
N LEU A 133 3.51 -67.22 -22.38
CA LEU A 133 4.54 -66.47 -21.68
C LEU A 133 4.16 -66.29 -20.21
N ASN A 134 2.88 -66.54 -19.89
CA ASN A 134 2.40 -66.40 -18.52
C ASN A 134 3.25 -67.23 -17.54
N ASN A 135 3.51 -66.63 -16.38
CA ASN A 135 4.28 -67.26 -15.31
C ASN A 135 5.77 -67.38 -15.63
N ILE A 136 6.16 -67.03 -16.84
CA ILE A 136 7.57 -67.10 -17.23
C ILE A 136 8.12 -65.68 -17.36
N HIS A 137 7.23 -64.73 -17.63
CA HIS A 137 7.63 -63.35 -17.79
C HIS A 137 6.72 -62.44 -16.99
N VAL A 138 7.31 -61.49 -16.25
CA VAL A 138 6.50 -60.59 -15.43
C VAL A 138 5.88 -59.43 -16.19
N VAL A 139 4.56 -59.38 -16.16
CA VAL A 139 3.81 -58.31 -16.82
C VAL A 139 3.63 -57.18 -15.82
N PHE A 140 4.24 -56.04 -16.08
CA PHE A 140 4.11 -54.93 -15.15
C PHE A 140 3.24 -53.75 -15.61
N GLY A 141 3.18 -53.50 -16.92
CA GLY A 141 2.38 -52.39 -17.39
C GLY A 141 1.48 -52.65 -18.59
N LYS A 142 0.84 -51.57 -19.07
CA LYS A 142 -0.03 -51.65 -20.23
C LYS A 142 -0.06 -50.34 -21.02
N VAL A 143 -0.16 -50.48 -22.35
CA VAL A 143 -0.20 -49.32 -23.24
C VAL A 143 -1.60 -48.72 -23.19
N VAL A 144 -1.67 -47.42 -22.93
CA VAL A 144 -2.96 -46.71 -22.87
C VAL A 144 -3.05 -45.68 -24.00
N SER A 145 -1.93 -45.44 -24.67
CA SER A 145 -1.90 -44.48 -25.76
C SER A 145 -0.76 -44.76 -26.75
N GLY A 146 -1.08 -44.65 -28.03
CA GLY A 146 -0.11 -44.87 -29.07
C GLY A 146 0.14 -46.33 -29.45
N GLN A 147 -0.86 -47.19 -29.30
CA GLN A 147 -0.64 -48.58 -29.68
C GLN A 147 -0.39 -48.69 -31.19
N GLU A 148 -0.68 -47.64 -31.94
CA GLU A 148 -0.44 -47.68 -33.38
C GLU A 148 1.06 -47.58 -33.68
N VAL A 149 1.80 -46.89 -32.81
CA VAL A 149 3.24 -46.76 -32.99
C VAL A 149 3.87 -48.16 -32.84
N VAL A 150 3.32 -48.95 -31.92
CA VAL A 150 3.81 -50.30 -31.68
C VAL A 150 3.56 -51.16 -32.94
N THR A 151 2.36 -51.08 -33.49
CA THR A 151 1.99 -51.83 -34.67
C THR A 151 2.90 -51.42 -35.83
N LYS A 152 3.15 -50.12 -35.93
CA LYS A 152 4.01 -49.58 -36.98
C LYS A 152 5.41 -50.21 -36.87
N ILE A 153 5.95 -50.26 -35.66
CA ILE A 153 7.27 -50.82 -35.41
C ILE A 153 7.30 -52.34 -35.65
N GLU A 154 6.31 -53.05 -35.11
CA GLU A 154 6.24 -54.48 -35.26
C GLU A 154 6.32 -55.00 -36.70
N TYR A 155 5.70 -54.30 -37.64
CA TYR A 155 5.70 -54.76 -39.02
C TYR A 155 6.79 -54.20 -39.93
N LEU A 156 7.82 -53.62 -39.29
CA LEU A 156 8.95 -53.10 -40.04
C LEU A 156 9.71 -54.26 -40.65
N LYS A 157 10.32 -54.03 -41.81
CA LYS A 157 11.08 -55.07 -42.49
C LYS A 157 12.30 -55.39 -41.62
N THR A 158 12.62 -56.66 -41.48
CA THR A 158 13.74 -57.06 -40.65
C THR A 158 14.71 -57.98 -41.37
N ASN A 159 15.87 -58.18 -40.76
CA ASN A 159 16.88 -59.07 -41.34
C ASN A 159 16.51 -60.49 -40.90
N SER A 160 17.42 -61.43 -41.10
CA SER A 160 17.18 -62.83 -40.75
C SER A 160 17.11 -63.08 -39.25
N LYS A 161 17.58 -62.13 -38.45
CA LYS A 161 17.57 -62.30 -37.00
C LYS A 161 16.47 -61.46 -36.35
N ASN A 162 15.58 -60.93 -37.19
CA ASN A 162 14.46 -60.13 -36.76
C ASN A 162 14.80 -58.73 -36.26
N ARG A 163 15.95 -58.21 -36.67
CA ARG A 163 16.33 -56.87 -36.29
C ARG A 163 15.75 -55.95 -37.37
N PRO A 164 15.13 -54.83 -36.98
CA PRO A 164 14.58 -53.94 -38.00
C PRO A 164 15.71 -53.37 -38.86
N LEU A 165 15.49 -53.31 -40.17
CA LEU A 165 16.51 -52.78 -41.07
C LEU A 165 16.75 -51.32 -40.73
N ALA A 166 15.66 -50.62 -40.44
CA ALA A 166 15.74 -49.22 -40.07
C ALA A 166 16.12 -49.14 -38.60
N ASP A 167 16.65 -47.99 -38.18
CA ASP A 167 17.04 -47.80 -36.78
C ASP A 167 15.85 -47.28 -36.02
N VAL A 168 15.35 -48.10 -35.10
CA VAL A 168 14.21 -47.71 -34.29
C VAL A 168 14.78 -47.25 -32.96
N VAL A 169 14.76 -45.94 -32.73
CA VAL A 169 15.32 -45.35 -31.52
C VAL A 169 14.32 -44.69 -30.57
N ILE A 170 14.53 -44.90 -29.27
CA ILE A 170 13.70 -44.31 -28.24
C ILE A 170 14.38 -42.96 -28.04
N LEU A 171 14.13 -42.05 -28.97
CA LEU A 171 14.77 -40.73 -28.95
C LEU A 171 14.62 -39.99 -27.64
N ASN A 172 13.57 -40.30 -26.90
CA ASN A 172 13.35 -39.66 -25.62
C ASN A 172 12.38 -40.48 -24.80
N CYS A 173 12.45 -40.30 -23.48
CA CYS A 173 11.57 -41.03 -22.57
C CYS A 173 11.56 -40.36 -21.21
N GLY A 174 10.53 -40.66 -20.43
CA GLY A 174 10.39 -40.08 -19.10
C GLY A 174 9.05 -40.42 -18.52
N GLU A 175 8.68 -39.71 -17.45
CA GLU A 175 7.40 -39.94 -16.77
C GLU A 175 6.41 -38.80 -17.02
N LEU A 176 5.12 -39.13 -16.92
CA LEU A 176 4.06 -38.14 -17.12
C LEU A 176 3.41 -37.92 -15.76
N VAL A 177 3.94 -36.93 -15.03
CA VAL A 177 3.46 -36.60 -13.70
C VAL A 177 2.19 -35.74 -13.70
N DAL B 1 10.65 -69.52 -33.08
CA DAL B 1 9.26 -69.50 -32.65
CB DAL B 1 8.34 -69.78 -33.82
C DAL B 1 8.87 -68.14 -32.02
O DAL B 1 9.13 -67.09 -32.61
N MLE B 2 8.28 -68.17 -30.83
CN MLE B 2 8.23 -69.45 -30.03
CA MLE B 2 7.83 -66.92 -30.22
CB MLE B 2 6.30 -66.83 -30.33
CG MLE B 2 5.66 -67.04 -31.71
CD1 MLE B 2 4.13 -67.06 -31.56
CD2 MLE B 2 6.08 -65.95 -32.66
C MLE B 2 8.25 -66.71 -28.76
O MLE B 2 7.39 -66.68 -27.87
N MLE B 3 9.54 -66.56 -28.50
CN MLE B 3 10.55 -66.80 -29.59
CA MLE B 3 9.99 -66.32 -27.13
CB MLE B 3 10.96 -67.41 -26.68
CG MLE B 3 10.44 -68.86 -26.63
CD1 MLE B 3 11.57 -69.78 -26.18
CD2 MLE B 3 9.28 -68.95 -25.66
C MLE B 3 10.67 -64.95 -27.04
O MLE B 3 11.06 -64.37 -28.07
N MVA B 4 10.78 -64.39 -25.84
CN MVA B 4 10.14 -65.04 -24.65
CA MVA B 4 11.46 -63.11 -25.68
CB MVA B 4 10.50 -62.00 -25.21
CG1 MVA B 4 11.22 -60.64 -25.26
CG2 MVA B 4 9.25 -61.96 -26.10
C MVA B 4 12.58 -63.25 -24.66
O MVA B 4 12.40 -62.96 -23.47
N BMT B 5 13.74 -63.69 -25.12
CN BMT B 5 13.91 -63.97 -26.58
CA BMT B 5 14.86 -63.86 -24.19
C BMT B 5 16.01 -62.87 -24.39
O BMT B 5 16.08 -62.16 -25.40
CB BMT B 5 15.41 -65.31 -24.23
OG1 BMT B 5 15.99 -65.59 -25.51
CG2 BMT B 5 14.28 -66.32 -23.93
CD1 BMT B 5 13.67 -66.02 -22.57
CD2 BMT B 5 14.85 -67.74 -23.94
CE BMT B 5 16.03 -67.98 -23.00
CZ BMT B 5 16.81 -69.16 -23.07
CH BMT B 5 17.99 -69.35 -22.13
N ABA B 6 16.93 -62.87 -23.44
CA ABA B 6 18.07 -61.95 -23.48
C ABA B 6 19.41 -62.68 -23.53
O ABA B 6 20.07 -62.81 -22.50
CB ABA B 6 18.01 -61.03 -22.26
CG ABA B 6 16.63 -60.52 -21.94
N SAR B 7 19.83 -63.12 -24.71
CA SAR B 7 21.09 -63.83 -24.83
C SAR B 7 20.95 -65.07 -25.69
O SAR B 7 21.53 -65.15 -26.78
CN SAR B 7 18.96 -62.94 -25.94
N MLE B 8 20.18 -66.06 -25.23
CN MLE B 8 19.49 -65.92 -23.91
CA MLE B 8 20.00 -67.27 -26.03
CB MLE B 8 20.05 -68.51 -25.14
CG MLE B 8 19.91 -69.84 -25.90
CD1 MLE B 8 21.01 -69.93 -26.94
CD2 MLE B 8 19.97 -71.03 -24.93
C MLE B 8 18.66 -67.21 -26.72
O MLE B 8 17.64 -67.66 -26.19
N VAL B 9 18.64 -66.64 -27.92
CA VAL B 9 17.41 -66.53 -28.68
C VAL B 9 17.05 -67.86 -29.35
N MLE B 10 15.80 -68.28 -29.19
CN MLE B 10 14.84 -67.50 -28.34
CA MLE B 10 15.34 -69.53 -29.81
CB MLE B 10 14.61 -70.43 -28.79
CG MLE B 10 15.48 -70.92 -27.61
CD1 MLE B 10 14.69 -71.86 -26.73
CD2 MLE B 10 16.73 -71.61 -28.13
C MLE B 10 14.40 -69.16 -30.93
O MLE B 10 14.07 -67.99 -31.12
N ALA B 11 13.97 -70.15 -31.71
CA ALA B 11 13.04 -69.89 -32.80
C ALA B 11 11.62 -69.88 -32.25
N MET C 1 -23.91 0.31 -33.12
CA MET C 1 -22.91 1.41 -33.28
C MET C 1 -21.64 1.22 -32.46
N SER C 2 -20.68 2.11 -32.68
CA SER C 2 -19.41 2.06 -31.99
C SER C 2 -19.18 3.35 -31.23
N LYS C 3 -18.20 3.33 -30.31
CA LYS C 3 -17.85 4.49 -29.51
C LYS C 3 -17.64 5.72 -30.41
N LYS C 4 -17.17 5.49 -31.63
CA LYS C 4 -16.90 6.57 -32.57
C LYS C 4 -18.18 7.29 -33.02
N ASP C 5 -19.34 6.75 -32.64
CA ASP C 5 -20.62 7.34 -33.02
C ASP C 5 -21.22 8.26 -31.96
N ARG C 6 -20.53 8.42 -30.85
CA ARG C 6 -21.03 9.24 -29.75
C ARG C 6 -20.95 10.74 -29.91
N ARG C 7 -22.11 11.38 -29.81
CA ARG C 7 -22.26 12.83 -29.95
C ARG C 7 -21.90 13.52 -28.64
N ARG C 8 -21.63 14.82 -28.72
CA ARG C 8 -21.30 15.61 -27.53
C ARG C 8 -22.15 16.85 -27.48
N VAL C 9 -22.67 17.17 -26.30
CA VAL C 9 -23.48 18.37 -26.15
C VAL C 9 -22.94 19.21 -25.03
N PHE C 10 -23.48 20.41 -24.88
CA PHE C 10 -23.01 21.25 -23.80
C PHE C 10 -24.11 22.06 -23.19
N LEU C 11 -23.83 22.55 -21.99
CA LEU C 11 -24.74 23.40 -21.26
C LEU C 11 -23.89 24.53 -20.70
N ASP C 12 -24.19 25.77 -21.10
CA ASP C 12 -23.46 26.91 -20.55
C ASP C 12 -24.35 27.42 -19.43
N VAL C 13 -23.84 27.42 -18.20
CA VAL C 13 -24.67 27.84 -17.05
C VAL C 13 -24.26 29.14 -16.34
N THR C 14 -25.26 29.87 -15.82
CA THR C 14 -25.05 31.10 -15.05
C THR C 14 -25.83 30.94 -13.75
N ILE C 15 -25.30 31.53 -12.68
CA ILE C 15 -25.90 31.48 -11.36
C ILE C 15 -26.13 32.95 -11.03
N ASP C 16 -27.39 33.35 -10.89
CA ASP C 16 -27.69 34.75 -10.61
C ASP C 16 -27.00 35.62 -11.66
N GLY C 17 -27.08 35.19 -12.91
CA GLY C 17 -26.48 35.95 -14.00
C GLY C 17 -24.98 35.79 -14.19
N ASN C 18 -24.26 35.32 -13.18
CA ASN C 18 -22.81 35.17 -13.33
C ASN C 18 -22.47 33.84 -14.02
N LEU C 19 -21.61 33.91 -15.03
CA LEU C 19 -21.21 32.71 -15.77
C LEU C 19 -20.48 31.72 -14.88
N ALA C 20 -21.01 30.49 -14.81
CA ALA C 20 -20.41 29.44 -14.00
C ALA C 20 -19.46 28.57 -14.84
N GLY C 21 -19.69 28.52 -16.14
CA GLY C 21 -18.86 27.71 -17.03
C GLY C 21 -19.66 26.77 -17.92
N ARG C 22 -18.96 25.91 -18.64
CA ARG C 22 -19.62 25.00 -19.55
C ARG C 22 -19.45 23.52 -19.22
N ILE C 23 -20.57 22.79 -19.24
CA ILE C 23 -20.56 21.36 -18.97
C ILE C 23 -20.65 20.66 -20.32
N VAL C 24 -19.73 19.75 -20.60
CA VAL C 24 -19.79 19.01 -21.86
C VAL C 24 -20.04 17.54 -21.55
N MET C 25 -21.01 16.95 -22.24
CA MET C 25 -21.32 15.55 -21.99
C MET C 25 -21.23 14.71 -23.26
N GLU C 26 -20.79 13.46 -23.09
CA GLU C 26 -20.72 12.54 -24.21
C GLU C 26 -21.93 11.65 -24.09
N LEU C 27 -22.72 11.58 -25.15
CA LEU C 27 -23.93 10.76 -25.15
C LEU C 27 -23.69 9.38 -25.75
N TYR C 28 -24.22 8.36 -25.07
CA TYR C 28 -24.08 6.99 -25.53
C TYR C 28 -25.14 6.61 -26.57
N ASN C 29 -25.00 7.15 -27.77
CA ASN C 29 -25.94 6.89 -28.86
C ASN C 29 -26.02 5.41 -29.22
N ASP C 30 -24.88 4.74 -29.12
CA ASP C 30 -24.79 3.33 -29.45
C ASP C 30 -25.47 2.44 -28.41
N ILE C 31 -25.76 2.99 -27.24
CA ILE C 31 -26.38 2.21 -26.17
C ILE C 31 -27.81 2.59 -25.81
N ALA C 32 -28.13 3.88 -25.88
CA ALA C 32 -29.47 4.36 -25.57
C ALA C 32 -29.87 5.40 -26.60
N PRO C 33 -29.85 5.01 -27.89
CA PRO C 33 -30.20 5.90 -28.99
C PRO C 33 -31.37 6.85 -28.80
N ARG C 34 -32.55 6.33 -28.47
CA ARG C 34 -33.70 7.21 -28.33
C ARG C 34 -33.49 8.29 -27.28
N THR C 35 -33.04 7.88 -26.10
CA THR C 35 -32.80 8.80 -25.00
C THR C 35 -31.76 9.85 -25.39
N CYS C 36 -30.67 9.41 -26.01
CA CYS C 36 -29.62 10.33 -26.43
C CYS C 36 -30.14 11.37 -27.41
N ASN C 37 -30.75 10.88 -28.49
CA ASN C 37 -31.29 11.75 -29.53
C ASN C 37 -32.24 12.77 -28.89
N ASN C 38 -33.08 12.31 -27.98
CA ASN C 38 -34.00 13.21 -27.30
C ASN C 38 -33.20 14.34 -26.65
N PHE C 39 -32.21 13.96 -25.83
CA PHE C 39 -31.39 14.92 -25.11
C PHE C 39 -30.60 15.87 -26.00
N LEU C 40 -30.00 15.34 -27.07
CA LEU C 40 -29.23 16.18 -27.98
C LEU C 40 -30.18 17.16 -28.68
N MET C 41 -31.35 16.68 -29.10
CA MET C 41 -32.32 17.55 -29.77
C MET C 41 -32.91 18.62 -28.85
N LEU C 42 -32.94 18.35 -27.54
CA LEU C 42 -33.47 19.33 -26.60
C LEU C 42 -32.40 20.39 -26.33
N CYS C 43 -31.14 20.06 -26.63
CA CYS C 43 -30.03 20.98 -26.45
C CYS C 43 -29.93 21.93 -27.64
N THR C 44 -30.37 21.47 -28.81
CA THR C 44 -30.31 22.28 -30.04
C THR C 44 -31.62 22.99 -30.35
N GLY C 45 -32.73 22.43 -29.89
CA GLY C 45 -34.02 23.05 -30.13
C GLY C 45 -34.60 22.79 -31.52
N MET C 46 -33.90 21.97 -32.31
CA MET C 46 -34.33 21.67 -33.67
C MET C 46 -35.60 20.80 -33.84
N ALA C 47 -36.20 20.35 -32.74
CA ALA C 47 -37.40 19.52 -32.84
C ALA C 47 -38.69 20.34 -32.88
N GLY C 48 -38.54 21.66 -32.77
CA GLY C 48 -39.69 22.53 -32.83
C GLY C 48 -40.47 22.78 -31.55
N THR C 49 -41.77 22.51 -31.63
CA THR C 49 -42.68 22.71 -30.52
C THR C 49 -43.26 21.41 -29.94
N GLY C 50 -43.56 21.44 -28.64
CA GLY C 50 -44.10 20.27 -27.97
C GLY C 50 -45.53 19.93 -28.32
N LYS C 51 -45.79 18.64 -28.51
CA LYS C 51 -47.13 18.17 -28.87
C LYS C 51 -48.20 18.48 -27.83
N ILE C 52 -47.84 18.40 -26.56
CA ILE C 52 -48.79 18.61 -25.47
C ILE C 52 -48.72 19.97 -24.77
N SER C 53 -47.54 20.60 -24.78
CA SER C 53 -47.35 21.89 -24.11
C SER C 53 -47.23 23.03 -25.11
N GLY C 54 -46.98 22.69 -26.37
CA GLY C 54 -46.86 23.69 -27.41
C GLY C 54 -45.71 24.63 -27.18
N LYS C 55 -44.84 24.29 -26.24
CA LYS C 55 -43.71 25.14 -25.95
C LYS C 55 -42.45 24.65 -26.65
N PRO C 56 -41.44 25.53 -26.79
CA PRO C 56 -40.21 25.15 -27.46
C PRO C 56 -39.50 23.99 -26.76
N LEU C 57 -39.21 22.93 -27.51
CA LEU C 57 -38.50 21.76 -26.97
C LEU C 57 -37.02 22.20 -26.94
N HIS C 58 -36.67 22.99 -25.94
CA HIS C 58 -35.32 23.54 -25.85
C HIS C 58 -34.96 23.83 -24.40
N TYR C 59 -33.83 23.27 -23.96
CA TYR C 59 -33.36 23.48 -22.59
C TYR C 59 -32.88 24.92 -22.41
N LYS C 60 -32.51 25.55 -23.52
CA LYS C 60 -32.03 26.92 -23.48
C LYS C 60 -33.01 27.81 -22.72
N GLY C 61 -32.55 28.37 -21.60
CA GLY C 61 -33.41 29.23 -20.81
C GLY C 61 -34.04 28.53 -19.61
N SER C 62 -33.97 27.20 -19.57
CA SER C 62 -34.55 26.47 -18.44
C SER C 62 -33.57 26.46 -17.28
N THR C 63 -33.99 25.95 -16.12
CA THR C 63 -33.14 25.95 -14.95
C THR C 63 -32.93 24.60 -14.29
N PHE C 64 -32.10 24.61 -13.24
CA PHE C 64 -31.82 23.45 -12.41
C PHE C 64 -32.64 23.79 -11.16
N HIS C 65 -33.81 23.17 -11.04
CA HIS C 65 -34.72 23.46 -9.94
C HIS C 65 -34.56 22.64 -8.67
N ARG C 66 -33.69 21.64 -8.69
CA ARG C 66 -33.51 20.81 -7.51
C ARG C 66 -32.11 20.24 -7.41
N VAL C 67 -31.40 20.63 -6.37
CA VAL C 67 -30.05 20.15 -6.13
C VAL C 67 -30.03 19.54 -4.74
N ILE C 68 -29.21 18.51 -4.56
CA ILE C 68 -29.09 17.85 -3.27
C ILE C 68 -27.63 17.53 -3.00
N LYS C 69 -27.04 18.21 -2.02
CA LYS C 69 -25.65 17.99 -1.68
C LYS C 69 -25.26 16.51 -1.60
N ASN C 70 -24.13 16.18 -2.23
CA ASN C 70 -23.61 14.82 -2.28
C ASN C 70 -24.44 13.91 -3.17
N PHE C 71 -25.45 14.44 -3.85
CA PHE C 71 -26.26 13.56 -4.70
C PHE C 71 -26.33 13.94 -6.18
N MET C 72 -27.07 15.00 -6.52
CA MET C 72 -27.17 15.39 -7.92
C MET C 72 -27.84 16.74 -8.17
N ILE C 73 -27.87 17.14 -9.43
CA ILE C 73 -28.54 18.38 -9.81
C ILE C 73 -29.56 17.98 -10.87
N GLN C 74 -30.79 18.44 -10.68
CA GLN C 74 -31.90 18.11 -11.57
C GLN C 74 -32.37 19.30 -12.40
N GLY C 75 -32.70 19.03 -13.67
CA GLY C 75 -33.18 20.07 -14.55
C GLY C 75 -33.92 19.55 -15.77
N GLY C 76 -34.13 20.42 -16.75
CA GLY C 76 -34.82 20.00 -17.96
C GLY C 76 -36.31 20.26 -18.01
N ASP C 77 -36.89 20.86 -16.98
CA ASP C 77 -38.32 21.13 -17.00
C ASP C 77 -38.57 22.51 -17.59
N PHE C 78 -38.59 22.58 -18.92
CA PHE C 78 -38.80 23.83 -19.63
C PHE C 78 -40.26 24.21 -19.82
N THR C 79 -41.19 23.42 -19.28
CA THR C 79 -42.61 23.76 -19.40
C THR C 79 -43.13 24.36 -18.11
N LYS C 80 -42.92 23.67 -17.00
CA LYS C 80 -43.41 24.16 -15.70
C LYS C 80 -42.31 24.75 -14.82
N GLY C 81 -41.07 24.32 -15.04
CA GLY C 81 -39.94 24.83 -14.28
C GLY C 81 -39.89 24.51 -12.80
N ASP C 82 -40.70 23.57 -12.33
CA ASP C 82 -40.71 23.21 -10.90
C ASP C 82 -40.64 21.71 -10.63
N GLY C 83 -40.39 20.92 -11.67
CA GLY C 83 -40.29 19.48 -11.49
C GLY C 83 -41.49 18.67 -11.94
N THR C 84 -42.60 19.36 -12.24
CA THR C 84 -43.83 18.69 -12.67
C THR C 84 -44.04 18.72 -14.18
N GLY C 85 -43.24 19.50 -14.90
CA GLY C 85 -43.41 19.61 -16.34
C GLY C 85 -42.38 18.90 -17.19
N GLY C 86 -42.20 19.39 -18.41
CA GLY C 86 -41.23 18.80 -19.33
C GLY C 86 -41.92 17.96 -20.39
N GLU C 87 -41.27 17.78 -21.53
CA GLU C 87 -41.85 16.98 -22.60
C GLU C 87 -40.74 16.51 -23.54
N SER C 88 -40.91 15.31 -24.12
CA SER C 88 -39.91 14.75 -25.02
C SER C 88 -40.13 15.24 -26.45
N ILE C 89 -39.11 15.08 -27.31
CA ILE C 89 -39.22 15.49 -28.71
C ILE C 89 -40.19 14.57 -29.46
N TYR C 90 -40.52 13.43 -28.86
CA TYR C 90 -41.44 12.47 -29.48
C TYR C 90 -42.88 12.75 -29.08
N GLY C 91 -43.11 13.88 -28.42
CA GLY C 91 -44.46 14.17 -27.98
C GLY C 91 -44.78 13.35 -26.74
N GLY C 92 -45.19 14.04 -25.69
CA GLY C 92 -45.50 13.34 -24.45
C GLY C 92 -44.25 12.72 -23.89
N MET C 93 -44.36 11.49 -23.40
CA MET C 93 -43.22 10.80 -22.83
C MET C 93 -42.89 9.54 -23.61
N PHE C 94 -41.69 9.01 -23.41
CA PHE C 94 -41.30 7.78 -24.10
C PHE C 94 -40.84 6.72 -23.10
N ASP C 95 -40.89 5.46 -23.53
CA ASP C 95 -40.49 4.34 -22.69
C ASP C 95 -39.04 4.39 -22.22
N ASP C 96 -38.71 3.40 -21.41
CA ASP C 96 -37.36 3.27 -20.88
C ASP C 96 -36.65 2.30 -21.80
N GLU C 97 -35.50 2.69 -22.32
CA GLU C 97 -34.75 1.79 -23.17
C GLU C 97 -34.15 0.79 -22.19
N GLU C 98 -33.37 -0.17 -22.67
CA GLU C 98 -32.76 -1.16 -21.79
C GLU C 98 -31.83 -0.41 -20.81
N PHE C 99 -31.82 -0.84 -19.55
CA PHE C 99 -30.99 -0.22 -18.52
C PHE C 99 -29.54 -0.72 -18.57
N VAL C 100 -28.86 -0.46 -19.67
CA VAL C 100 -27.47 -0.89 -19.83
C VAL C 100 -26.49 -0.14 -18.93
N MET C 101 -26.51 1.19 -18.98
CA MET C 101 -25.61 2.02 -18.15
C MET C 101 -26.09 2.15 -16.72
N LYS C 102 -25.14 2.12 -15.78
CA LYS C 102 -25.47 2.21 -14.36
C LYS C 102 -24.92 3.49 -13.74
N HIS C 103 -25.41 3.82 -12.55
CA HIS C 103 -24.95 5.00 -11.82
C HIS C 103 -23.78 4.59 -10.93
N ASP C 104 -22.97 3.65 -11.41
CA ASP C 104 -21.84 3.15 -10.64
C ASP C 104 -20.71 4.15 -10.48
N GLU C 105 -20.62 5.11 -11.39
CA GLU C 105 -19.59 6.13 -11.27
C GLU C 105 -20.27 7.49 -11.23
N PRO C 106 -19.59 8.51 -10.70
CA PRO C 106 -20.18 9.84 -10.61
C PRO C 106 -20.18 10.60 -11.93
N PHE C 107 -21.06 11.58 -12.04
CA PHE C 107 -21.17 12.43 -13.23
C PHE C 107 -21.76 11.80 -14.48
N VAL C 108 -22.72 10.91 -14.29
CA VAL C 108 -23.39 10.28 -15.42
C VAL C 108 -24.65 11.11 -15.61
N VAL C 109 -25.14 11.22 -16.83
CA VAL C 109 -26.36 11.98 -17.09
C VAL C 109 -27.45 10.92 -17.11
N SER C 110 -28.57 11.20 -16.45
CA SER C 110 -29.62 10.20 -16.37
C SER C 110 -31.00 10.83 -16.49
N MET C 111 -32.00 10.01 -16.84
CA MET C 111 -33.35 10.53 -16.97
C MET C 111 -34.09 10.47 -15.66
N ALA C 112 -34.70 11.59 -15.29
CA ALA C 112 -35.50 11.65 -14.10
C ALA C 112 -36.87 11.25 -14.66
N ASN C 113 -37.67 10.56 -13.86
CA ASN C 113 -39.00 10.17 -14.30
C ASN C 113 -39.94 10.16 -13.10
N LYS C 114 -41.08 9.48 -13.23
CA LYS C 114 -42.04 9.38 -12.13
C LYS C 114 -42.71 8.02 -12.23
N GLY C 115 -41.89 6.99 -12.41
CA GLY C 115 -42.38 5.65 -12.51
C GLY C 115 -41.98 5.04 -13.84
N PRO C 116 -42.47 3.84 -14.14
CA PRO C 116 -42.15 3.13 -15.39
C PRO C 116 -42.63 3.88 -16.64
N ASN C 117 -41.76 3.90 -17.65
CA ASN C 117 -42.02 4.55 -18.94
C ASN C 117 -42.53 5.99 -18.93
N THR C 118 -41.90 6.87 -18.14
CA THR C 118 -42.35 8.26 -18.08
C THR C 118 -41.28 9.30 -18.40
N ASN C 119 -40.30 8.93 -19.21
CA ASN C 119 -39.24 9.87 -19.59
C ASN C 119 -39.82 11.06 -20.35
N GLY C 120 -39.40 12.27 -19.99
CA GLY C 120 -39.91 13.46 -20.67
C GLY C 120 -38.73 14.30 -21.11
N SER C 121 -38.43 15.36 -20.37
CA SER C 121 -37.28 16.19 -20.69
C SER C 121 -36.41 16.40 -19.45
N GLN C 122 -36.97 16.17 -18.27
CA GLN C 122 -36.21 16.34 -17.04
C GLN C 122 -35.10 15.30 -16.91
N PHE C 123 -33.94 15.75 -16.46
CA PHE C 123 -32.77 14.90 -16.33
C PHE C 123 -31.96 15.32 -15.11
N PHE C 124 -30.87 14.60 -14.86
CA PHE C 124 -30.00 14.94 -13.75
C PHE C 124 -28.60 14.44 -13.99
N ILE C 125 -27.64 15.07 -13.31
CA ILE C 125 -26.24 14.71 -13.41
C ILE C 125 -25.81 14.40 -11.97
N THR C 126 -25.25 13.22 -11.75
CA THR C 126 -24.81 12.82 -10.42
C THR C 126 -23.39 13.34 -10.13
N THR C 127 -23.00 13.32 -8.86
CA THR C 127 -21.66 13.74 -8.46
C THR C 127 -21.02 12.64 -7.61
N THR C 128 -21.79 11.58 -7.38
CA THR C 128 -21.33 10.44 -6.62
C THR C 128 -22.15 9.27 -7.11
N PRO C 129 -21.65 8.05 -6.87
CA PRO C 129 -22.37 6.84 -7.30
C PRO C 129 -23.77 6.85 -6.71
N ALA C 130 -24.74 6.34 -7.47
CA ALA C 130 -26.12 6.29 -6.99
C ALA C 130 -26.73 4.99 -7.49
N PRO C 131 -26.11 3.86 -7.14
CA PRO C 131 -26.58 2.55 -7.57
C PRO C 131 -28.03 2.25 -7.23
N HIS C 132 -28.57 2.86 -6.18
CA HIS C 132 -29.96 2.59 -5.84
C HIS C 132 -30.93 3.06 -6.92
N LEU C 133 -30.38 3.66 -7.98
CA LEU C 133 -31.21 4.17 -9.08
C LEU C 133 -31.07 3.38 -10.38
N ASN C 134 -30.25 2.34 -10.36
CA ASN C 134 -30.08 1.51 -11.55
C ASN C 134 -31.39 0.77 -11.78
N ASN C 135 -31.74 0.58 -13.05
CA ASN C 135 -32.95 -0.14 -13.41
C ASN C 135 -34.27 0.60 -13.18
N ILE C 136 -34.19 1.92 -13.01
CA ILE C 136 -35.38 2.74 -12.83
C ILE C 136 -35.15 4.10 -13.47
N HIS C 137 -33.90 4.36 -13.82
CA HIS C 137 -33.54 5.61 -14.47
C HIS C 137 -32.51 5.28 -15.54
N VAL C 138 -32.84 5.63 -16.78
CA VAL C 138 -31.96 5.36 -17.90
C VAL C 138 -30.75 6.27 -17.95
N VAL C 139 -29.57 5.70 -17.76
CA VAL C 139 -28.33 6.47 -17.82
C VAL C 139 -27.95 6.53 -19.30
N PHE C 140 -27.61 7.72 -19.80
CA PHE C 140 -27.32 7.86 -21.22
C PHE C 140 -26.14 8.74 -21.60
N GLY C 141 -25.47 9.30 -20.61
CA GLY C 141 -24.34 10.16 -20.92
C GLY C 141 -23.36 10.30 -19.77
N LYS C 142 -22.25 10.94 -20.05
CA LYS C 142 -21.22 11.15 -19.05
C LYS C 142 -20.57 12.49 -19.27
N VAL C 143 -20.37 13.24 -18.20
CA VAL C 143 -19.73 14.54 -18.32
C VAL C 143 -18.26 14.26 -18.64
N VAL C 144 -17.73 14.92 -19.66
CA VAL C 144 -16.33 14.69 -20.02
C VAL C 144 -15.48 15.90 -19.63
N SER C 145 -16.14 17.05 -19.44
CA SER C 145 -15.45 18.26 -19.00
C SER C 145 -16.46 19.22 -18.35
N GLY C 146 -15.97 20.03 -17.41
CA GLY C 146 -16.84 20.96 -16.70
C GLY C 146 -17.46 20.30 -15.48
N GLN C 147 -16.82 19.25 -14.95
CA GLN C 147 -17.34 18.56 -13.77
C GLN C 147 -17.50 19.56 -12.63
N GLU C 148 -16.57 20.50 -12.54
CA GLU C 148 -16.58 21.52 -11.50
C GLU C 148 -17.83 22.41 -11.55
N VAL C 149 -18.39 22.61 -12.73
CA VAL C 149 -19.59 23.45 -12.83
C VAL C 149 -20.75 22.73 -12.15
N VAL C 150 -20.85 21.42 -12.37
CA VAL C 150 -21.90 20.62 -11.75
C VAL C 150 -21.77 20.69 -10.24
N THR C 151 -20.54 20.50 -9.75
CA THR C 151 -20.27 20.55 -8.32
C THR C 151 -20.64 21.90 -7.75
N LYS C 152 -20.26 22.99 -8.44
CA LYS C 152 -20.57 24.31 -7.92
C LYS C 152 -22.08 24.54 -7.82
N ILE C 153 -22.82 23.94 -8.74
CA ILE C 153 -24.26 24.08 -8.73
C ILE C 153 -24.87 23.33 -7.56
N GLU C 154 -24.49 22.08 -7.40
CA GLU C 154 -25.01 21.24 -6.34
C GLU C 154 -24.86 21.75 -4.92
N TYR C 155 -23.82 22.53 -4.64
CA TYR C 155 -23.60 23.00 -3.29
C TYR C 155 -24.07 24.42 -3.01
N LEU C 156 -25.07 24.86 -3.78
CA LEU C 156 -25.64 26.19 -3.61
C LEU C 156 -26.71 26.19 -2.52
N LYS C 157 -26.88 27.33 -1.86
CA LYS C 157 -27.86 27.45 -0.81
C LYS C 157 -29.23 27.21 -1.44
N THR C 158 -30.06 26.42 -0.78
CA THR C 158 -31.39 26.11 -1.32
C THR C 158 -32.50 26.41 -0.32
N ASN C 159 -33.74 26.40 -0.79
CA ASN C 159 -34.88 26.66 0.08
C ASN C 159 -35.31 25.33 0.67
N SER C 160 -36.45 25.32 1.35
CA SER C 160 -36.95 24.10 2.01
C SER C 160 -37.20 22.94 1.06
N LYS C 161 -37.54 23.22 -0.18
CA LYS C 161 -37.80 22.14 -1.13
C LYS C 161 -36.65 21.91 -2.11
N ASN C 162 -35.44 22.19 -1.64
CA ASN C 162 -34.22 22.01 -2.41
C ASN C 162 -34.03 22.81 -3.71
N ARG C 163 -34.78 23.89 -3.87
CA ARG C 163 -34.61 24.72 -5.07
C ARG C 163 -33.54 25.75 -4.74
N PRO C 164 -32.56 25.95 -5.64
CA PRO C 164 -31.50 26.93 -5.39
C PRO C 164 -32.07 28.34 -5.18
N LEU C 165 -31.58 29.05 -4.18
CA LEU C 165 -32.05 30.41 -3.93
C LEU C 165 -31.61 31.30 -5.10
N ALA C 166 -30.47 30.94 -5.70
CA ALA C 166 -29.95 31.68 -6.84
C ALA C 166 -30.59 31.07 -8.07
N ASP C 167 -30.56 31.78 -9.20
CA ASP C 167 -31.15 31.23 -10.41
C ASP C 167 -30.09 30.60 -11.30
N VAL C 168 -30.10 29.28 -11.34
CA VAL C 168 -29.16 28.52 -12.16
C VAL C 168 -29.86 28.37 -13.50
N VAL C 169 -29.36 29.12 -14.48
CA VAL C 169 -29.94 29.13 -15.81
C VAL C 169 -29.07 28.59 -16.92
N ILE C 170 -29.66 27.80 -17.79
CA ILE C 170 -28.93 27.28 -18.94
C ILE C 170 -28.89 28.47 -19.91
N LEU C 171 -27.80 29.22 -19.88
CA LEU C 171 -27.65 30.39 -20.74
C LEU C 171 -27.68 30.02 -22.21
N ASN C 172 -27.00 28.93 -22.55
CA ASN C 172 -26.98 28.47 -23.93
C ASN C 172 -26.76 26.97 -23.93
N CYS C 173 -26.95 26.34 -25.08
CA CYS C 173 -26.76 24.89 -25.18
C CYS C 173 -26.82 24.43 -26.63
N GLY C 174 -26.15 23.32 -26.92
CA GLY C 174 -26.15 22.78 -28.27
C GLY C 174 -25.27 21.55 -28.41
N GLU C 175 -24.77 21.32 -29.61
CA GLU C 175 -23.94 20.17 -29.89
C GLU C 175 -22.53 20.58 -30.33
N LEU C 176 -21.53 19.81 -29.89
CA LEU C 176 -20.16 20.09 -30.28
C LEU C 176 -19.84 19.13 -31.41
N VAL C 177 -20.00 19.62 -32.62
CA VAL C 177 -19.76 18.82 -33.83
C VAL C 177 -18.27 18.69 -34.14
N DAL D 1 -35.25 11.74 0.84
CA DAL D 1 -34.07 10.90 0.68
CB DAL D 1 -33.14 11.13 1.85
C DAL D 1 -33.32 11.18 -0.64
O DAL D 1 -33.04 12.33 -0.97
N MLE D 2 -33.01 10.12 -1.39
CN MLE D 2 -33.53 8.75 -1.04
CA MLE D 2 -32.25 10.32 -2.62
CB MLE D 2 -30.88 9.67 -2.47
CG MLE D 2 -30.11 10.12 -1.23
CD1 MLE D 2 -28.80 9.34 -1.13
CD2 MLE D 2 -29.82 11.62 -1.32
C MLE D 2 -32.91 9.80 -3.91
O MLE D 2 -32.37 8.89 -4.52
N MLE D 3 -34.05 10.35 -4.31
CN MLE D 3 -34.84 11.23 -3.37
CA MLE D 3 -34.66 9.94 -5.57
CB MLE D 3 -36.10 9.47 -5.34
CG MLE D 3 -36.38 8.25 -4.44
CD1 MLE D 3 -37.88 7.98 -4.42
CD2 MLE D 3 -35.63 7.06 -4.97
C MLE D 3 -34.66 11.14 -6.55
O MLE D 3 -34.37 12.28 -6.15
N MVA D 4 -34.96 10.88 -7.82
CN MVA D 4 -35.04 9.47 -8.33
CA MVA D 4 -35.05 11.98 -8.78
CB MVA D 4 -33.89 11.97 -9.79
CG1 MVA D 4 -33.93 13.27 -10.63
CG2 MVA D 4 -32.56 11.84 -9.06
C MVA D 4 -36.35 11.82 -9.54
O MVA D 4 -36.36 11.29 -10.65
N BMT D 5 -37.46 12.27 -8.96
CN BMT D 5 -37.39 12.94 -7.62
CA BMT D 5 -38.72 12.12 -9.65
C BMT D 5 -39.27 13.44 -10.18
O BMT D 5 -38.87 14.52 -9.77
CB BMT D 5 -39.76 11.42 -8.76
OG1 BMT D 5 -40.10 12.25 -7.63
CG2 BMT D 5 -39.19 10.09 -8.26
CD1 BMT D 5 -39.02 9.12 -9.41
CD2 BMT D 5 -40.09 9.48 -7.18
CE BMT D 5 -41.60 9.37 -7.47
CZ BMT D 5 -42.12 8.39 -8.35
CH BMT D 5 -43.63 8.30 -8.58
N ABA D 6 -40.21 13.32 -11.13
CA ABA D 6 -40.81 14.48 -11.78
C ABA D 6 -42.30 14.60 -11.47
O ABA D 6 -43.13 14.17 -12.26
CB ABA D 6 -40.60 14.39 -13.29
CG ABA D 6 -39.15 14.14 -13.70
N SAR D 7 -42.63 15.20 -10.33
CA SAR D 7 -44.03 15.35 -9.99
C SAR D 7 -44.29 15.12 -8.51
O SAR D 7 -44.58 16.07 -7.78
CN SAR D 7 -41.58 15.57 -9.33
N MLE D 8 -44.20 13.86 -8.04
CN MLE D 8 -43.75 12.75 -8.95
CA MLE D 8 -44.42 13.58 -6.64
CB MLE D 8 -45.34 12.37 -6.45
CG MLE D 8 -45.37 11.90 -4.99
CD1 MLE D 8 -45.79 13.05 -4.10
CD2 MLE D 8 -46.33 10.71 -4.84
C MLE D 8 -43.06 13.30 -6.00
O MLE D 8 -42.58 12.17 -6.02
N VAL D 9 -42.47 14.33 -5.43
CA VAL D 9 -41.15 14.19 -4.81
C VAL D 9 -41.20 13.43 -3.48
N MLE D 10 -40.22 12.57 -3.25
CN MLE D 10 -39.29 12.19 -4.36
CA MLE D 10 -40.16 11.84 -2.00
CB MLE D 10 -40.25 10.33 -2.26
CG MLE D 10 -41.51 9.90 -3.02
CD1 MLE D 10 -41.53 8.40 -3.21
CD2 MLE D 10 -42.74 10.37 -2.28
C MLE D 10 -38.85 12.20 -1.29
O MLE D 10 -37.92 12.72 -1.91
N ALA D 11 -38.80 11.95 0.01
CA ALA D 11 -37.62 12.26 0.80
C ALA D 11 -36.47 11.29 0.57
N LYS E 4 -19.51 24.05 16.93
CA LYS E 4 -19.58 25.04 18.05
C LYS E 4 -18.30 25.90 18.08
N ASP E 5 -17.21 25.28 18.53
CA ASP E 5 -15.91 25.94 18.63
C ASP E 5 -14.99 25.57 17.46
N ARG E 6 -15.54 24.90 16.44
CA ARG E 6 -14.74 24.46 15.30
C ARG E 6 -13.99 25.54 14.55
N ARG E 7 -12.78 25.20 14.12
CA ARG E 7 -11.92 26.13 13.41
C ARG E 7 -12.05 25.94 11.91
N ARG E 8 -11.94 27.02 11.16
CA ARG E 8 -12.03 26.96 9.70
C ARG E 8 -10.78 27.50 9.05
N VAL E 9 -10.26 26.72 8.11
CA VAL E 9 -9.06 27.09 7.38
C VAL E 9 -9.31 27.15 5.87
N PHE E 10 -8.38 27.73 5.14
CA PHE E 10 -8.56 27.82 3.69
C PHE E 10 -7.29 27.56 2.90
N LEU E 11 -7.51 27.22 1.64
CA LEU E 11 -6.43 26.95 0.70
C LEU E 11 -6.79 27.68 -0.58
N ASP E 12 -5.96 28.64 -1.00
CA ASP E 12 -6.21 29.35 -2.26
C ASP E 12 -5.32 28.63 -3.26
N VAL E 13 -5.94 28.17 -4.34
CA VAL E 13 -5.23 27.39 -5.34
C VAL E 13 -5.07 27.96 -6.74
N THR E 14 -3.95 27.64 -7.38
CA THR E 14 -3.73 28.04 -8.75
C THR E 14 -3.38 26.78 -9.52
N ILE E 15 -3.70 26.78 -10.81
CA ILE E 15 -3.42 25.67 -11.70
C ILE E 15 -2.65 26.32 -12.84
N ASP E 16 -1.34 26.07 -12.88
CA ASP E 16 -0.45 26.67 -13.88
C ASP E 16 -0.43 28.18 -13.74
N GLY E 17 -0.49 28.67 -12.51
CA GLY E 17 -0.47 30.11 -12.29
C GLY E 17 -1.82 30.80 -12.32
N ASN E 18 -2.82 30.15 -12.91
CA ASN E 18 -4.18 30.72 -12.98
C ASN E 18 -4.98 30.35 -11.72
N LEU E 19 -5.55 31.36 -11.07
CA LEU E 19 -6.33 31.14 -9.86
C LEU E 19 -7.42 30.09 -10.07
N ALA E 20 -7.48 29.11 -9.18
CA ALA E 20 -8.47 28.05 -9.27
C ALA E 20 -9.64 28.31 -8.31
N GLY E 21 -9.39 29.13 -7.30
CA GLY E 21 -10.43 29.43 -6.33
C GLY E 21 -9.99 29.08 -4.94
N ARG E 22 -10.90 29.14 -3.97
CA ARG E 22 -10.59 28.82 -2.58
C ARG E 22 -11.38 27.67 -1.98
N ILE E 23 -10.67 26.81 -1.26
CA ILE E 23 -11.28 25.67 -0.58
C ILE E 23 -11.35 26.02 0.91
N VAL E 24 -12.55 25.96 1.49
CA VAL E 24 -12.73 26.25 2.89
C VAL E 24 -13.10 24.97 3.64
N MET E 25 -12.39 24.71 4.73
CA MET E 25 -12.63 23.51 5.49
C MET E 25 -12.88 23.77 6.96
N GLU E 26 -13.87 23.06 7.49
CA GLU E 26 -14.20 23.15 8.90
C GLU E 26 -13.53 21.94 9.52
N LEU E 27 -12.70 22.17 10.52
CA LEU E 27 -11.96 21.10 11.18
C LEU E 27 -12.71 20.59 12.41
N TYR E 28 -12.89 19.28 12.52
CA TYR E 28 -13.58 18.72 13.69
C TYR E 28 -12.61 18.59 14.86
N ASN E 29 -12.11 19.70 15.40
CA ASN E 29 -11.16 19.57 16.50
C ASN E 29 -11.78 19.04 17.79
N ASP E 30 -13.10 19.10 17.89
CA ASP E 30 -13.76 18.59 19.07
C ASP E 30 -13.74 17.07 19.03
N ILE E 31 -13.29 16.51 17.91
CA ILE E 31 -13.24 15.07 17.71
C ILE E 31 -11.85 14.50 17.39
N ALA E 32 -11.02 15.30 16.73
CA ALA E 32 -9.66 14.90 16.37
C ALA E 32 -8.76 16.13 16.60
N PRO E 33 -8.69 16.58 17.86
CA PRO E 33 -7.90 17.74 18.30
C PRO E 33 -6.47 17.82 17.83
N ARG E 34 -5.70 16.76 18.02
CA ARG E 34 -4.29 16.80 17.60
C ARG E 34 -4.12 16.87 16.08
N THR E 35 -4.96 16.16 15.35
CA THR E 35 -4.87 16.15 13.90
C THR E 35 -5.27 17.51 13.35
N CYS E 36 -6.36 18.07 13.89
CA CYS E 36 -6.85 19.36 13.45
C CYS E 36 -5.89 20.50 13.76
N ASN E 37 -5.25 20.42 14.92
CA ASN E 37 -4.32 21.46 15.30
C ASN E 37 -3.08 21.41 14.40
N ASN E 38 -2.69 20.21 14.02
CA ASN E 38 -1.53 20.05 13.15
C ASN E 38 -1.84 20.66 11.78
N PHE E 39 -3.00 20.35 11.23
CA PHE E 39 -3.40 20.87 9.94
C PHE E 39 -3.53 22.40 9.97
N LEU E 40 -4.23 22.89 11.00
CA LEU E 40 -4.46 24.32 11.19
C LEU E 40 -3.13 25.05 11.15
N MET E 41 -2.19 24.61 11.99
CA MET E 41 -0.86 25.22 12.06
C MET E 41 -0.11 25.16 10.75
N LEU E 42 -0.32 24.11 9.97
CA LEU E 42 0.37 24.00 8.69
C LEU E 42 -0.19 25.01 7.70
N CYS E 43 -1.46 25.39 7.88
CA CYS E 43 -2.09 26.37 7.02
C CYS E 43 -1.60 27.78 7.37
N THR E 44 -1.34 28.04 8.65
CA THR E 44 -0.87 29.38 9.04
C THR E 44 0.65 29.47 9.08
N GLY E 45 1.33 28.33 9.16
CA GLY E 45 2.78 28.35 9.19
C GLY E 45 3.32 29.04 10.44
N MET E 46 2.53 29.04 11.51
CA MET E 46 2.92 29.67 12.77
C MET E 46 3.75 28.79 13.68
N ALA E 47 4.17 27.61 13.20
CA ALA E 47 4.96 26.71 14.04
C ALA E 47 6.45 26.78 13.71
N GLY E 48 6.83 27.65 12.78
CA GLY E 48 8.22 27.80 12.40
C GLY E 48 8.68 26.75 11.40
N THR E 49 9.78 26.07 11.72
CA THR E 49 10.35 25.05 10.86
C THR E 49 10.37 23.69 11.53
N GLY E 50 10.39 22.63 10.72
CA GLY E 50 10.43 21.28 11.23
C GLY E 50 11.77 20.87 11.80
N LYS E 51 11.73 20.16 12.92
CA LYS E 51 12.94 19.70 13.59
C LYS E 51 13.80 18.79 12.70
N ILE E 52 13.14 17.97 11.88
CA ILE E 52 13.83 17.04 10.98
C ILE E 52 14.12 17.58 9.58
N SER E 53 13.16 18.27 8.97
CA SER E 53 13.36 18.79 7.63
C SER E 53 14.04 20.16 7.59
N GLY E 54 13.77 20.97 8.60
CA GLY E 54 14.35 22.30 8.64
C GLY E 54 13.56 23.21 7.73
N LYS E 55 12.65 22.62 6.97
CA LYS E 55 11.81 23.37 6.05
C LYS E 55 10.67 24.00 6.85
N PRO E 56 10.17 25.17 6.41
CA PRO E 56 9.07 25.78 7.16
C PRO E 56 7.83 24.90 7.17
N LEU E 57 7.23 24.75 8.34
CA LEU E 57 6.03 23.94 8.47
C LEU E 57 4.90 24.77 7.90
N HIS E 58 4.80 24.82 6.57
CA HIS E 58 3.76 25.59 5.91
C HIS E 58 3.34 24.91 4.62
N TYR E 59 2.04 24.89 4.36
CA TYR E 59 1.54 24.30 3.13
C TYR E 59 1.75 25.27 1.98
N LYS E 60 1.83 26.56 2.30
CA LYS E 60 2.02 27.59 1.29
C LYS E 60 3.13 27.23 0.32
N GLY E 61 2.78 27.15 -0.96
CA GLY E 61 3.76 26.79 -1.97
C GLY E 61 3.75 25.31 -2.32
N SER E 62 3.27 24.45 -1.43
CA SER E 62 3.26 23.04 -1.72
C SER E 62 2.25 22.79 -2.82
N THR E 63 2.17 21.54 -3.30
CA THR E 63 1.27 21.20 -4.38
C THR E 63 0.37 20.01 -4.06
N PHE E 64 -0.48 19.67 -5.01
CA PHE E 64 -1.35 18.50 -4.92
C PHE E 64 -0.64 17.62 -5.94
N HIS E 65 0.19 16.70 -5.45
CA HIS E 65 0.98 15.86 -6.34
C HIS E 65 0.30 14.63 -6.96
N ARG E 66 -0.75 14.14 -6.32
CA ARG E 66 -1.44 12.94 -6.83
C ARG E 66 -2.96 13.11 -6.82
N VAL E 67 -3.59 12.90 -7.98
CA VAL E 67 -5.03 13.03 -8.09
C VAL E 67 -5.61 11.85 -8.86
N ILE E 68 -6.75 11.34 -8.40
CA ILE E 68 -7.40 10.22 -9.06
C ILE E 68 -8.89 10.44 -9.28
N LYS E 69 -9.28 10.52 -10.54
CA LYS E 69 -10.67 10.73 -10.90
C LYS E 69 -11.65 9.90 -10.06
N ASN E 70 -12.76 10.52 -9.69
CA ASN E 70 -13.80 9.89 -8.91
C ASN E 70 -13.31 9.36 -7.58
N PHE E 71 -12.15 9.85 -7.13
CA PHE E 71 -11.61 9.37 -5.86
C PHE E 71 -11.16 10.48 -4.90
N MET E 72 -10.06 11.16 -5.20
CA MET E 72 -9.57 12.20 -4.31
C MET E 72 -8.34 12.93 -4.83
N ILE E 73 -7.97 13.99 -4.12
CA ILE E 73 -6.77 14.72 -4.46
C ILE E 73 -5.90 14.69 -3.20
N GLN E 74 -4.59 14.56 -3.38
CA GLN E 74 -3.64 14.49 -2.27
C GLN E 74 -2.48 15.49 -2.39
N GLY E 75 -2.10 16.08 -1.26
CA GLY E 75 -1.00 17.03 -1.25
C GLY E 75 -0.44 17.15 0.16
N GLY E 76 0.28 18.23 0.43
CA GLY E 76 0.83 18.44 1.75
C GLY E 76 2.30 18.13 1.89
N ASP E 77 2.89 17.50 0.87
CA ASP E 77 4.30 17.17 0.91
C ASP E 77 5.12 18.39 0.58
N PHE E 78 5.42 19.20 1.58
CA PHE E 78 6.20 20.42 1.37
C PHE E 78 7.71 20.21 1.62
N THR E 79 8.13 18.97 1.82
CA THR E 79 9.55 18.70 2.05
C THR E 79 10.19 18.12 0.79
N LYS E 80 9.52 17.16 0.16
CA LYS E 80 10.04 16.53 -1.04
C LYS E 80 9.10 16.77 -2.23
N GLY E 81 7.84 17.06 -1.92
CA GLY E 81 6.84 17.34 -2.95
C GLY E 81 6.42 16.22 -3.89
N ASP E 82 6.67 14.96 -3.52
CA ASP E 82 6.29 13.87 -4.40
C ASP E 82 5.55 12.73 -3.69
N GLY E 83 5.31 12.91 -2.40
CA GLY E 83 4.60 11.89 -1.64
C GLY E 83 5.50 11.16 -0.68
N THR E 84 6.80 11.39 -0.80
CA THR E 84 7.77 10.72 0.06
C THR E 84 8.00 11.48 1.37
N GLY E 85 7.75 12.80 1.35
CA GLY E 85 7.99 13.61 2.54
C GLY E 85 6.80 14.22 3.27
N GLY E 86 7.09 15.27 4.05
CA GLY E 86 6.08 15.95 4.83
C GLY E 86 6.38 15.72 6.30
N GLU E 87 6.16 16.75 7.13
CA GLU E 87 6.41 16.63 8.57
C GLU E 87 5.33 17.34 9.38
N SER E 88 5.09 16.87 10.61
CA SER E 88 4.08 17.49 11.47
C SER E 88 4.72 18.55 12.38
N ILE E 89 3.89 19.38 12.99
CA ILE E 89 4.38 20.44 13.88
C ILE E 89 4.93 19.85 15.17
N TYR E 90 4.80 18.54 15.33
CA TYR E 90 5.28 17.86 16.53
C TYR E 90 6.65 17.21 16.31
N GLY E 91 7.29 17.54 15.18
CA GLY E 91 8.56 16.95 14.85
C GLY E 91 8.28 15.56 14.31
N GLY E 92 8.75 15.29 13.09
CA GLY E 92 8.51 13.97 12.51
C GLY E 92 7.03 13.66 12.39
N MET E 93 6.66 12.41 12.65
CA MET E 93 5.26 11.98 12.55
C MET E 93 4.57 11.86 13.91
N PHE E 94 3.27 11.60 13.89
CA PHE E 94 2.50 11.45 15.12
C PHE E 94 1.41 10.37 15.01
N ASP E 95 0.93 9.92 16.16
CA ASP E 95 -0.09 8.87 16.25
C ASP E 95 -1.46 9.14 15.63
N ASP E 96 -2.11 8.07 15.16
CA ASP E 96 -3.45 8.17 14.59
C ASP E 96 -4.37 8.32 15.80
N GLU E 97 -5.20 9.35 15.82
CA GLU E 97 -6.12 9.50 16.93
C GLU E 97 -7.23 8.47 16.68
N GLU E 98 -8.29 8.51 17.47
CA GLU E 98 -9.39 7.57 17.30
C GLU E 98 -10.10 7.78 15.95
N PHE E 99 -10.32 6.70 15.20
CA PHE E 99 -11.00 6.80 13.91
C PHE E 99 -12.49 6.97 14.12
N VAL E 100 -12.89 8.11 14.69
CA VAL E 100 -14.31 8.37 14.94
C VAL E 100 -15.07 8.71 13.65
N MET E 101 -14.44 9.50 12.78
CA MET E 101 -15.09 9.89 11.54
C MET E 101 -14.79 8.96 10.38
N LYS E 102 -15.82 8.68 9.59
CA LYS E 102 -15.70 7.80 8.43
C LYS E 102 -15.74 8.59 7.13
N HIS E 103 -15.24 7.96 6.07
CA HIS E 103 -15.22 8.56 4.75
C HIS E 103 -16.57 8.24 4.14
N ASP E 104 -17.63 8.49 4.89
CA ASP E 104 -18.98 8.19 4.42
C ASP E 104 -19.56 9.20 3.43
N GLU E 105 -19.06 10.43 3.44
CA GLU E 105 -19.56 11.45 2.53
C GLU E 105 -18.42 11.97 1.67
N PRO E 106 -18.75 12.61 0.55
CA PRO E 106 -17.68 13.14 -0.30
C PRO E 106 -17.16 14.42 0.36
N PHE E 107 -15.97 14.84 -0.03
CA PHE E 107 -15.35 16.06 0.50
C PHE E 107 -14.95 16.06 1.98
N VAL E 108 -14.49 14.91 2.47
CA VAL E 108 -14.01 14.82 3.84
C VAL E 108 -12.52 15.11 3.73
N VAL E 109 -11.90 15.59 4.79
CA VAL E 109 -10.47 15.84 4.74
C VAL E 109 -9.88 14.77 5.63
N SER E 110 -8.93 14.03 5.09
CA SER E 110 -8.34 12.93 5.82
C SER E 110 -6.84 12.94 5.71
N MET E 111 -6.20 12.29 6.67
CA MET E 111 -4.75 12.23 6.68
C MET E 111 -4.25 11.04 5.88
N ALA E 112 -3.32 11.33 4.98
CA ALA E 112 -2.72 10.30 4.17
C ALA E 112 -1.56 9.80 5.03
N ASN E 113 -1.20 8.53 4.87
CA ASN E 113 -0.09 7.98 5.64
C ASN E 113 0.57 6.84 4.89
N LYS E 114 1.35 6.05 5.62
CA LYS E 114 2.06 4.91 5.05
C LYS E 114 1.97 3.74 6.02
N GLY E 115 1.02 3.80 6.94
CA GLY E 115 0.86 2.74 7.89
C GLY E 115 0.39 3.29 9.22
N PRO E 116 0.14 2.43 10.22
CA PRO E 116 -0.30 2.91 11.53
C PRO E 116 0.63 3.97 12.10
N ASN E 117 0.04 4.95 12.77
CA ASN E 117 0.78 6.04 13.38
C ASN E 117 1.90 6.65 12.53
N THR E 118 1.57 7.12 11.32
CA THR E 118 2.56 7.75 10.44
C THR E 118 2.00 9.00 9.77
N ASN E 119 1.32 9.82 10.58
CA ASN E 119 0.74 11.07 10.11
C ASN E 119 1.78 12.18 10.05
N GLY E 120 1.97 12.74 8.85
CA GLY E 120 2.95 13.80 8.69
C GLY E 120 2.24 15.09 8.42
N SER E 121 2.27 15.54 7.17
CA SER E 121 1.61 16.77 6.78
C SER E 121 0.71 16.48 5.57
N GLN E 122 0.99 15.37 4.88
CA GLN E 122 0.22 14.96 3.71
C GLN E 122 -1.23 14.63 4.07
N PHE E 123 -2.15 15.06 3.21
CA PHE E 123 -3.59 14.85 3.43
C PHE E 123 -4.29 14.72 2.10
N PHE E 124 -5.59 14.46 2.14
CA PHE E 124 -6.35 14.38 0.92
C PHE E 124 -7.81 14.75 1.15
N ILE E 125 -8.45 15.23 0.09
CA ILE E 125 -9.86 15.61 0.14
C ILE E 125 -10.52 14.66 -0.87
N THR E 126 -11.45 13.84 -0.42
CA THR E 126 -12.12 12.92 -1.34
C THR E 126 -13.21 13.67 -2.10
N THR E 127 -13.89 12.97 -2.99
CA THR E 127 -14.98 13.54 -3.77
C THR E 127 -16.04 12.44 -3.91
N THR E 128 -15.89 11.42 -3.07
CA THR E 128 -16.82 10.31 -3.08
C THR E 128 -16.60 9.45 -1.85
N PRO E 129 -17.65 8.74 -1.41
CA PRO E 129 -17.51 7.90 -0.23
C PRO E 129 -16.35 6.94 -0.44
N ALA E 130 -15.59 6.67 0.62
CA ALA E 130 -14.43 5.78 0.52
C ALA E 130 -14.28 4.86 1.73
N PRO E 131 -15.35 4.13 2.09
CA PRO E 131 -15.35 3.21 3.22
C PRO E 131 -14.10 2.37 3.37
N HIS E 132 -13.54 1.91 2.25
CA HIS E 132 -12.35 1.08 2.34
C HIS E 132 -11.22 1.77 3.07
N LEU E 133 -11.37 3.06 3.33
CA LEU E 133 -10.35 3.82 4.04
C LEU E 133 -10.62 4.00 5.54
N ASN E 134 -11.83 3.66 5.98
CA ASN E 134 -12.18 3.77 7.40
C ASN E 134 -11.26 2.93 8.28
N ASN E 135 -10.94 3.47 9.46
CA ASN E 135 -10.08 2.80 10.43
C ASN E 135 -8.60 2.70 10.08
N ILE E 136 -8.20 3.29 8.96
CA ILE E 136 -6.81 3.24 8.56
C ILE E 136 -6.29 4.66 8.30
N HIS E 137 -7.23 5.56 7.96
CA HIS E 137 -6.90 6.95 7.70
C HIS E 137 -7.79 7.82 8.56
N VAL E 138 -7.17 8.71 9.35
CA VAL E 138 -7.91 9.59 10.25
C VAL E 138 -8.60 10.74 9.56
N VAL E 139 -9.92 10.82 9.73
CA VAL E 139 -10.70 11.91 9.13
C VAL E 139 -10.84 13.04 10.16
N PHE E 140 -10.45 14.25 9.78
CA PHE E 140 -10.51 15.38 10.71
C PHE E 140 -11.26 16.62 10.25
N GLY E 141 -11.72 16.63 9.00
CA GLY E 141 -12.44 17.80 8.53
C GLY E 141 -13.36 17.58 7.35
N LYS E 142 -14.15 18.60 7.05
CA LYS E 142 -15.08 18.55 5.92
C LYS E 142 -15.05 19.88 5.20
N VAL E 143 -15.12 19.83 3.88
CA VAL E 143 -15.13 21.05 3.09
C VAL E 143 -16.52 21.68 3.15
N VAL E 144 -16.57 22.97 3.50
CA VAL E 144 -17.83 23.68 3.59
C VAL E 144 -18.09 24.65 2.45
N SER E 145 -17.09 24.87 1.60
CA SER E 145 -17.27 25.75 0.46
C SER E 145 -16.08 25.62 -0.47
N GLY E 146 -16.33 25.79 -1.76
CA GLY E 146 -15.28 25.67 -2.74
C GLY E 146 -15.06 24.23 -3.13
N GLN E 147 -16.03 23.36 -2.89
CA GLN E 147 -15.82 21.97 -3.28
C GLN E 147 -15.64 21.90 -4.78
N GLU E 148 -16.15 22.89 -5.51
CA GLU E 148 -15.98 22.89 -6.95
C GLU E 148 -14.50 22.96 -7.30
N VAL E 149 -13.71 23.61 -6.44
CA VAL E 149 -12.28 23.70 -6.72
C VAL E 149 -11.70 22.29 -6.63
N VAL E 150 -12.18 21.53 -5.66
CA VAL E 150 -11.74 20.15 -5.45
C VAL E 150 -12.03 19.36 -6.73
N THR E 151 -13.29 19.40 -7.16
CA THR E 151 -13.71 18.69 -8.36
C THR E 151 -12.82 19.06 -9.54
N LYS E 152 -12.57 20.37 -9.72
CA LYS E 152 -11.71 20.87 -10.80
C LYS E 152 -10.37 20.15 -10.79
N ILE E 153 -9.66 20.25 -9.67
CA ILE E 153 -8.34 19.63 -9.50
C ILE E 153 -8.32 18.12 -9.77
N GLU E 154 -9.33 17.43 -9.26
CA GLU E 154 -9.40 15.98 -9.43
C GLU E 154 -9.40 15.53 -10.89
N TYR E 155 -10.10 16.27 -11.75
CA TYR E 155 -10.18 15.86 -13.14
C TYR E 155 -9.17 16.40 -14.14
N LEU E 156 -8.10 17.02 -13.64
CA LEU E 156 -7.03 17.54 -14.50
C LEU E 156 -6.28 16.36 -15.12
N LYS E 157 -5.65 16.58 -16.27
CA LYS E 157 -4.91 15.49 -16.92
C LYS E 157 -3.67 15.20 -16.11
N THR E 158 -3.34 13.93 -15.99
CA THR E 158 -2.19 13.52 -15.22
C THR E 158 -1.24 12.70 -16.06
N ASN E 159 -0.11 12.30 -15.47
CA ASN E 159 0.84 11.46 -16.18
C ASN E 159 0.48 10.04 -15.75
N SER E 160 1.37 9.09 -16.01
CA SER E 160 1.12 7.70 -15.66
C SER E 160 1.19 7.45 -14.15
N LYS E 161 1.53 8.48 -13.39
CA LYS E 161 1.61 8.35 -11.93
C LYS E 161 0.50 9.15 -11.26
N ASN E 162 -0.50 9.52 -12.06
CA ASN E 162 -1.64 10.29 -11.57
C ASN E 162 -1.19 11.66 -11.07
N ARG E 163 -0.10 12.15 -11.64
CA ARG E 163 0.44 13.45 -11.27
C ARG E 163 -0.16 14.48 -12.22
N PRO E 164 -0.68 15.58 -11.67
CA PRO E 164 -1.26 16.59 -12.55
C PRO E 164 -0.22 17.07 -13.56
N LEU E 165 -0.61 17.14 -14.83
CA LEU E 165 0.34 17.63 -15.83
C LEU E 165 0.58 19.09 -15.51
N ALA E 166 -0.46 19.74 -15.02
CA ALA E 166 -0.40 21.15 -14.65
C ALA E 166 -0.02 21.29 -13.18
N ASP E 167 0.74 22.33 -12.90
CA ASP E 167 1.25 22.69 -11.58
C ASP E 167 0.14 23.11 -10.62
N VAL E 168 -0.37 22.21 -9.79
CA VAL E 168 -1.44 22.60 -8.85
C VAL E 168 -0.80 23.14 -7.56
N VAL E 169 -0.76 24.45 -7.43
CA VAL E 169 -0.11 25.11 -6.31
C VAL E 169 -1.01 25.80 -5.29
N ILE E 170 -0.65 25.68 -4.01
CA ILE E 170 -1.39 26.33 -2.97
C ILE E 170 -0.78 27.72 -2.87
N LEU E 171 -1.42 28.68 -3.53
CA LEU E 171 -0.95 30.06 -3.55
C LEU E 171 -0.94 30.68 -2.16
N ASN E 172 -1.90 30.30 -1.34
CA ASN E 172 -2.00 30.83 0.01
C ASN E 172 -2.90 29.93 0.84
N CYS E 173 -2.77 30.04 2.15
CA CYS E 173 -3.57 29.25 3.06
C CYS E 173 -3.61 29.97 4.41
N GLY E 174 -4.50 29.53 5.28
CA GLY E 174 -4.62 30.15 6.58
C GLY E 174 -5.89 29.79 7.30
N GLU E 175 -6.21 30.58 8.32
CA GLU E 175 -7.41 30.36 9.11
C GLU E 175 -8.41 31.49 8.89
N LEU E 176 -9.68 31.17 9.11
CA LEU E 176 -10.77 32.14 8.99
C LEU E 176 -11.34 32.31 10.40
N VAL E 177 -10.68 33.13 11.21
CA VAL E 177 -11.10 33.38 12.58
C VAL E 177 -12.55 33.85 12.67
N DAL F 1 -4.88 0.94 -7.65
CA DAL F 1 -6.25 0.96 -7.17
CB DAL F 1 -7.20 0.73 -8.34
C DAL F 1 -6.59 2.30 -6.50
O DAL F 1 -6.34 3.37 -7.08
N MLE F 2 -7.12 2.27 -5.28
CN MLE F 2 -7.17 0.96 -4.53
CA MLE F 2 -7.53 3.49 -4.62
CB MLE F 2 -9.06 3.56 -4.60
CG MLE F 2 -9.73 3.38 -5.95
CD1 MLE F 2 -11.24 3.29 -5.80
CD2 MLE F 2 -9.35 4.53 -6.87
C MLE F 2 -7.02 3.69 -3.18
O MLE F 2 -7.80 3.62 -2.23
N MLE F 3 -5.72 3.93 -3.02
CN MLE F 3 -4.78 3.84 -4.20
CA MLE F 3 -5.15 4.17 -1.70
CB MLE F 3 -4.09 3.11 -1.36
CG MLE F 3 -4.43 1.61 -1.37
CD1 MLE F 3 -3.16 0.80 -1.05
CD2 MLE F 3 -5.53 1.29 -0.35
C MLE F 3 -4.51 5.56 -1.65
O MLE F 3 -4.27 6.19 -2.70
N MVA F 4 -4.24 6.06 -0.45
CN MVA F 4 -4.70 5.38 0.81
CA MVA F 4 -3.56 7.36 -0.35
CB MVA F 4 -4.50 8.45 0.22
CG1 MVA F 4 -3.82 9.81 0.10
CG2 MVA F 4 -5.84 8.44 -0.49
C MVA F 4 -2.37 7.18 0.57
O MVA F 4 -2.46 7.49 1.77
N BMT F 5 -1.24 6.71 0.05
CN BMT F 5 -1.12 6.51 -1.43
CA BMT F 5 -0.08 6.48 0.92
C BMT F 5 1.08 7.40 0.60
O BMT F 5 1.14 8.02 -0.47
CB BMT F 5 0.38 5.00 0.86
OG1 BMT F 5 1.13 4.73 -0.34
CG2 BMT F 5 -0.86 4.08 0.91
CD1 BMT F 5 -1.57 4.25 2.23
CD2 BMT F 5 -0.47 2.62 0.74
CE BMT F 5 0.39 1.98 1.84
CZ BMT F 5 1.81 2.01 1.77
CH BMT F 5 2.66 1.35 2.86
N ABA F 6 2.01 7.51 1.54
CA ABA F 6 3.15 8.40 1.37
C ABA F 6 4.47 7.62 1.25
O ABA F 6 5.16 7.42 2.24
CB ABA F 6 3.23 9.36 2.56
CG ABA F 6 1.91 10.01 2.90
N SAR F 7 4.83 7.20 0.04
CA SAR F 7 6.07 6.48 -0.10
C SAR F 7 5.95 5.36 -1.11
O SAR F 7 6.51 5.48 -2.19
CN SAR F 7 3.96 7.44 -1.15
N MLE F 8 5.25 4.28 -0.76
CN MLE F 8 4.48 4.27 0.55
CA MLE F 8 5.08 3.17 -1.69
CB MLE F 8 5.42 1.83 -1.02
CG MLE F 8 5.34 0.57 -1.90
CD1 MLE F 8 6.29 0.70 -3.08
CD2 MLE F 8 5.68 -0.65 -1.07
C MLE F 8 3.62 3.18 -2.13
O MLE F 8 2.74 2.66 -1.44
N VAL F 9 3.39 3.79 -3.28
CA VAL F 9 2.04 3.89 -3.80
C VAL F 9 1.60 2.59 -4.48
N MLE F 10 0.46 2.05 -4.07
CN MLE F 10 -0.34 2.74 -3.00
CA MLE F 10 -0.03 0.82 -4.67
CB MLE F 10 -0.60 -0.13 -3.61
CG MLE F 10 0.37 -0.60 -2.53
CD1 MLE F 10 -0.27 -1.75 -1.77
CD2 MLE F 10 1.71 -1.04 -3.14
C MLE F 10 -1.12 1.18 -5.66
O MLE F 10 -1.62 2.30 -5.66
N ALA F 11 -1.49 0.24 -6.53
CA ALA F 11 -2.51 0.52 -7.53
C ALA F 11 -3.89 0.48 -6.89
N ARG G 6 35.69 32.00 33.60
CA ARG G 6 34.37 32.61 33.26
C ARG G 6 34.55 33.99 32.68
N ARG G 7 33.68 34.35 31.73
CA ARG G 7 33.77 35.66 31.10
C ARG G 7 32.48 36.46 31.29
N ARG G 8 32.57 37.76 31.03
CA ARG G 8 31.41 38.63 31.16
C ARG G 8 31.02 39.25 29.83
N VAL G 9 29.71 39.32 29.58
CA VAL G 9 29.19 39.89 28.34
C VAL G 9 28.11 40.90 28.67
N PHE G 10 27.69 41.67 27.69
CA PHE G 10 26.66 42.66 27.96
C PHE G 10 25.73 42.86 26.78
N LEU G 11 24.62 43.53 27.05
CA LEU G 11 23.61 43.84 26.05
C LEU G 11 23.07 45.23 26.37
N ASP G 12 23.25 46.18 25.47
CA ASP G 12 22.73 47.52 25.69
C ASP G 12 21.34 47.47 25.05
N VAL G 13 20.32 47.88 25.79
CA VAL G 13 18.96 47.80 25.29
C VAL G 13 18.23 49.11 25.04
N THR G 14 17.39 49.11 24.01
CA THR G 14 16.57 50.27 23.71
C THR G 14 15.12 49.80 23.68
N ILE G 15 14.22 50.63 24.20
CA ILE G 15 12.79 50.34 24.22
C ILE G 15 12.23 51.51 23.44
N ASP G 16 11.91 51.28 22.17
CA ASP G 16 11.38 52.32 21.30
C ASP G 16 12.45 53.36 21.01
N GLY G 17 13.69 52.90 20.85
CA GLY G 17 14.79 53.81 20.56
C GLY G 17 15.39 54.54 21.75
N ASN G 18 14.77 54.42 22.91
CA ASN G 18 15.30 55.09 24.10
C ASN G 18 16.22 54.14 24.84
N LEU G 19 17.45 54.58 25.09
CA LEU G 19 18.41 53.73 25.80
C LEU G 19 17.81 53.33 27.13
N ALA G 20 17.65 52.03 27.36
CA ALA G 20 17.07 51.53 28.59
C ALA G 20 18.11 51.03 29.60
N GLY G 21 19.39 51.10 29.22
CA GLY G 21 20.43 50.65 30.13
C GLY G 21 21.11 49.39 29.65
N ARG G 22 22.08 48.95 30.42
CA ARG G 22 22.84 47.76 30.10
C ARG G 22 22.57 46.55 30.99
N ILE G 23 22.66 45.38 30.39
CA ILE G 23 22.49 44.12 31.10
C ILE G 23 23.84 43.41 31.01
N VAL G 24 24.43 43.11 32.16
CA VAL G 24 25.72 42.44 32.20
C VAL G 24 25.54 41.02 32.74
N MET G 25 26.09 40.05 32.04
CA MET G 25 25.96 38.66 32.46
C MET G 25 27.30 37.95 32.64
N GLU G 26 27.28 36.94 33.50
CA GLU G 26 28.46 36.14 33.77
C GLU G 26 28.16 34.76 33.18
N LEU G 27 29.01 34.31 32.26
CA LEU G 27 28.83 33.01 31.61
C LEU G 27 29.65 31.92 32.29
N TYR G 28 28.97 30.86 32.69
CA TYR G 28 29.62 29.75 33.38
C TYR G 28 30.28 28.75 32.42
N ASN G 29 31.36 29.16 31.78
CA ASN G 29 32.07 28.28 30.84
C ASN G 29 32.46 26.97 31.48
N ASP G 30 32.92 27.03 32.72
CA ASP G 30 33.33 25.84 33.45
C ASP G 30 32.22 24.80 33.58
N ILE G 31 31.01 25.12 33.10
CA ILE G 31 29.88 24.19 33.22
C ILE G 31 29.09 23.97 31.93
N ALA G 32 29.18 24.93 31.02
CA ALA G 32 28.49 24.88 29.73
C ALA G 32 29.45 25.61 28.81
N PRO G 33 30.65 25.06 28.63
CA PRO G 33 31.74 25.60 27.79
C PRO G 33 31.33 25.85 26.36
N ARG G 34 30.51 24.95 25.84
CA ARG G 34 30.05 25.03 24.47
C ARG G 34 28.97 26.11 24.34
N THR G 35 27.93 26.01 25.16
CA THR G 35 26.84 26.98 25.13
C THR G 35 27.31 28.40 25.44
N CYS G 36 28.26 28.54 26.38
CA CYS G 36 28.80 29.85 26.73
C CYS G 36 29.66 30.35 25.59
N ASN G 37 30.35 29.42 24.94
CA ASN G 37 31.21 29.77 23.82
C ASN G 37 30.33 30.33 22.69
N ASN G 38 29.19 29.69 22.48
CA ASN G 38 28.26 30.12 21.44
C ASN G 38 27.71 31.51 21.74
N PHE G 39 27.18 31.68 22.94
CA PHE G 39 26.60 32.95 23.36
C PHE G 39 27.59 34.11 23.33
N LEU G 40 28.78 33.88 23.87
CA LEU G 40 29.80 34.92 23.92
C LEU G 40 30.22 35.33 22.51
N MET G 41 30.16 34.40 21.57
CA MET G 41 30.54 34.71 20.21
C MET G 41 29.41 35.40 19.45
N LEU G 42 28.17 35.20 19.89
CA LEU G 42 27.05 35.86 19.21
C LEU G 42 26.94 37.32 19.66
N CYS G 43 27.58 37.65 20.77
CA CYS G 43 27.59 39.00 21.29
C CYS G 43 28.65 39.82 20.56
N THR G 44 29.83 39.23 20.41
CA THR G 44 30.94 39.89 19.75
C THR G 44 30.80 39.92 18.23
N GLY G 45 30.23 38.85 17.67
CA GLY G 45 30.05 38.77 16.23
C GLY G 45 31.25 38.19 15.49
N MET G 46 32.28 37.83 16.26
CA MET G 46 33.53 37.30 15.71
C MET G 46 33.52 35.91 15.09
N ALA G 47 32.39 35.21 15.16
CA ALA G 47 32.30 33.88 14.58
C ALA G 47 31.93 33.95 13.09
N GLY G 48 31.73 35.16 12.59
CA GLY G 48 31.41 35.35 11.19
C GLY G 48 29.94 35.32 10.79
N THR G 49 29.64 34.57 9.75
CA THR G 49 28.28 34.46 9.23
C THR G 49 27.73 33.03 9.38
N GLY G 50 26.41 32.93 9.48
CA GLY G 50 25.75 31.65 9.67
C GLY G 50 25.75 30.73 8.46
N LYS G 51 26.18 29.49 8.66
CA LYS G 51 26.24 28.50 7.59
C LYS G 51 24.91 28.31 6.88
N ILE G 52 23.89 27.93 7.65
CA ILE G 52 22.55 27.69 7.10
C ILE G 52 21.76 28.95 6.77
N SER G 53 21.66 29.84 7.75
CA SER G 53 20.91 31.09 7.63
C SER G 53 21.52 32.11 6.66
N GLY G 54 22.84 32.09 6.53
CA GLY G 54 23.50 33.01 5.63
C GLY G 54 23.37 34.44 6.13
N LYS G 55 23.18 34.59 7.44
CA LYS G 55 23.05 35.90 8.06
C LYS G 55 24.17 36.09 9.07
N PRO G 56 24.46 37.36 9.44
CA PRO G 56 25.53 37.59 10.41
C PRO G 56 25.24 37.02 11.80
N LEU G 57 26.12 36.15 12.26
CA LEU G 57 25.98 35.52 13.57
C LEU G 57 26.23 36.56 14.66
N HIS G 58 25.26 37.47 14.82
CA HIS G 58 25.38 38.54 15.80
C HIS G 58 24.02 38.88 16.41
N TYR G 59 24.02 39.26 17.69
CA TYR G 59 22.79 39.65 18.38
C TYR G 59 22.47 41.11 18.12
N LYS G 60 23.51 41.92 17.93
CA LYS G 60 23.33 43.36 17.68
C LYS G 60 22.23 43.66 16.67
N GLY G 61 21.18 44.31 17.13
CA GLY G 61 20.09 44.63 16.23
C GLY G 61 18.94 43.68 16.44
N SER G 62 19.17 42.56 17.11
CA SER G 62 18.10 41.60 17.35
C SER G 62 17.19 42.14 18.44
N THR G 63 16.09 41.45 18.70
CA THR G 63 15.15 41.94 19.68
C THR G 63 14.72 40.88 20.67
N PHE G 64 13.83 41.30 21.56
CA PHE G 64 13.23 40.45 22.57
C PHE G 64 11.77 40.38 22.11
N HIS G 65 11.45 39.35 21.35
CA HIS G 65 10.11 39.18 20.79
C HIS G 65 9.06 38.64 21.73
N ARG G 66 9.45 38.04 22.83
CA ARG G 66 8.44 37.47 23.71
C ARG G 66 8.76 37.70 25.17
N VAL G 67 7.82 38.30 25.88
CA VAL G 67 7.98 38.58 27.29
C VAL G 67 6.70 38.19 28.02
N ILE G 68 6.87 37.54 29.17
CA ILE G 68 5.74 37.11 29.99
C ILE G 68 6.03 37.56 31.41
N LYS G 69 5.14 38.40 31.94
CA LYS G 69 5.35 38.92 33.29
C LYS G 69 5.33 37.86 34.37
N ASN G 70 6.19 38.06 35.38
CA ASN G 70 6.34 37.15 36.51
C ASN G 70 6.98 35.83 36.06
N PHE G 71 7.67 35.85 34.92
CA PHE G 71 8.31 34.65 34.36
C PHE G 71 9.64 34.93 33.67
N MET G 72 9.61 35.43 32.44
CA MET G 72 10.86 35.70 31.71
C MET G 72 10.71 36.57 30.48
N ILE G 73 11.83 36.87 29.84
CA ILE G 73 11.84 37.62 28.60
C ILE G 73 12.72 36.80 27.66
N GLN G 74 12.29 36.65 26.40
CA GLN G 74 13.00 35.83 25.42
C GLN G 74 13.46 36.60 24.17
N GLY G 75 14.61 36.23 23.63
CA GLY G 75 15.11 36.91 22.44
C GLY G 75 16.25 36.20 21.75
N GLY G 76 16.97 36.93 20.90
CA GLY G 76 18.09 36.33 20.19
C GLY G 76 17.79 35.73 18.82
N ASP G 77 16.57 35.89 18.35
CA ASP G 77 16.21 35.35 17.04
C ASP G 77 16.62 36.38 15.99
N PHE G 78 17.86 36.27 15.51
CA PHE G 78 18.37 37.21 14.53
C PHE G 78 18.17 36.81 13.06
N THR G 79 17.43 35.72 12.80
CA THR G 79 17.20 35.33 11.42
C THR G 79 15.74 35.58 11.02
N LYS G 80 14.81 35.28 11.91
CA LYS G 80 13.40 35.49 11.62
C LYS G 80 12.79 36.58 12.53
N GLY G 81 13.47 36.85 13.64
CA GLY G 81 13.00 37.88 14.57
C GLY G 81 11.59 37.69 15.11
N ASP G 82 11.12 36.44 15.15
CA ASP G 82 9.78 36.19 15.66
C ASP G 82 9.72 34.95 16.54
N GLY G 83 10.87 34.32 16.77
CA GLY G 83 10.93 33.15 17.62
C GLY G 83 11.04 31.81 16.90
N THR G 84 10.95 31.85 15.57
CA THR G 84 11.03 30.63 14.79
C THR G 84 12.44 30.39 14.25
N GLY G 85 13.26 31.44 14.23
CA GLY G 85 14.61 31.31 13.71
C GLY G 85 15.78 31.26 14.68
N GLY G 86 16.93 31.76 14.22
CA GLY G 86 18.13 31.78 15.04
C GLY G 86 19.12 30.72 14.58
N GLU G 87 20.38 30.87 14.95
CA GLU G 87 21.42 29.89 14.56
C GLU G 87 22.65 29.98 15.47
N SER G 88 23.36 28.86 15.61
CA SER G 88 24.55 28.84 16.46
C SER G 88 25.81 29.02 15.63
N ILE G 89 26.91 29.35 16.29
CA ILE G 89 28.18 29.55 15.62
C ILE G 89 28.72 28.23 15.07
N TYR G 90 28.14 27.13 15.53
CA TYR G 90 28.57 25.80 15.09
C TYR G 90 27.79 25.38 13.86
N GLY G 91 27.17 26.32 13.18
CA GLY G 91 26.39 25.97 12.01
C GLY G 91 25.13 25.26 12.44
N GLY G 92 23.97 25.80 12.07
CA GLY G 92 22.72 25.19 12.47
C GLY G 92 22.60 25.12 13.98
N MET G 93 22.17 23.99 14.51
CA MET G 93 22.01 23.84 15.96
C MET G 93 23.07 22.92 16.56
N PHE G 94 23.19 22.95 17.88
CA PHE G 94 24.13 22.09 18.59
C PHE G 94 23.38 21.37 19.71
N ASP G 95 24.00 20.36 20.30
CA ASP G 95 23.34 19.57 21.34
C ASP G 95 23.25 20.26 22.70
N ASP G 96 22.39 19.73 23.57
CA ASP G 96 22.24 20.26 24.91
C ASP G 96 23.39 19.68 25.70
N GLU G 97 24.15 20.51 26.39
CA GLU G 97 25.23 19.99 27.20
C GLU G 97 24.55 19.37 28.42
N GLU G 98 25.31 19.00 29.43
CA GLU G 98 24.73 18.41 30.62
C GLU G 98 23.91 19.49 31.36
N PHE G 99 22.71 19.13 31.81
CA PHE G 99 21.85 20.08 32.53
C PHE G 99 22.28 20.32 33.98
N VAL G 100 23.53 20.76 34.14
CA VAL G 100 24.10 21.04 35.46
C VAL G 100 23.41 22.20 36.16
N MET G 101 23.39 23.37 35.51
CA MET G 101 22.77 24.57 36.06
C MET G 101 21.23 24.49 36.04
N LYS G 102 20.60 24.91 37.14
CA LYS G 102 19.15 24.89 37.24
C LYS G 102 18.55 26.30 37.25
N HIS G 103 17.22 26.38 37.10
CA HIS G 103 16.53 27.67 37.12
C HIS G 103 16.00 27.82 38.53
N ASP G 104 16.90 27.95 39.49
CA ASP G 104 16.52 28.07 40.91
C ASP G 104 16.47 29.48 41.48
N GLU G 105 16.93 30.46 40.72
CA GLU G 105 16.91 31.83 41.20
C GLU G 105 16.61 32.74 40.04
N PRO G 106 15.96 33.87 40.29
CA PRO G 106 15.66 34.77 39.18
C PRO G 106 16.92 35.28 38.52
N PHE G 107 16.76 35.76 37.28
CA PHE G 107 17.85 36.32 36.49
C PHE G 107 18.96 35.38 36.01
N VAL G 108 18.58 34.17 35.60
CA VAL G 108 19.56 33.22 35.06
C VAL G 108 19.40 33.28 33.56
N VAL G 109 20.47 33.04 32.83
CA VAL G 109 20.42 33.07 31.37
C VAL G 109 20.35 31.63 30.90
N SER G 110 19.32 31.33 30.11
CA SER G 110 19.14 29.96 29.62
C SER G 110 18.77 29.90 28.13
N MET G 111 19.05 28.75 27.52
CA MET G 111 18.77 28.53 26.11
C MET G 111 17.33 28.14 25.83
N ALA G 112 16.75 28.78 24.83
CA ALA G 112 15.39 28.49 24.42
C ALA G 112 15.52 27.42 23.35
N ASN G 113 14.49 26.58 23.17
CA ASN G 113 14.57 25.56 22.15
C ASN G 113 13.21 25.05 21.69
N LYS G 114 13.23 24.00 20.87
CA LYS G 114 12.00 23.38 20.38
C LYS G 114 12.21 21.88 20.42
N GLY G 115 12.59 21.40 21.60
CA GLY G 115 12.85 19.99 21.78
C GLY G 115 14.32 19.69 21.99
N PRO G 116 14.67 18.43 22.24
CA PRO G 116 16.05 17.97 22.46
C PRO G 116 17.08 18.46 21.45
N ASN G 117 18.28 18.72 21.94
CA ASN G 117 19.42 19.18 21.13
C ASN G 117 19.13 20.19 20.02
N THR G 118 18.27 21.17 20.29
CA THR G 118 17.93 22.17 19.28
C THR G 118 18.35 23.60 19.64
N ASN G 119 19.43 23.71 20.40
CA ASN G 119 19.94 25.01 20.83
C ASN G 119 20.52 25.78 19.65
N GLY G 120 19.93 26.95 19.37
CA GLY G 120 20.41 27.77 18.27
C GLY G 120 21.09 29.05 18.75
N SER G 121 20.33 30.14 18.80
CA SER G 121 20.87 31.42 19.26
C SER G 121 19.88 32.10 20.17
N GLN G 122 18.69 31.52 20.30
CA GLN G 122 17.68 32.11 21.16
C GLN G 122 17.89 31.68 22.60
N PHE G 123 17.79 32.66 23.49
CA PHE G 123 17.97 32.45 24.93
C PHE G 123 16.85 33.19 25.65
N PHE G 124 16.81 33.08 26.97
CA PHE G 124 15.80 33.79 27.74
C PHE G 124 16.31 34.06 29.14
N ILE G 125 15.97 35.22 29.68
CA ILE G 125 16.39 35.58 31.03
C ILE G 125 15.18 35.45 31.95
N THR G 126 15.29 34.62 33.00
CA THR G 126 14.17 34.46 33.92
C THR G 126 14.20 35.60 34.93
N THR G 127 13.08 35.84 35.58
CA THR G 127 12.98 36.88 36.61
C THR G 127 12.35 36.26 37.85
N THR G 128 12.30 34.93 37.87
CA THR G 128 11.74 34.16 38.96
C THR G 128 12.16 32.70 38.80
N PRO G 129 12.09 31.92 39.89
CA PRO G 129 12.45 30.51 39.83
C PRO G 129 11.59 29.79 38.80
N ALA G 130 12.19 28.91 38.01
CA ALA G 130 11.47 28.17 37.00
C ALA G 130 11.86 26.69 36.95
N PRO G 131 11.67 25.96 38.05
CA PRO G 131 12.02 24.54 38.11
C PRO G 131 11.41 23.63 37.03
N HIS G 132 10.22 23.99 36.54
CA HIS G 132 9.58 23.18 35.50
C HIS G 132 10.41 23.18 34.22
N LEU G 133 11.38 24.10 34.16
CA LEU G 133 12.25 24.21 32.99
C LEU G 133 13.56 23.45 33.18
N ASN G 134 13.76 22.90 34.37
CA ASN G 134 14.97 22.15 34.66
C ASN G 134 15.06 20.88 33.81
N ASN G 135 16.27 20.57 33.35
CA ASN G 135 16.54 19.39 32.55
C ASN G 135 15.99 19.42 31.13
N ILE G 136 15.56 20.58 30.67
CA ILE G 136 15.04 20.70 29.32
C ILE G 136 15.75 21.87 28.61
N HIS G 137 16.08 22.89 29.39
CA HIS G 137 16.78 24.07 28.87
C HIS G 137 18.10 24.24 29.61
N VAL G 138 19.18 24.40 28.86
CA VAL G 138 20.50 24.57 29.44
C VAL G 138 20.71 25.96 30.03
N VAL G 139 21.03 25.99 31.32
CA VAL G 139 21.30 27.22 32.02
C VAL G 139 22.82 27.40 31.94
N PHE G 140 23.26 28.51 31.38
CA PHE G 140 24.67 28.76 31.22
C PHE G 140 25.19 30.10 31.76
N GLY G 141 24.31 30.91 32.36
CA GLY G 141 24.76 32.18 32.88
C GLY G 141 23.82 32.88 33.85
N LYS G 142 24.30 33.98 34.43
CA LYS G 142 23.50 34.75 35.37
C LYS G 142 23.71 36.25 35.14
N VAL G 143 22.68 37.03 35.45
CA VAL G 143 22.74 38.48 35.29
C VAL G 143 23.36 39.03 36.57
N VAL G 144 24.47 39.75 36.42
CA VAL G 144 25.17 40.32 37.57
C VAL G 144 24.74 41.76 37.84
N SER G 145 24.64 42.56 36.78
CA SER G 145 24.19 43.93 36.94
C SER G 145 23.17 44.23 35.86
N GLY G 146 22.34 45.25 36.10
CA GLY G 146 21.32 45.64 35.16
C GLY G 146 20.05 44.81 35.26
N GLN G 147 19.84 44.13 36.39
CA GLN G 147 18.64 43.33 36.50
C GLN G 147 17.37 44.17 36.41
N GLU G 148 17.48 45.48 36.67
CA GLU G 148 16.30 46.31 36.59
C GLU G 148 15.93 46.55 35.12
N VAL G 149 16.90 46.37 34.22
CA VAL G 149 16.62 46.55 32.79
C VAL G 149 15.79 45.35 32.34
N VAL G 150 16.05 44.19 32.92
CA VAL G 150 15.29 43.00 32.58
C VAL G 150 13.86 43.16 33.09
N THR G 151 13.70 43.70 34.30
CA THR G 151 12.35 43.91 34.86
C THR G 151 11.53 44.89 34.03
N LYS G 152 12.17 45.94 33.51
CA LYS G 152 11.46 46.94 32.70
C LYS G 152 10.88 46.31 31.44
N ILE G 153 11.70 45.51 30.76
CA ILE G 153 11.28 44.84 29.54
C ILE G 153 10.13 43.88 29.80
N GLU G 154 10.30 42.99 30.77
CA GLU G 154 9.30 42.00 31.15
C GLU G 154 7.88 42.57 31.35
N TYR G 155 7.78 43.80 31.83
CA TYR G 155 6.47 44.38 32.07
C TYR G 155 5.94 45.37 31.04
N LEU G 156 6.52 45.39 29.84
CA LEU G 156 6.03 46.29 28.81
C LEU G 156 4.72 45.70 28.30
N LYS G 157 3.77 46.56 27.96
CA LYS G 157 2.48 46.10 27.46
C LYS G 157 2.79 45.32 26.18
N THR G 158 2.09 44.20 25.98
CA THR G 158 2.33 43.37 24.81
C THR G 158 1.05 42.96 24.11
N ASN G 159 1.19 42.40 22.90
CA ASN G 159 0.04 41.95 22.12
C ASN G 159 -0.37 40.56 22.60
N SER G 160 -1.38 39.98 21.97
CA SER G 160 -1.87 38.67 22.37
C SER G 160 -0.85 37.55 22.26
N LYS G 161 0.26 37.78 21.57
CA LYS G 161 1.29 36.76 21.43
C LYS G 161 2.48 37.02 22.37
N ASN G 162 2.29 37.96 23.30
CA ASN G 162 3.31 38.30 24.26
C ASN G 162 4.50 39.05 23.68
N ARG G 163 4.26 39.78 22.59
CA ARG G 163 5.33 40.56 21.98
C ARG G 163 5.22 41.99 22.49
N PRO G 164 6.33 42.58 22.92
CA PRO G 164 6.23 43.96 23.41
C PRO G 164 5.74 44.89 22.31
N LEU G 165 4.77 45.75 22.62
CA LEU G 165 4.27 46.70 21.63
C LEU G 165 5.40 47.65 21.23
N ALA G 166 6.29 47.94 22.16
CA ALA G 166 7.44 48.79 21.87
C ALA G 166 8.56 47.83 21.48
N ASP G 167 9.32 48.16 20.45
CA ASP G 167 10.42 47.30 20.01
C ASP G 167 11.63 47.32 20.92
N VAL G 168 11.92 46.17 21.53
CA VAL G 168 13.05 46.03 22.44
C VAL G 168 14.24 45.56 21.62
N VAL G 169 15.20 46.46 21.40
CA VAL G 169 16.36 46.16 20.60
C VAL G 169 17.65 46.08 21.39
N ILE G 170 18.53 45.18 20.97
CA ILE G 170 19.83 45.03 21.59
C ILE G 170 20.71 46.00 20.81
N LEU G 171 20.67 47.27 21.23
CA LEU G 171 21.43 48.32 20.57
C LEU G 171 22.90 47.97 20.40
N ASN G 172 23.46 47.29 21.38
CA ASN G 172 24.86 46.90 21.30
C ASN G 172 25.18 45.78 22.29
N CYS G 173 26.26 45.06 22.04
CA CYS G 173 26.65 43.95 22.89
C CYS G 173 28.13 43.65 22.72
N GLY G 174 28.64 42.71 23.52
CA GLY G 174 30.03 42.33 23.44
C GLY G 174 30.52 41.68 24.71
N GLU G 175 31.83 41.54 24.83
CA GLU G 175 32.44 40.92 26.00
C GLU G 175 33.13 41.97 26.86
N LEU G 176 32.98 41.86 28.18
CA LEU G 176 33.63 42.78 29.08
C LEU G 176 34.87 42.09 29.64
N VAL G 177 36.03 42.54 29.20
CA VAL G 177 37.29 41.99 29.65
C VAL G 177 38.09 43.01 30.43
N DAL H 1 0.70 28.64 28.58
CA DAL H 1 1.29 28.41 29.88
CB DAL H 1 0.36 28.95 30.97
C DAL H 1 2.65 29.07 30.00
O DAL H 1 2.84 30.19 29.51
N MLE H 2 3.61 28.36 30.60
CN MLE H 2 3.39 26.90 30.86
CA MLE H 2 4.93 28.96 30.79
CB MLE H 2 5.19 29.11 32.29
CG MLE H 2 4.12 29.90 33.05
CD1 MLE H 2 4.16 29.54 34.53
CD2 MLE H 2 4.33 31.39 32.82
C MLE H 2 6.09 28.19 30.18
O MLE H 2 6.91 27.62 30.88
N MLE H 3 6.17 28.19 28.85
CN MLE H 3 5.11 28.88 28.04
CA MLE H 3 7.28 27.51 28.19
CB MLE H 3 6.76 26.37 27.30
CG MLE H 3 5.87 25.28 27.92
CD1 MLE H 3 5.71 24.16 26.91
CD2 MLE H 3 6.49 24.74 29.21
C MLE H 3 8.08 28.51 27.35
O MLE H 3 7.59 29.60 27.03
N MVA H 4 9.32 28.15 26.99
CN MVA H 4 9.87 26.81 27.36
CA MVA H 4 10.14 29.05 26.17
CB MVA H 4 11.39 29.54 26.93
CG1 MVA H 4 12.12 30.57 26.11
CG2 MVA H 4 11.00 30.12 28.29
C MVA H 4 10.58 28.25 24.94
O MVA H 4 11.70 27.75 24.90
N BMT H 5 9.71 28.14 23.93
CN BMT H 5 8.46 28.97 23.93
CA BMT H 5 10.06 27.36 22.75
C BMT H 5 10.36 28.27 21.55
O BMT H 5 10.13 29.48 21.60
CB BMT H 5 8.94 26.34 22.35
OG1 BMT H 5 7.77 27.04 21.88
CG2 BMT H 5 8.55 25.47 23.57
CD1 BMT H 5 9.79 24.83 24.21
CD2 BMT H 5 7.61 24.34 23.11
CE BMT H 5 8.26 23.41 22.09
CZ BMT H 5 7.59 22.29 21.57
CH BMT H 5 8.31 21.43 20.56
N ABA H 6 10.87 27.67 20.48
CA ABA H 6 11.23 28.42 19.29
C ABA H 6 10.52 27.84 18.06
O ABA H 6 11.10 27.05 17.32
CB ABA H 6 12.75 28.36 19.09
CG ABA H 6 13.55 28.54 20.38
N SAR H 7 9.28 28.25 17.83
CA SAR H 7 8.55 27.74 16.68
C SAR H 7 7.13 27.39 17.09
O SAR H 7 6.19 28.13 16.75
CN SAR H 7 8.59 29.19 18.78
N MLE H 8 6.95 26.29 17.80
CN MLE H 8 8.12 25.40 18.12
CA MLE H 8 5.61 25.93 18.25
CB MLE H 8 5.34 24.42 18.13
CG MLE H 8 3.93 24.02 18.56
CD1 MLE H 8 2.92 24.91 17.85
CD2 MLE H 8 3.66 22.54 18.25
C MLE H 8 5.45 26.37 19.70
O MLE H 8 5.77 25.64 20.65
N VAL H 9 4.95 27.58 19.88
CA VAL H 9 4.73 28.15 21.20
C VAL H 9 3.45 27.56 21.79
N MLE H 10 3.54 27.06 23.02
CN MLE H 10 4.87 27.01 23.73
CA MLE H 10 2.36 26.50 23.66
CB MLE H 10 2.66 25.14 24.30
CG MLE H 10 3.15 24.07 23.31
CD1 MLE H 10 3.42 22.76 24.03
CD2 MLE H 10 2.12 23.88 22.22
C MLE H 10 1.89 27.47 24.74
O MLE H 10 2.60 28.43 25.07
N ALA H 11 0.69 27.25 25.26
CA ALA H 11 0.14 28.11 26.28
C ALA H 11 0.80 27.74 27.61
N ASP I 5 -9.07 -28.58 33.60
CA ASP I 5 -10.40 -29.00 34.11
C ASP I 5 -10.72 -28.21 35.38
N ARG I 6 -9.88 -28.40 36.39
CA ARG I 6 -10.06 -27.70 37.65
C ARG I 6 -9.87 -26.21 37.46
N ARG I 7 -10.99 -25.50 37.42
CA ARG I 7 -11.02 -24.05 37.22
C ARG I 7 -10.76 -23.28 38.50
N ARG I 8 -10.64 -21.96 38.36
CA ARG I 8 -10.43 -21.07 39.50
C ARG I 8 -11.41 -19.91 39.43
N VAL I 9 -11.91 -19.51 40.59
CA VAL I 9 -12.86 -18.41 40.66
C VAL I 9 -12.46 -17.51 41.82
N PHE I 10 -13.03 -16.32 41.89
CA PHE I 10 -12.66 -15.40 42.95
C PHE I 10 -13.79 -14.51 43.41
N LEU I 11 -13.56 -13.89 44.56
CA LEU I 11 -14.52 -12.96 45.15
C LEU I 11 -13.72 -11.83 45.76
N ASP I 12 -13.99 -10.59 45.34
CA ASP I 12 -13.32 -9.45 45.94
C ASP I 12 -14.37 -9.05 46.95
N VAL I 13 -14.01 -9.08 48.23
CA VAL I 13 -14.97 -8.75 49.27
C VAL I 13 -14.76 -7.36 49.83
N THR I 14 -15.85 -6.75 50.25
CA THR I 14 -15.80 -5.45 50.89
C THR I 14 -16.53 -5.67 52.21
N ILE I 15 -16.00 -5.07 53.28
CA ILE I 15 -16.62 -5.21 54.58
C ILE I 15 -17.04 -3.81 54.99
N ASP I 16 -18.36 -3.62 55.09
CA ASP I 16 -18.89 -2.34 55.49
C ASP I 16 -18.46 -1.25 54.51
N GLY I 17 -18.30 -1.63 53.24
CA GLY I 17 -17.91 -0.67 52.22
C GLY I 17 -16.43 -0.59 51.84
N ASN I 18 -15.54 -0.98 52.76
CA ASN I 18 -14.10 -0.95 52.51
C ASN I 18 -13.62 -2.27 51.95
N LEU I 19 -12.48 -2.26 51.26
CA LEU I 19 -11.94 -3.48 50.67
C LEU I 19 -11.36 -4.39 51.73
N ALA I 20 -11.68 -5.68 51.65
CA ALA I 20 -11.20 -6.67 52.61
C ALA I 20 -10.19 -7.65 52.01
N GLY I 21 -10.14 -7.73 50.69
CA GLY I 21 -9.22 -8.64 50.06
C GLY I 21 -9.90 -9.64 49.12
N ARG I 22 -9.08 -10.44 48.45
CA ARG I 22 -9.59 -11.41 47.49
C ARG I 22 -9.51 -12.87 47.92
N ILE I 23 -10.62 -13.58 47.81
CA ILE I 23 -10.66 -15.01 48.14
C ILE I 23 -10.59 -15.79 46.83
N VAL I 24 -9.59 -16.65 46.69
CA VAL I 24 -9.48 -17.44 45.47
C VAL I 24 -9.67 -18.92 45.77
N MET I 25 -10.68 -19.51 45.14
CA MET I 25 -11.00 -20.91 45.33
C MET I 25 -10.75 -21.69 44.05
N GLU I 26 -10.45 -22.98 44.21
CA GLU I 26 -10.21 -23.86 43.07
C GLU I 26 -11.32 -24.90 43.09
N LEU I 27 -12.02 -25.03 41.97
CA LEU I 27 -13.11 -25.98 41.88
C LEU I 27 -12.64 -27.34 41.38
N TYR I 28 -13.25 -28.39 41.92
CA TYR I 28 -12.93 -29.75 41.55
C TYR I 28 -13.96 -30.24 40.54
N ASN I 29 -13.87 -29.73 39.32
CA ASN I 29 -14.80 -30.12 38.27
C ASN I 29 -14.72 -31.63 38.04
N ASP I 30 -13.52 -32.18 38.18
CA ASP I 30 -13.29 -33.60 37.99
C ASP I 30 -13.97 -34.50 39.00
N ILE I 31 -14.41 -33.94 40.13
CA ILE I 31 -15.07 -34.74 41.15
C ILE I 31 -16.53 -34.35 41.30
N ALA I 32 -16.85 -33.10 41.00
CA ALA I 32 -18.22 -32.62 41.11
C ALA I 32 -18.50 -31.55 40.04
N PRO I 33 -18.51 -31.96 38.76
CA PRO I 33 -18.76 -31.03 37.65
C PRO I 33 -20.06 -30.25 37.80
N ARG I 34 -21.15 -30.97 38.06
CA ARG I 34 -22.47 -30.34 38.22
C ARG I 34 -22.41 -29.14 39.14
N THR I 35 -21.98 -29.38 40.37
CA THR I 35 -21.89 -28.33 41.37
C THR I 35 -20.84 -27.28 41.03
N CYS I 36 -19.69 -27.73 40.52
CA CYS I 36 -18.60 -26.84 40.15
C CYS I 36 -19.01 -25.91 39.03
N ASN I 37 -19.67 -26.47 38.02
CA ASN I 37 -20.13 -25.69 36.88
C ASN I 37 -21.12 -24.62 37.32
N ASN I 38 -21.96 -24.95 38.29
CA ASN I 38 -22.97 -24.03 38.80
C ASN I 38 -22.35 -22.85 39.53
N PHE I 39 -21.37 -23.13 40.39
CA PHE I 39 -20.70 -22.10 41.18
C PHE I 39 -20.01 -21.08 40.29
N LEU I 40 -19.32 -21.57 39.28
CA LEU I 40 -18.60 -20.70 38.34
C LEU I 40 -19.58 -19.82 37.57
N MET I 41 -20.56 -20.44 36.92
CA MET I 41 -21.55 -19.68 36.15
C MET I 41 -22.25 -18.65 37.03
N LEU I 42 -22.22 -18.85 38.34
CA LEU I 42 -22.86 -17.92 39.25
C LEU I 42 -21.91 -16.80 39.60
N CYS I 43 -20.62 -17.02 39.32
CA CYS I 43 -19.59 -16.02 39.57
C CYS I 43 -19.47 -15.10 38.36
N THR I 44 -19.58 -15.69 37.17
CA THR I 44 -19.49 -14.97 35.91
C THR I 44 -20.84 -14.35 35.56
N GLY I 45 -21.90 -15.07 35.87
CA GLY I 45 -23.25 -14.58 35.59
C GLY I 45 -23.68 -14.86 34.16
N MET I 46 -22.86 -15.59 33.42
CA MET I 46 -23.15 -15.90 32.02
C MET I 46 -24.29 -16.91 31.79
N ALA I 47 -24.84 -17.47 32.86
CA ALA I 47 -25.92 -18.43 32.69
C ALA I 47 -27.25 -17.77 32.35
N GLY I 48 -27.40 -16.51 32.71
CA GLY I 48 -28.63 -15.81 32.41
C GLY I 48 -29.43 -15.44 33.64
N THR I 49 -30.74 -15.61 33.57
CA THR I 49 -31.61 -15.26 34.68
C THR I 49 -32.31 -16.48 35.27
N GLY I 50 -32.52 -16.44 36.59
CA GLY I 50 -33.15 -17.53 37.29
C GLY I 50 -34.58 -17.85 36.87
N LYS I 51 -34.76 -19.02 36.26
CA LYS I 51 -36.07 -19.45 35.78
C LYS I 51 -37.19 -19.25 36.81
N ILE I 52 -36.88 -19.48 38.08
CA ILE I 52 -37.89 -19.32 39.13
C ILE I 52 -37.68 -18.05 39.96
N SER I 53 -36.42 -17.61 40.07
CA SER I 53 -36.11 -16.41 40.83
C SER I 53 -36.40 -15.18 39.99
N GLY I 54 -36.24 -15.32 38.67
CA GLY I 54 -36.47 -14.21 37.78
C GLY I 54 -35.44 -13.14 38.00
N LYS I 55 -34.46 -13.43 38.85
CA LYS I 55 -33.38 -12.50 39.16
C LYS I 55 -32.11 -12.98 38.50
N PRO I 56 -31.10 -12.10 38.38
CA PRO I 56 -29.84 -12.49 37.75
C PRO I 56 -29.06 -13.57 38.50
N LEU I 57 -28.59 -14.56 37.75
CA LEU I 57 -27.81 -15.65 38.32
C LEU I 57 -26.40 -15.11 38.52
N HIS I 58 -26.23 -14.32 39.57
CA HIS I 58 -24.94 -13.71 39.84
C HIS I 58 -24.72 -13.48 41.32
N TYR I 59 -23.49 -13.74 41.78
CA TYR I 59 -23.12 -13.54 43.16
C TYR I 59 -22.72 -12.08 43.33
N LYS I 60 -22.37 -11.42 42.22
CA LYS I 60 -21.96 -10.03 42.28
C LYS I 60 -22.99 -9.20 43.04
N GLY I 61 -22.58 -8.64 44.17
CA GLY I 61 -23.50 -7.85 44.97
C GLY I 61 -24.02 -8.64 46.16
N SER I 62 -23.96 -9.97 46.09
CA SER I 62 -24.43 -10.82 47.19
C SER I 62 -23.65 -10.49 48.46
N THR I 63 -24.14 -11.03 49.57
CA THR I 63 -23.49 -10.82 50.85
C THR I 63 -23.33 -12.14 51.56
N PHE I 64 -22.54 -12.14 52.62
CA PHE I 64 -22.34 -13.30 53.46
C PHE I 64 -23.24 -12.96 54.64
N HIS I 65 -24.38 -13.64 54.73
CA HIS I 65 -25.36 -13.36 55.77
C HIS I 65 -25.24 -14.16 57.05
N ARG I 66 -24.39 -15.19 57.05
CA ARG I 66 -24.25 -16.00 58.26
C ARG I 66 -22.81 -16.44 58.55
N VAL I 67 -22.28 -16.01 59.69
CA VAL I 67 -20.92 -16.37 60.07
C VAL I 67 -20.87 -16.84 61.53
N ILE I 68 -20.12 -17.90 61.79
CA ILE I 68 -19.99 -18.45 63.15
C ILE I 68 -18.53 -18.73 63.50
N LYS I 69 -18.03 -18.04 64.52
CA LYS I 69 -16.65 -18.21 64.93
C LYS I 69 -16.24 -19.68 65.04
N ASN I 70 -15.04 -19.98 64.56
CA ASN I 70 -14.46 -21.33 64.60
C ASN I 70 -15.20 -22.33 63.72
N PHE I 71 -16.13 -21.86 62.90
CA PHE I 71 -16.88 -22.79 62.05
C PHE I 71 -16.90 -22.45 60.55
N MET I 72 -17.65 -21.43 60.16
CA MET I 72 -17.72 -21.06 58.72
C MET I 72 -18.45 -19.78 58.42
N ILE I 73 -18.37 -19.38 57.14
CA ILE I 73 -19.07 -18.20 56.68
C ILE I 73 -19.95 -18.68 55.53
N GLN I 74 -21.20 -18.21 55.53
CA GLN I 74 -22.19 -18.60 54.54
C GLN I 74 -22.68 -17.40 53.74
N GLY I 75 -22.89 -17.61 52.45
CA GLY I 75 -23.39 -16.54 51.58
C GLY I 75 -23.98 -17.15 50.33
N GLY I 76 -24.24 -16.31 49.33
CA GLY I 76 -24.78 -16.82 48.07
C GLY I 76 -26.27 -16.63 47.87
N ASP I 77 -26.97 -16.19 48.91
CA ASP I 77 -28.41 -15.98 48.79
C ASP I 77 -28.69 -14.64 48.11
N PHE I 78 -28.76 -14.66 46.78
CA PHE I 78 -28.99 -13.45 45.99
C PHE I 78 -30.42 -13.19 45.53
N THR I 79 -31.39 -13.72 46.25
CA THR I 79 -32.79 -13.48 45.90
C THR I 79 -33.52 -13.05 47.16
N LYS I 80 -32.89 -13.28 48.31
CA LYS I 80 -33.47 -12.93 49.61
C LYS I 80 -32.40 -12.40 50.56
N GLY I 81 -31.16 -12.84 50.33
CA GLY I 81 -30.05 -12.42 51.16
C GLY I 81 -30.28 -12.62 52.64
N ASP I 82 -31.06 -13.64 52.98
CA ASP I 82 -31.34 -13.91 54.39
C ASP I 82 -31.32 -15.42 54.65
N GLY I 83 -30.85 -16.17 53.67
CA GLY I 83 -30.77 -17.61 53.82
C GLY I 83 -31.98 -18.38 53.33
N THR I 84 -33.02 -17.68 52.92
CA THR I 84 -34.23 -18.33 52.43
C THR I 84 -34.21 -18.53 50.92
N GLY I 85 -33.33 -17.80 50.23
CA GLY I 85 -33.30 -17.89 48.78
C GLY I 85 -32.10 -18.42 48.03
N GLY I 86 -32.03 -18.03 46.75
CA GLY I 86 -30.96 -18.45 45.88
C GLY I 86 -31.49 -19.45 44.86
N GLU I 87 -30.78 -19.62 43.75
CA GLU I 87 -31.19 -20.56 42.73
C GLU I 87 -30.00 -20.99 41.88
N SER I 88 -30.10 -22.17 41.28
CA SER I 88 -29.02 -22.70 40.43
C SER I 88 -29.17 -22.31 38.97
N ILE I 89 -28.09 -22.47 38.22
CA ILE I 89 -28.09 -22.16 36.80
C ILE I 89 -28.93 -23.22 36.12
N TYR I 90 -29.40 -24.17 36.91
CA TYR I 90 -30.22 -25.27 36.43
C TYR I 90 -31.71 -25.06 36.72
N GLY I 91 -32.07 -23.84 37.14
CA GLY I 91 -33.46 -23.56 37.45
C GLY I 91 -33.92 -24.33 38.66
N GLY I 92 -34.32 -23.61 39.70
CA GLY I 92 -34.76 -24.27 40.92
C GLY I 92 -33.53 -24.79 41.62
N MET I 93 -33.58 -26.04 42.08
CA MET I 93 -32.45 -26.63 42.78
C MET I 93 -32.02 -27.89 42.04
N PHE I 94 -30.79 -28.35 42.28
CA PHE I 94 -30.34 -29.59 41.65
C PHE I 94 -29.94 -30.61 42.71
N ASP I 95 -29.85 -31.87 42.31
CA ASP I 95 -29.52 -32.95 43.23
C ASP I 95 -28.09 -32.87 43.75
N ASP I 96 -27.79 -33.73 44.72
CA ASP I 96 -26.48 -33.81 45.32
C ASP I 96 -25.66 -34.81 44.53
N GLU I 97 -24.47 -34.41 44.10
CA GLU I 97 -23.63 -35.34 43.35
C GLU I 97 -23.08 -36.29 44.42
N GLU I 98 -22.23 -37.22 44.03
CA GLU I 98 -21.68 -38.13 45.03
C GLU I 98 -20.87 -37.30 46.01
N PHE I 99 -21.01 -37.61 47.31
CA PHE I 99 -20.30 -36.89 48.36
C PHE I 99 -18.85 -37.35 48.49
N VAL I 100 -18.11 -37.22 47.40
CA VAL I 100 -16.70 -37.62 47.36
C VAL I 100 -15.79 -36.83 48.30
N MET I 101 -15.77 -35.51 48.12
CA MET I 101 -14.93 -34.62 48.94
C MET I 101 -15.56 -34.43 50.32
N LYS I 102 -14.71 -34.29 51.34
CA LYS I 102 -15.19 -34.12 52.71
C LYS I 102 -14.77 -32.79 53.35
N HIS I 103 -15.34 -32.50 54.51
CA HIS I 103 -15.02 -31.29 55.26
C HIS I 103 -13.94 -31.65 56.26
N ASP I 104 -13.05 -32.53 55.82
CA ASP I 104 -11.93 -33.03 56.62
C ASP I 104 -10.84 -31.97 56.82
N GLU I 105 -10.96 -30.86 56.09
CA GLU I 105 -10.00 -29.76 56.18
C GLU I 105 -10.70 -28.40 56.25
N PRO I 106 -9.98 -27.37 56.71
CA PRO I 106 -10.59 -26.05 56.79
C PRO I 106 -10.46 -25.43 55.41
N PHE I 107 -11.23 -24.38 55.17
CA PHE I 107 -11.21 -23.66 53.89
C PHE I 107 -11.69 -24.43 52.67
N VAL I 108 -12.60 -25.38 52.86
CA VAL I 108 -13.16 -26.11 51.74
C VAL I 108 -14.42 -25.31 51.40
N VAL I 109 -14.91 -25.45 50.17
CA VAL I 109 -16.12 -24.72 49.77
C VAL I 109 -17.20 -25.76 49.61
N SER I 110 -18.36 -25.53 50.23
CA SER I 110 -19.43 -26.51 50.17
C SER I 110 -20.84 -25.95 50.00
N MET I 111 -21.72 -26.76 49.43
CA MET I 111 -23.09 -26.35 49.20
C MET I 111 -23.96 -26.36 50.45
N ALA I 112 -24.55 -25.21 50.75
CA ALA I 112 -25.45 -25.13 51.88
C ALA I 112 -26.72 -25.68 51.25
N ASN I 113 -27.67 -26.10 52.07
CA ASN I 113 -28.92 -26.64 51.55
C ASN I 113 -29.96 -26.69 52.66
N LYS I 114 -30.98 -27.51 52.48
CA LYS I 114 -32.04 -27.66 53.48
C LYS I 114 -32.64 -29.06 53.41
N GLY I 115 -31.83 -30.01 52.97
CA GLY I 115 -32.30 -31.38 52.86
C GLY I 115 -31.68 -32.05 51.65
N PRO I 116 -32.05 -33.30 51.37
CA PRO I 116 -31.50 -34.05 50.24
C PRO I 116 -31.83 -33.36 48.92
N ASN I 117 -30.85 -33.29 48.04
CA ASN I 117 -31.02 -32.65 46.74
C ASN I 117 -31.79 -31.33 46.79
N THR I 118 -31.20 -30.31 47.39
CA THR I 118 -31.83 -28.98 47.46
C THR I 118 -30.79 -27.88 47.28
N ASN I 119 -29.78 -28.17 46.47
CA ASN I 119 -28.70 -27.22 46.20
C ASN I 119 -29.21 -26.07 45.33
N GLY I 120 -29.02 -24.85 45.83
CA GLY I 120 -29.46 -23.67 45.09
C GLY I 120 -28.25 -22.85 44.67
N SER I 121 -27.99 -21.79 45.42
CA SER I 121 -26.86 -20.91 45.13
C SER I 121 -26.05 -20.64 46.40
N GLN I 122 -26.66 -20.91 47.56
CA GLN I 122 -25.98 -20.68 48.82
C GLN I 122 -24.86 -21.69 49.05
N PHE I 123 -23.74 -21.16 49.53
CA PHE I 123 -22.55 -21.96 49.79
C PHE I 123 -21.92 -21.47 51.10
N PHE I 124 -20.81 -22.10 51.47
CA PHE I 124 -20.10 -21.72 52.68
C PHE I 124 -18.66 -22.18 52.63
N ILE I 125 -17.81 -21.48 53.36
CA ILE I 125 -16.39 -21.79 53.43
C ILE I 125 -16.07 -22.02 54.90
N THR I 126 -15.67 -23.24 55.22
CA THR I 126 -15.34 -23.61 56.58
C THR I 126 -13.95 -23.07 56.91
N THR I 127 -13.65 -22.96 58.20
CA THR I 127 -12.35 -22.49 58.67
C THR I 127 -11.80 -23.50 59.67
N THR I 128 -12.45 -24.67 59.73
CA THR I 128 -12.05 -25.77 60.60
C THR I 128 -12.71 -27.06 60.11
N PRO I 129 -12.10 -28.21 60.38
CA PRO I 129 -12.74 -29.43 59.91
C PRO I 129 -14.18 -29.42 60.38
N ALA I 130 -15.06 -30.02 59.58
CA ALA I 130 -16.47 -30.09 59.91
C ALA I 130 -17.03 -31.40 59.40
N PRO I 131 -16.45 -32.53 59.83
CA PRO I 131 -16.86 -33.88 59.44
C PRO I 131 -18.32 -34.26 59.65
N HIS I 132 -18.99 -33.62 60.60
CA HIS I 132 -20.40 -33.93 60.85
C HIS I 132 -21.28 -33.47 59.69
N LEU I 133 -20.67 -32.86 58.67
CA LEU I 133 -21.39 -32.38 57.50
C LEU I 133 -21.15 -33.25 56.28
N ASN I 134 -20.23 -34.20 56.42
CA ASN I 134 -19.91 -35.12 55.34
C ASN I 134 -21.15 -35.94 54.97
N ASN I 135 -21.35 -36.16 53.68
CA ASN I 135 -22.48 -36.95 53.18
C ASN I 135 -23.85 -36.30 53.19
N ILE I 136 -23.91 -35.01 53.50
CA ILE I 136 -25.17 -34.29 53.46
C ILE I 136 -24.98 -32.95 52.76
N HIS I 137 -23.73 -32.50 52.71
CA HIS I 137 -23.35 -31.26 52.03
C HIS I 137 -22.19 -31.56 51.07
N VAL I 138 -22.39 -31.19 49.80
CA VAL I 138 -21.39 -31.42 48.77
C VAL I 138 -20.21 -30.47 48.80
N VAL I 139 -19.04 -31.02 49.08
CA VAL I 139 -17.82 -30.24 49.11
C VAL I 139 -17.35 -30.25 47.66
N PHE I 140 -17.02 -29.07 47.12
CA PHE I 140 -16.60 -29.02 45.73
C PHE I 140 -15.41 -28.13 45.41
N GLY I 141 -14.86 -27.46 46.42
CA GLY I 141 -13.73 -26.58 46.17
C GLY I 141 -12.87 -26.32 47.38
N LYS I 142 -11.78 -25.57 47.18
CA LYS I 142 -10.86 -25.26 48.26
C LYS I 142 -10.29 -23.87 48.07
N VAL I 143 -10.09 -23.17 49.18
CA VAL I 143 -9.54 -21.83 49.15
C VAL I 143 -8.04 -21.90 48.89
N VAL I 144 -7.61 -21.42 47.72
CA VAL I 144 -6.20 -21.44 47.35
C VAL I 144 -5.46 -20.20 47.86
N SER I 145 -6.19 -19.12 48.09
CA SER I 145 -5.60 -17.89 48.59
C SER I 145 -6.65 -16.94 49.16
N GLY I 146 -6.23 -16.09 50.08
CA GLY I 146 -7.16 -15.17 50.70
C GLY I 146 -7.79 -15.82 51.91
N GLN I 147 -7.13 -16.84 52.44
CA GLN I 147 -7.64 -17.53 53.62
C GLN I 147 -7.86 -16.52 54.74
N GLU I 148 -7.00 -15.51 54.83
CA GLU I 148 -7.12 -14.51 55.88
C GLU I 148 -8.39 -13.65 55.74
N VAL I 149 -8.86 -13.49 54.51
CA VAL I 149 -10.07 -12.72 54.27
C VAL I 149 -11.21 -13.49 54.91
N VAL I 150 -11.22 -14.81 54.69
CA VAL I 150 -12.24 -15.66 55.27
C VAL I 150 -12.20 -15.57 56.80
N THR I 151 -11.02 -15.70 57.39
CA THR I 151 -10.86 -15.65 58.84
C THR I 151 -11.35 -14.30 59.37
N LYS I 152 -11.01 -13.23 58.65
CA LYS I 152 -11.43 -11.87 59.02
C LYS I 152 -12.96 -11.80 59.09
N ILE I 153 -13.60 -12.14 57.96
CA ILE I 153 -15.05 -12.13 57.88
C ILE I 153 -15.68 -12.98 58.98
N GLU I 154 -15.11 -14.14 59.24
CA GLU I 154 -15.64 -15.04 60.25
C GLU I 154 -15.70 -14.50 61.68
N TYR I 155 -14.71 -13.72 62.08
CA TYR I 155 -14.70 -13.20 63.44
C TYR I 155 -15.30 -11.81 63.65
N LEU I 156 -16.22 -11.41 62.77
CA LEU I 156 -16.88 -10.10 62.89
C LEU I 156 -17.99 -10.17 63.95
N LYS I 157 -18.30 -9.03 64.56
CA LYS I 157 -19.37 -8.99 65.55
C LYS I 157 -20.64 -9.30 64.79
N THR I 158 -21.50 -10.12 65.38
CA THR I 158 -22.76 -10.47 64.72
C THR I 158 -23.96 -10.14 65.59
N ASN I 159 -25.15 -10.29 65.02
CA ASN I 159 -26.37 -10.06 65.78
C ASN I 159 -26.72 -11.44 66.34
N SER I 160 -27.79 -11.51 67.12
CA SER I 160 -28.21 -12.78 67.72
C SER I 160 -28.53 -13.88 66.71
N LYS I 161 -28.58 -13.54 65.43
CA LYS I 161 -28.90 -14.54 64.42
C LYS I 161 -27.67 -14.90 63.58
N ASN I 162 -26.52 -14.45 64.05
CA ASN I 162 -25.24 -14.70 63.41
C ASN I 162 -24.99 -13.92 62.13
N ARG I 163 -25.81 -12.91 61.88
CA ARG I 163 -25.64 -12.07 60.70
C ARG I 163 -24.59 -11.03 61.08
N PRO I 164 -23.60 -10.81 60.21
CA PRO I 164 -22.57 -9.82 60.51
C PRO I 164 -23.19 -8.42 60.70
N LEU I 165 -22.68 -7.66 61.66
CA LEU I 165 -23.19 -6.30 61.86
C LEU I 165 -22.82 -5.46 60.65
N ALA I 166 -21.52 -5.46 60.31
CA ALA I 166 -21.03 -4.72 59.16
C ALA I 166 -21.40 -5.54 57.94
N ASP I 167 -21.76 -4.88 56.84
CA ASP I 167 -22.14 -5.61 55.64
C ASP I 167 -20.97 -6.13 54.86
N VAL I 168 -20.95 -7.44 54.65
CA VAL I 168 -19.90 -8.12 53.92
C VAL I 168 -20.46 -8.39 52.54
N VAL I 169 -19.94 -7.65 51.56
CA VAL I 169 -20.41 -7.77 50.19
C VAL I 169 -19.39 -8.29 49.18
N ILE I 170 -19.89 -8.99 48.17
CA ILE I 170 -19.07 -9.53 47.10
C ILE I 170 -19.05 -8.44 46.02
N LEU I 171 -18.03 -7.59 46.07
CA LEU I 171 -17.88 -6.50 45.11
C LEU I 171 -17.71 -7.03 43.69
N ASN I 172 -16.71 -7.89 43.50
CA ASN I 172 -16.46 -8.49 42.20
C ASN I 172 -16.38 -10.01 42.32
N CYS I 173 -16.36 -10.70 41.19
CA CYS I 173 -16.24 -12.15 41.17
C CYS I 173 -16.23 -12.62 39.73
N GLY I 174 -15.61 -13.77 39.51
CA GLY I 174 -15.50 -14.34 38.18
C GLY I 174 -14.50 -15.46 38.14
N GLU I 175 -13.89 -15.67 36.97
CA GLU I 175 -12.90 -16.73 36.81
C GLU I 175 -11.50 -16.21 36.52
N LEU I 176 -10.50 -16.87 37.10
CA LEU I 176 -9.13 -16.49 36.87
C LEU I 176 -8.60 -17.50 35.86
N VAL I 177 -8.88 -17.25 34.59
CA VAL I 177 -8.43 -18.16 33.53
C VAL I 177 -6.93 -18.00 33.31
N DAL J 1 -26.61 -24.92 67.11
CA DAL J 1 -25.42 -25.76 66.97
CB DAL J 1 -24.55 -25.64 68.21
C DAL J 1 -24.60 -25.34 65.75
O DAL J 1 -24.42 -24.16 65.51
N MLE J 2 -24.14 -26.32 64.97
CN MLE J 2 -24.48 -27.76 65.25
CA MLE J 2 -23.31 -25.99 63.81
CB MLE J 2 -21.87 -26.47 64.05
CG MLE J 2 -21.19 -26.08 65.38
CD1 MLE J 2 -19.82 -26.74 65.47
CD2 MLE J 2 -21.08 -24.56 65.47
C MLE J 2 -23.79 -26.53 62.46
O MLE J 2 -23.13 -27.37 61.86
N MLE J 3 -24.95 -26.08 62.00
CN MLE J 3 -25.81 -25.17 62.83
CA MLE J 3 -25.44 -26.53 60.69
CB MLE J 3 -26.87 -27.08 60.81
CG MLE J 3 -27.05 -28.37 61.63
CD1 MLE J 3 -28.53 -28.79 61.62
CD2 MLE J 3 -26.16 -29.47 61.04
C MLE J 3 -25.41 -25.38 59.67
O MLE J 3 -25.34 -24.21 60.04
N MVA J 4 -25.41 -25.72 58.37
CN MVA J 4 -25.34 -27.17 57.97
CA MVA J 4 -25.46 -24.68 57.34
CB MVA J 4 -24.20 -24.70 56.43
CG1 MVA J 4 -24.22 -23.52 55.47
CG2 MVA J 4 -22.93 -24.66 57.29
C MVA J 4 -26.70 -24.93 56.48
O MVA J 4 -26.61 -25.57 55.43
N BMT J 5 -27.86 -24.47 56.95
CN BMT J 5 -27.88 -23.58 58.17
CA BMT J 5 -29.10 -24.71 56.20
C BMT J 5 -29.72 -23.44 55.64
O BMT J 5 -29.51 -22.34 56.17
CB BMT J 5 -30.19 -25.45 57.07
OG1 BMT J 5 -30.49 -24.69 58.24
CG2 BMT J 5 -29.71 -26.87 57.47
CD1 BMT J 5 -29.05 -27.56 56.29
CD2 BMT J 5 -30.90 -27.72 57.96
CE BMT J 5 -30.53 -29.12 58.53
CZ BMT J 5 -29.76 -30.06 57.75
CH BMT J 5 -29.34 -31.43 58.30
N ABA J 6 -30.47 -23.61 54.56
CA ABA J 6 -31.13 -22.51 53.87
C ABA J 6 -32.63 -22.54 54.13
O ABA J 6 -33.36 -23.30 53.46
CB ABA J 6 -30.86 -22.59 52.36
CG ABA J 6 -29.41 -22.74 52.00
N SAR J 7 -33.11 -21.74 55.07
CA SAR J 7 -34.54 -21.73 55.35
C SAR J 7 -34.80 -21.89 56.84
O SAR J 7 -35.13 -20.92 57.51
CN SAR J 7 -32.18 -20.94 55.93
N MLE J 8 -34.65 -23.10 57.36
CN MLE J 8 -34.20 -24.26 56.52
CA MLE J 8 -34.89 -23.30 58.79
CB MLE J 8 -35.84 -24.49 59.01
CG MLE J 8 -36.36 -24.64 60.46
CD1 MLE J 8 -37.12 -23.38 60.87
CD2 MLE J 8 -37.27 -25.86 60.55
C MLE J 8 -33.57 -23.56 59.50
O MLE J 8 -33.04 -24.66 59.50
N VAL J 9 -33.04 -22.50 60.12
CA VAL J 9 -31.77 -22.58 60.83
C VAL J 9 -31.93 -23.19 62.22
N MLE J 10 -31.14 -24.22 62.51
CN MLE J 10 -30.16 -24.72 61.49
CA MLE J 10 -31.21 -24.86 63.82
CB MLE J 10 -31.20 -26.39 63.69
CG MLE J 10 -32.22 -27.01 62.73
CD1 MLE J 10 -32.26 -28.52 62.96
CD2 MLE J 10 -33.61 -26.42 62.98
C MLE J 10 -30.03 -24.39 64.64
O MLE J 10 -29.12 -23.75 64.13
N ALA J 11 -30.02 -24.71 65.92
CA ALA J 11 -28.92 -24.31 66.78
C ALA J 11 -27.76 -25.25 66.53
N LYS K 3 -8.06 12.24 -48.83
CA LYS K 3 -7.04 12.69 -49.83
C LYS K 3 -7.09 14.20 -50.04
N LYS K 4 -8.28 14.78 -49.89
CA LYS K 4 -8.45 16.23 -50.03
C LYS K 4 -7.66 16.86 -48.88
N ASP K 5 -7.43 16.05 -47.85
CA ASP K 5 -6.70 16.46 -46.66
C ASP K 5 -5.19 16.53 -46.88
N ARG K 6 -4.66 15.57 -47.65
CA ARG K 6 -3.23 15.52 -47.90
C ARG K 6 -2.65 16.89 -48.27
N ARG K 7 -1.55 17.24 -47.63
CA ARG K 7 -0.90 18.53 -47.84
C ARG K 7 0.53 18.36 -48.36
N ARG K 8 1.10 19.45 -48.88
CA ARG K 8 2.47 19.42 -49.39
C ARG K 8 3.33 20.48 -48.74
N VAL K 9 4.52 20.06 -48.30
CA VAL K 9 5.50 20.94 -47.67
C VAL K 9 6.81 20.78 -48.43
N PHE K 10 7.73 21.70 -48.24
CA PHE K 10 9.02 21.63 -48.94
C PHE K 10 10.20 21.93 -48.04
N LEU K 11 11.40 21.52 -48.48
CA LEU K 11 12.61 21.78 -47.74
C LEU K 11 13.68 22.28 -48.69
N ASP K 12 14.13 23.51 -48.50
CA ASP K 12 15.20 24.05 -49.35
C ASP K 12 16.49 23.77 -48.61
N VAL K 13 17.42 23.10 -49.28
CA VAL K 13 18.67 22.69 -48.67
C VAL K 13 19.96 23.28 -49.23
N THR K 14 20.88 23.56 -48.31
CA THR K 14 22.18 24.06 -48.69
C THR K 14 23.20 23.05 -48.16
N ILE K 15 24.25 22.84 -48.93
CA ILE K 15 25.33 21.95 -48.55
C ILE K 15 26.57 22.82 -48.50
N ASP K 16 26.97 23.19 -47.29
CA ASP K 16 28.15 24.00 -47.09
C ASP K 16 27.96 25.41 -47.69
N GLY K 17 26.73 25.90 -47.64
CA GLY K 17 26.46 27.22 -48.18
C GLY K 17 25.89 27.24 -49.60
N ASN K 18 26.23 26.22 -50.38
CA ASN K 18 25.72 26.15 -51.75
C ASN K 18 24.33 25.53 -51.76
N LEU K 19 23.50 25.99 -52.69
CA LEU K 19 22.13 25.48 -52.83
C LEU K 19 22.20 24.06 -53.38
N ALA K 20 21.36 23.18 -52.87
CA ALA K 20 21.36 21.79 -53.32
C ALA K 20 20.01 21.41 -53.89
N GLY K 21 19.08 22.37 -53.88
CA GLY K 21 17.76 22.10 -54.41
C GLY K 21 16.72 22.01 -53.32
N ARG K 22 15.50 21.73 -53.73
CA ARG K 22 14.36 21.62 -52.83
C ARG K 22 13.74 20.22 -52.80
N ILE K 23 13.37 19.77 -51.62
CA ILE K 23 12.74 18.47 -51.46
C ILE K 23 11.25 18.72 -51.23
N VAL K 24 10.40 18.09 -52.01
CA VAL K 24 8.96 18.29 -51.84
C VAL K 24 8.30 17.02 -51.33
N MET K 25 7.55 17.14 -50.24
CA MET K 25 6.88 16.00 -49.64
C MET K 25 5.37 16.22 -49.56
N GLU K 26 4.63 15.15 -49.81
CA GLU K 26 3.18 15.14 -49.73
C GLU K 26 2.91 14.39 -48.43
N LEU K 27 2.24 15.05 -47.49
CA LEU K 27 1.97 14.41 -46.20
C LEU K 27 0.61 13.72 -46.24
N TYR K 28 0.55 12.50 -45.73
CA TYR K 28 -0.70 11.75 -45.73
C TYR K 28 -1.56 12.05 -44.49
N ASN K 29 -2.17 13.23 -44.46
CA ASN K 29 -3.01 13.62 -43.33
C ASN K 29 -4.14 12.63 -43.06
N ASP K 30 -4.71 12.07 -44.13
CA ASP K 30 -5.81 11.13 -43.97
C ASP K 30 -5.37 9.81 -43.34
N ILE K 31 -4.07 9.64 -43.10
CA ILE K 31 -3.56 8.41 -42.50
C ILE K 31 -2.85 8.65 -41.17
N ALA K 32 -2.10 9.74 -41.08
CA ALA K 32 -1.36 10.08 -39.87
C ALA K 32 -1.51 11.57 -39.61
N PRO K 33 -2.75 12.02 -39.29
CA PRO K 33 -3.13 13.41 -39.01
C PRO K 33 -2.29 14.20 -38.00
N ARG K 34 -2.16 13.68 -36.78
CA ARG K 34 -1.37 14.37 -35.76
C ARG K 34 0.08 14.48 -36.19
N THR K 35 0.60 13.40 -36.75
CA THR K 35 1.98 13.38 -37.20
C THR K 35 2.19 14.37 -38.35
N CYS K 36 1.31 14.33 -39.35
CA CYS K 36 1.42 15.24 -40.50
C CYS K 36 1.26 16.68 -40.07
N ASN K 37 0.33 16.92 -39.16
CA ASN K 37 0.09 18.26 -38.67
C ASN K 37 1.34 18.74 -37.92
N ASN K 38 1.99 17.83 -37.20
CA ASN K 38 3.20 18.21 -36.47
C ASN K 38 4.30 18.69 -37.42
N PHE K 39 4.56 17.89 -38.45
CA PHE K 39 5.58 18.19 -39.45
C PHE K 39 5.24 19.48 -40.19
N LEU K 40 3.99 19.57 -40.67
CA LEU K 40 3.53 20.75 -41.39
C LEU K 40 3.83 22.00 -40.57
N MET K 41 3.33 22.02 -39.33
CA MET K 41 3.54 23.16 -38.46
C MET K 41 5.01 23.42 -38.18
N LEU K 42 5.82 22.36 -38.10
CA LEU K 42 7.24 22.56 -37.86
C LEU K 42 7.92 23.16 -39.09
N CYS K 43 7.32 22.95 -40.26
CA CYS K 43 7.83 23.48 -41.52
C CYS K 43 7.43 24.95 -41.67
N THR K 44 6.23 25.30 -41.19
CA THR K 44 5.75 26.67 -41.29
C THR K 44 6.06 27.51 -40.05
N GLY K 45 6.43 26.84 -38.95
CA GLY K 45 6.77 27.52 -37.72
C GLY K 45 5.64 28.35 -37.10
N MET K 46 4.41 28.04 -37.46
CA MET K 46 3.23 28.76 -36.95
C MET K 46 2.72 28.23 -35.61
N ALA K 47 3.59 27.59 -34.84
CA ALA K 47 3.20 27.05 -33.54
C ALA K 47 3.85 27.80 -32.38
N GLY K 48 4.74 28.74 -32.69
CA GLY K 48 5.40 29.50 -31.64
C GLY K 48 6.67 28.85 -31.13
N THR K 49 6.88 28.87 -29.81
CA THR K 49 8.07 28.23 -29.25
C THR K 49 7.66 26.95 -28.56
N GLY K 50 8.65 26.15 -28.16
CA GLY K 50 8.38 24.89 -27.49
C GLY K 50 8.15 25.06 -26.00
N LYS K 51 7.35 24.18 -25.42
CA LYS K 51 7.05 24.24 -23.99
C LYS K 51 8.30 23.96 -23.15
N ILE K 52 8.99 22.88 -23.50
CA ILE K 52 10.20 22.48 -22.79
C ILE K 52 11.46 23.12 -23.37
N SER K 53 11.68 22.92 -24.68
CA SER K 53 12.86 23.46 -25.35
C SER K 53 12.97 24.97 -25.24
N GLY K 54 11.83 25.66 -25.32
CA GLY K 54 11.84 27.11 -25.24
C GLY K 54 12.31 27.77 -26.53
N LYS K 55 12.50 26.96 -27.58
CA LYS K 55 12.96 27.47 -28.87
C LYS K 55 11.84 27.47 -29.90
N PRO K 56 12.03 28.19 -31.01
CA PRO K 56 10.96 28.19 -32.00
C PRO K 56 10.72 26.83 -32.63
N LEU K 57 9.46 26.41 -32.66
CA LEU K 57 9.09 25.14 -33.27
C LEU K 57 9.16 25.41 -34.76
N HIS K 58 10.36 25.26 -35.33
CA HIS K 58 10.57 25.54 -36.73
C HIS K 58 11.79 24.78 -37.23
N TYR K 59 11.67 24.13 -38.39
CA TYR K 59 12.79 23.38 -38.94
C TYR K 59 13.82 24.31 -39.57
N LYS K 60 13.38 25.45 -40.09
CA LYS K 60 14.28 26.41 -40.74
C LYS K 60 15.56 26.64 -39.94
N GLY K 61 16.70 26.39 -40.56
CA GLY K 61 17.96 26.59 -39.86
C GLY K 61 18.51 25.34 -39.22
N SER K 62 17.66 24.34 -39.02
CA SER K 62 18.09 23.08 -38.42
C SER K 62 18.96 22.35 -39.45
N THR K 63 19.50 21.21 -39.07
CA THR K 63 20.37 20.46 -39.97
C THR K 63 19.96 19.01 -40.19
N PHE K 64 20.77 18.31 -41.00
CA PHE K 64 20.62 16.88 -41.27
C PHE K 64 21.93 16.40 -40.62
N HIS K 65 21.83 16.02 -39.36
CA HIS K 65 22.98 15.60 -38.56
C HIS K 65 23.48 14.17 -38.75
N ARG K 66 22.66 13.30 -39.34
CA ARG K 66 23.08 11.92 -39.50
C ARG K 66 22.63 11.36 -40.84
N VAL K 67 23.56 10.77 -41.58
CA VAL K 67 23.25 10.18 -42.88
C VAL K 67 23.95 8.84 -43.01
N ILE K 68 23.25 7.86 -43.55
CA ILE K 68 23.81 6.53 -43.76
C ILE K 68 23.62 6.09 -45.22
N LYS K 69 24.74 5.79 -45.88
CA LYS K 69 24.73 5.34 -47.26
C LYS K 69 23.80 4.17 -47.49
N ASN K 70 23.01 4.23 -48.57
CA ASN K 70 22.05 3.18 -48.92
C ASN K 70 20.92 3.03 -47.90
N PHE K 71 20.71 4.05 -47.06
CA PHE K 71 19.68 3.94 -46.03
C PHE K 71 18.80 5.18 -45.88
N MET K 72 19.30 6.21 -45.19
CA MET K 72 18.50 7.41 -45.04
C MET K 72 19.27 8.61 -44.53
N ILE K 73 18.59 9.76 -44.50
CA ILE K 73 19.20 10.97 -43.97
C ILE K 73 18.23 11.38 -42.87
N GLN K 74 18.75 11.61 -41.68
CA GLN K 74 17.94 11.98 -40.52
C GLN K 74 18.24 13.40 -40.09
N GLY K 75 17.20 14.12 -39.67
CA GLY K 75 17.36 15.49 -39.22
C GLY K 75 16.16 15.95 -38.42
N GLY K 76 16.00 17.25 -38.27
CA GLY K 76 14.86 17.77 -37.53
C GLY K 76 15.11 18.09 -36.07
N ASP K 77 16.34 17.90 -35.61
CA ASP K 77 16.67 18.21 -34.23
C ASP K 77 17.07 19.68 -34.11
N PHE K 78 16.08 20.56 -33.96
CA PHE K 78 16.37 21.97 -33.85
C PHE K 78 16.69 22.50 -32.46
N THR K 79 16.62 21.67 -31.43
CA THR K 79 16.94 22.15 -30.09
C THR K 79 18.39 21.79 -29.73
N LYS K 80 18.85 20.62 -30.18
CA LYS K 80 20.21 20.19 -29.87
C LYS K 80 21.05 19.90 -31.11
N GLY K 81 20.42 19.89 -32.28
CA GLY K 81 21.13 19.64 -33.52
C GLY K 81 22.19 18.53 -33.50
N ASP K 82 21.90 17.43 -32.83
CA ASP K 82 22.84 16.32 -32.77
C ASP K 82 22.14 14.98 -32.61
N GLY K 83 20.82 14.98 -32.67
CA GLY K 83 20.08 13.75 -32.55
C GLY K 83 19.55 13.47 -31.15
N THR K 84 19.97 14.26 -30.18
CA THR K 84 19.52 14.08 -28.80
C THR K 84 18.33 14.98 -28.44
N GLY K 85 17.92 15.84 -29.37
CA GLY K 85 16.83 16.74 -29.07
C GLY K 85 15.60 16.74 -29.97
N GLY K 86 14.92 17.87 -29.99
CA GLY K 86 13.72 18.00 -30.80
C GLY K 86 12.49 18.00 -29.93
N GLU K 87 11.47 18.73 -30.36
CA GLU K 87 10.22 18.82 -29.62
C GLU K 87 9.07 19.02 -30.60
N SER K 88 7.92 18.44 -30.30
CA SER K 88 6.77 18.58 -31.18
C SER K 88 5.96 19.81 -30.82
N ILE K 89 4.97 20.12 -31.64
CA ILE K 89 4.09 21.27 -31.42
C ILE K 89 3.14 21.04 -30.25
N TYR K 90 3.00 19.78 -29.84
CA TYR K 90 2.11 19.42 -28.73
C TYR K 90 2.81 19.53 -27.38
N GLY K 91 4.04 20.02 -27.40
CA GLY K 91 4.79 20.13 -26.15
C GLY K 91 5.40 18.79 -25.80
N GLY K 92 6.73 18.73 -25.79
CA GLY K 92 7.37 17.47 -25.48
C GLY K 92 7.10 16.48 -26.60
N MET K 93 6.85 15.22 -26.27
CA MET K 93 6.61 14.19 -27.27
C MET K 93 5.15 13.81 -27.42
N PHE K 94 4.83 13.11 -28.50
CA PHE K 94 3.47 12.65 -28.72
C PHE K 94 3.50 11.19 -29.15
N ASP K 95 2.37 10.50 -29.00
CA ASP K 95 2.29 9.07 -29.29
C ASP K 95 2.34 8.60 -30.75
N ASP K 96 2.58 7.30 -30.91
CA ASP K 96 2.65 6.68 -32.22
C ASP K 96 1.25 6.43 -32.74
N GLU K 97 0.90 7.05 -33.86
CA GLU K 97 -0.41 6.82 -34.46
C GLU K 97 -0.34 5.42 -35.06
N GLU K 98 -1.46 4.86 -35.48
CA GLU K 98 -1.45 3.52 -36.03
C GLU K 98 -0.46 3.35 -37.20
N PHE K 99 0.39 2.33 -37.12
CA PHE K 99 1.39 2.08 -38.16
C PHE K 99 0.81 1.59 -39.49
N VAL K 100 0.04 2.43 -40.17
CA VAL K 100 -0.53 2.04 -41.46
C VAL K 100 0.50 2.08 -42.59
N MET K 101 1.00 3.27 -42.93
CA MET K 101 2.00 3.37 -44.00
C MET K 101 3.26 2.60 -43.59
N LYS K 102 3.97 2.08 -44.58
CA LYS K 102 5.17 1.31 -44.33
C LYS K 102 6.41 1.89 -45.00
N HIS K 103 7.55 1.22 -44.82
CA HIS K 103 8.81 1.63 -45.40
C HIS K 103 9.17 0.62 -46.50
N ASP K 104 8.14 0.14 -47.20
CA ASP K 104 8.34 -0.86 -48.25
C ASP K 104 8.91 -0.23 -49.51
N GLU K 105 8.50 1.00 -49.79
CA GLU K 105 9.02 1.69 -50.96
C GLU K 105 10.04 2.73 -50.50
N PRO K 106 10.91 3.18 -51.41
CA PRO K 106 11.91 4.17 -51.01
C PRO K 106 11.34 5.59 -50.98
N PHE K 107 12.13 6.51 -50.43
CA PHE K 107 11.76 7.91 -50.34
C PHE K 107 10.49 8.26 -49.57
N VAL K 108 10.25 7.54 -48.47
CA VAL K 108 9.10 7.85 -47.64
C VAL K 108 9.65 8.75 -46.55
N VAL K 109 8.77 9.50 -45.91
CA VAL K 109 9.17 10.39 -44.83
C VAL K 109 8.64 9.70 -43.57
N SER K 110 9.51 9.46 -42.60
CA SER K 110 9.13 8.77 -41.37
C SER K 110 9.71 9.41 -40.11
N MET K 111 9.03 9.23 -38.97
CA MET K 111 9.46 9.81 -37.71
C MET K 111 10.56 9.03 -37.00
N ALA K 112 11.58 9.73 -36.54
CA ALA K 112 12.65 9.10 -35.80
C ALA K 112 12.15 9.09 -34.37
N ASN K 113 12.60 8.15 -33.55
CA ASN K 113 12.14 8.10 -32.16
C ASN K 113 13.18 7.47 -31.24
N LYS K 114 12.80 7.24 -30.00
CA LYS K 114 13.67 6.62 -29.02
C LYS K 114 12.88 5.61 -28.19
N GLY K 115 12.07 4.84 -28.89
CA GLY K 115 11.23 3.84 -28.25
C GLY K 115 9.79 4.17 -28.59
N PRO K 116 8.81 3.41 -28.05
CA PRO K 116 7.42 3.73 -28.38
C PRO K 116 6.98 5.10 -27.87
N ASN K 117 6.02 5.69 -28.58
CA ASN K 117 5.44 6.98 -28.26
C ASN K 117 6.41 8.09 -27.85
N THR K 118 7.51 8.20 -28.59
CA THR K 118 8.49 9.24 -28.30
C THR K 118 8.75 10.09 -29.55
N ASN K 119 7.68 10.44 -30.26
CA ASN K 119 7.77 11.26 -31.46
C ASN K 119 7.93 12.73 -31.09
N GLY K 120 8.97 13.37 -31.61
CA GLY K 120 9.19 14.77 -31.32
C GLY K 120 9.18 15.59 -32.60
N SER K 121 10.37 15.92 -33.09
CA SER K 121 10.46 16.69 -34.32
C SER K 121 11.42 16.03 -35.30
N GLN K 122 12.26 15.11 -34.83
CA GLN K 122 13.20 14.43 -35.72
C GLN K 122 12.47 13.46 -36.65
N PHE K 123 12.91 13.44 -37.89
CA PHE K 123 12.33 12.59 -38.92
C PHE K 123 13.47 12.11 -39.80
N PHE K 124 13.15 11.26 -40.77
CA PHE K 124 14.15 10.80 -41.71
C PHE K 124 13.49 10.53 -43.04
N ILE K 125 14.31 10.53 -44.10
CA ILE K 125 13.86 10.28 -45.46
C ILE K 125 14.71 9.16 -46.00
N THR K 126 14.08 8.05 -46.37
CA THR K 126 14.85 6.92 -46.90
C THR K 126 15.06 7.02 -48.40
N THR K 127 16.11 6.36 -48.86
CA THR K 127 16.45 6.33 -50.28
C THR K 127 16.39 4.87 -50.73
N THR K 128 15.80 4.03 -49.89
CA THR K 128 15.72 2.62 -50.20
C THR K 128 14.72 1.97 -49.27
N PRO K 129 14.26 0.75 -49.61
CA PRO K 129 13.30 0.07 -48.74
C PRO K 129 13.89 -0.17 -47.35
N ALA K 130 13.07 -0.02 -46.33
CA ALA K 130 13.52 -0.23 -44.96
C ALA K 130 12.40 -0.89 -44.17
N PRO K 131 11.90 -2.05 -44.68
CA PRO K 131 10.83 -2.80 -44.02
C PRO K 131 11.08 -3.14 -42.55
N HIS K 132 12.35 -3.20 -42.15
CA HIS K 132 12.68 -3.53 -40.76
C HIS K 132 12.30 -2.42 -39.78
N LEU K 133 11.81 -1.30 -40.30
CA LEU K 133 11.39 -0.20 -39.44
C LEU K 133 9.86 -0.16 -39.31
N ASN K 134 9.18 -1.03 -40.05
CA ASN K 134 7.72 -1.09 -39.96
C ASN K 134 7.27 -1.38 -38.54
N ASN K 135 6.12 -0.85 -38.16
CA ASN K 135 5.52 -1.05 -36.83
C ASN K 135 6.26 -0.40 -35.68
N ILE K 136 7.42 0.18 -35.93
CA ILE K 136 8.14 0.85 -34.86
C ILE K 136 8.40 2.32 -35.19
N HIS K 137 8.17 2.70 -36.43
CA HIS K 137 8.36 4.09 -36.88
C HIS K 137 7.21 4.50 -37.81
N VAL K 138 6.48 5.52 -37.36
CA VAL K 138 5.31 6.06 -38.07
C VAL K 138 5.64 6.73 -39.38
N VAL K 139 5.22 6.12 -40.49
CA VAL K 139 5.42 6.69 -41.82
C VAL K 139 4.26 7.65 -42.05
N PHE K 140 4.55 8.86 -42.48
CA PHE K 140 3.50 9.85 -42.67
C PHE K 140 3.58 10.65 -43.96
N GLY K 141 4.59 10.39 -44.79
CA GLY K 141 4.71 11.14 -46.02
C GLY K 141 5.56 10.48 -47.07
N LYS K 142 5.53 11.06 -48.27
CA LYS K 142 6.27 10.55 -49.41
C LYS K 142 6.93 11.73 -50.13
N VAL K 143 8.07 11.48 -50.75
CA VAL K 143 8.77 12.52 -51.49
C VAL K 143 8.21 12.51 -52.90
N VAL K 144 7.68 13.64 -53.34
CA VAL K 144 7.12 13.73 -54.69
C VAL K 144 8.07 14.43 -55.66
N SER K 145 9.02 15.18 -55.11
CA SER K 145 9.97 15.90 -55.93
C SER K 145 11.28 16.17 -55.21
N GLY K 146 12.38 16.15 -55.96
CA GLY K 146 13.68 16.42 -55.38
C GLY K 146 14.35 15.19 -54.78
N GLN K 147 13.92 14.01 -55.22
CA GLN K 147 14.51 12.78 -54.73
C GLN K 147 16.03 12.85 -54.85
N GLU K 148 16.53 13.57 -55.85
CA GLU K 148 17.98 13.64 -56.05
C GLU K 148 18.74 14.51 -55.06
N VAL K 149 18.03 15.32 -54.29
CA VAL K 149 18.70 16.15 -53.30
C VAL K 149 18.94 15.24 -52.10
N VAL K 150 17.96 14.39 -51.80
CA VAL K 150 18.06 13.43 -50.70
C VAL K 150 19.26 12.51 -50.94
N THR K 151 19.38 12.01 -52.15
CA THR K 151 20.50 11.13 -52.53
C THR K 151 21.85 11.86 -52.40
N LYS K 152 21.92 13.10 -52.86
CA LYS K 152 23.16 13.87 -52.79
C LYS K 152 23.65 13.93 -51.35
N ILE K 153 22.74 14.30 -50.45
CA ILE K 153 23.02 14.41 -49.03
C ILE K 153 23.43 13.09 -48.38
N GLU K 154 22.63 12.05 -48.60
CA GLU K 154 22.92 10.75 -48.01
C GLU K 154 24.34 10.27 -48.26
N TYR K 155 24.87 10.53 -49.46
CA TYR K 155 26.21 10.07 -49.78
C TYR K 155 27.35 11.04 -49.52
N LEU K 156 27.09 12.09 -48.75
CA LEU K 156 28.13 13.06 -48.39
C LEU K 156 29.13 12.40 -47.42
N LYS K 157 30.40 12.78 -47.50
CA LYS K 157 31.41 12.21 -46.62
C LYS K 157 31.10 12.57 -45.15
N THR K 158 31.06 11.58 -44.27
CA THR K 158 30.76 11.82 -42.87
C THR K 158 31.93 11.55 -41.93
N ASN K 159 31.70 11.73 -40.64
CA ASN K 159 32.73 11.44 -39.64
C ASN K 159 32.37 10.11 -38.97
N SER K 160 33.07 9.74 -37.90
CA SER K 160 32.83 8.48 -37.22
C SER K 160 31.38 8.25 -36.78
N LYS K 161 30.67 9.33 -36.50
CA LYS K 161 29.29 9.23 -36.04
C LYS K 161 28.24 9.44 -37.12
N ASN K 162 28.70 9.41 -38.37
CA ASN K 162 27.85 9.58 -39.55
C ASN K 162 27.24 10.95 -39.68
N ARG K 163 28.03 11.97 -39.34
CA ARG K 163 27.57 13.33 -39.48
C ARG K 163 28.29 13.92 -40.66
N PRO K 164 27.56 14.54 -41.58
CA PRO K 164 28.17 15.13 -42.76
C PRO K 164 29.28 16.08 -42.32
N LEU K 165 30.42 16.04 -42.99
CA LEU K 165 31.52 16.93 -42.68
C LEU K 165 31.04 18.30 -43.14
N ALA K 166 30.28 18.32 -44.23
CA ALA K 166 29.74 19.57 -44.73
C ALA K 166 28.41 19.86 -44.04
N ASP K 167 28.19 21.11 -43.67
CA ASP K 167 26.95 21.48 -43.01
C ASP K 167 25.78 21.38 -43.97
N VAL K 168 24.85 20.48 -43.68
CA VAL K 168 23.66 20.32 -44.51
C VAL K 168 22.54 21.05 -43.76
N VAL K 169 22.27 22.28 -44.19
CA VAL K 169 21.27 23.12 -43.55
C VAL K 169 19.96 23.25 -44.31
N ILE K 170 18.88 23.39 -43.56
CA ILE K 170 17.55 23.58 -44.14
C ILE K 170 17.36 25.09 -44.31
N LEU K 171 17.92 25.62 -45.39
CA LEU K 171 17.86 27.06 -45.72
C LEU K 171 16.47 27.65 -45.54
N ASN K 172 15.47 26.95 -46.05
CA ASN K 172 14.10 27.41 -45.93
C ASN K 172 13.11 26.27 -46.05
N CYS K 173 11.96 26.42 -45.42
CA CYS K 173 10.94 25.39 -45.45
C CYS K 173 9.56 26.00 -45.34
N GLY K 174 8.54 25.21 -45.63
CA GLY K 174 7.18 25.69 -45.55
C GLY K 174 6.21 24.79 -46.28
N GLU K 175 5.00 25.30 -46.49
CA GLU K 175 3.94 24.56 -47.17
C GLU K 175 3.66 25.09 -48.57
N LEU K 176 3.37 24.18 -49.49
CA LEU K 176 3.05 24.56 -50.86
C LEU K 176 1.52 24.61 -50.89
N VAL K 177 1.00 25.80 -50.59
CA VAL K 177 -0.44 26.02 -50.58
C VAL K 177 -1.02 25.91 -51.99
N DAL L 1 24.26 -0.61 -37.16
CA DAL L 1 23.39 -1.08 -38.23
CB DAL L 1 24.22 -1.66 -39.37
C DAL L 1 22.46 -0.02 -38.80
O DAL L 1 22.88 1.10 -39.07
N MLE L 2 21.18 -0.37 -38.97
CN MLE L 2 20.64 -1.62 -38.33
CA MLE L 2 20.26 0.56 -39.62
CB MLE L 2 19.81 -0.03 -40.94
CG MLE L 2 20.86 -0.58 -41.91
CD1 MLE L 2 20.16 -1.08 -43.17
CD2 MLE L 2 21.89 0.49 -42.26
C MLE L 2 19.04 0.99 -38.82
O MLE L 2 17.90 0.63 -39.18
N MLE L 3 19.24 1.77 -37.76
CN MLE L 3 20.64 1.99 -37.26
CA MLE L 3 18.12 2.26 -36.99
CB MLE L 3 18.25 1.82 -35.53
CG MLE L 3 18.40 0.33 -35.21
CD1 MLE L 3 18.54 0.14 -33.70
CD2 MLE L 3 17.21 -0.46 -35.73
C MLE L 3 18.10 3.80 -37.08
O MLE L 3 19.10 4.41 -37.48
N MVA L 4 16.98 4.43 -36.73
CN MVA L 4 15.76 3.66 -36.31
CA MVA L 4 16.93 5.89 -36.78
CB MVA L 4 15.97 6.39 -37.90
CG1 MVA L 4 16.14 7.91 -38.07
CG2 MVA L 4 16.26 5.64 -39.22
C MVA L 4 16.38 6.33 -35.43
O MVA L 4 15.19 6.62 -35.32
N BMT L 5 17.23 6.39 -34.41
CN BMT L 5 18.70 6.12 -34.65
CA BMT L 5 16.77 6.77 -33.08
C BMT L 5 17.23 8.16 -32.66
O BMT L 5 18.08 8.76 -33.33
CB BMT L 5 17.19 5.72 -32.00
OG1 BMT L 5 18.61 5.73 -31.84
CG2 BMT L 5 16.73 4.29 -32.44
CD1 BMT L 5 15.21 4.16 -32.35
CD2 BMT L 5 17.38 3.23 -31.55
CE BMT L 5 17.38 3.50 -30.05
CZ BMT L 5 16.16 3.54 -29.31
CH BMT L 5 16.18 3.85 -27.81
N ABA L 6 16.69 8.67 -31.58
CA ABA L 6 17.06 10.01 -31.10
C ABA L 6 17.68 9.99 -29.70
O ABA L 6 17.01 10.33 -28.73
CB ABA L 6 15.81 10.91 -31.10
CG ABA L 6 15.01 10.88 -32.40
N SAR L 7 18.95 9.60 -29.59
CA SAR L 7 19.60 9.55 -28.29
C SAR L 7 20.58 8.39 -28.17
O SAR L 7 21.80 8.60 -28.17
CN SAR L 7 19.72 9.20 -30.82
N MLE L 8 20.05 7.17 -28.05
CN MLE L 8 18.56 7.00 -27.98
CA MLE L 8 20.92 6.01 -27.96
CB MLE L 8 20.34 4.99 -26.98
CG MLE L 8 21.27 3.81 -26.67
CD1 MLE L 8 22.54 4.32 -26.00
CD2 MLE L 8 20.54 2.81 -25.77
C MLE L 8 21.08 5.39 -29.35
O MLE L 8 20.32 4.50 -29.74
N VAL L 9 22.07 5.88 -30.08
CA VAL L 9 22.31 5.39 -31.42
C VAL L 9 22.99 4.03 -31.41
N MLE L 10 22.38 3.06 -32.08
CN MLE L 10 21.12 3.34 -32.84
CA MLE L 10 22.97 1.72 -32.14
CB MLE L 10 21.92 0.66 -31.81
CG MLE L 10 21.17 0.73 -30.47
CD1 MLE L 10 20.33 -0.54 -30.29
CD2 MLE L 10 22.16 0.87 -29.33
C MLE L 10 23.60 1.45 -33.51
O MLE L 10 23.51 2.27 -34.43
N ALA L 11 24.24 0.31 -33.64
CA ALA L 11 24.87 -0.04 -34.89
C ALA L 11 23.85 -0.53 -35.91
N LYS M 3 36.50 -25.79 -48.29
CA LYS M 3 35.12 -26.35 -48.12
C LYS M 3 35.12 -27.77 -47.59
N LYS M 4 36.09 -28.56 -48.04
CA LYS M 4 36.20 -29.95 -47.63
C LYS M 4 36.34 -30.08 -46.11
N ASP M 5 36.62 -28.95 -45.45
CA ASP M 5 36.81 -28.92 -44.00
C ASP M 5 35.61 -28.42 -43.18
N ARG M 6 34.47 -28.27 -43.82
CA ARG M 6 33.27 -27.80 -43.13
C ARG M 6 32.61 -28.90 -42.31
N ARG M 7 32.39 -28.59 -41.04
CA ARG M 7 31.80 -29.53 -40.09
C ARG M 7 30.28 -29.41 -40.03
N ARG M 8 29.63 -30.48 -39.57
CA ARG M 8 28.17 -30.50 -39.44
C ARG M 8 27.71 -30.81 -38.03
N VAL M 9 26.81 -29.98 -37.51
CA VAL M 9 26.27 -30.17 -36.17
C VAL M 9 24.75 -30.32 -36.22
N PHE M 10 24.16 -30.84 -35.15
CA PHE M 10 22.72 -31.05 -35.12
C PHE M 10 22.10 -30.68 -33.78
N LEU M 11 20.79 -30.46 -33.79
CA LEU M 11 20.03 -30.15 -32.57
C LEU M 11 18.70 -30.89 -32.61
N ASP M 12 18.46 -31.78 -31.66
CA ASP M 12 17.18 -32.48 -31.58
C ASP M 12 16.32 -31.59 -30.69
N VAL M 13 15.09 -31.30 -31.12
CA VAL M 13 14.24 -30.40 -30.36
C VAL M 13 12.93 -30.99 -29.85
N THR M 14 12.46 -30.50 -28.71
CA THR M 14 11.16 -30.92 -28.19
C THR M 14 10.35 -29.66 -28.00
N ILE M 15 9.04 -29.77 -28.11
CA ILE M 15 8.16 -28.63 -27.91
C ILE M 15 7.10 -29.06 -26.90
N ASP M 16 7.08 -28.36 -25.76
CA ASP M 16 6.14 -28.66 -24.69
C ASP M 16 6.30 -30.14 -24.33
N GLY M 17 7.54 -30.62 -24.43
CA GLY M 17 7.82 -32.00 -24.11
C GLY M 17 7.82 -32.99 -25.26
N ASN M 18 7.09 -32.70 -26.32
CA ASN M 18 7.00 -33.61 -27.47
C ASN M 18 8.13 -33.37 -28.48
N LEU M 19 8.53 -34.41 -29.19
CA LEU M 19 9.59 -34.30 -30.19
C LEU M 19 9.14 -33.37 -31.31
N ALA M 20 10.09 -32.67 -31.93
CA ALA M 20 9.78 -31.75 -33.02
C ALA M 20 10.67 -31.98 -34.23
N GLY M 21 11.62 -32.91 -34.10
CA GLY M 21 12.51 -33.20 -35.19
C GLY M 21 13.90 -32.67 -34.96
N ARG M 22 14.77 -32.90 -35.92
CA ARG M 22 16.15 -32.49 -35.84
C ARG M 22 16.52 -31.40 -36.86
N ILE M 23 17.39 -30.49 -36.43
CA ILE M 23 17.89 -29.39 -37.27
C ILE M 23 19.36 -29.67 -37.52
N VAL M 24 19.76 -29.74 -38.79
CA VAL M 24 21.15 -30.01 -39.10
C VAL M 24 21.77 -28.79 -39.76
N MET M 25 22.94 -28.37 -39.27
CA MET M 25 23.61 -27.20 -39.79
C MET M 25 25.02 -27.42 -40.27
N GLU M 26 25.36 -26.76 -41.36
CA GLU M 26 26.70 -26.82 -41.94
C GLU M 26 27.43 -25.54 -41.58
N LEU M 27 28.56 -25.69 -40.88
CA LEU M 27 29.37 -24.56 -40.44
C LEU M 27 30.43 -24.21 -41.48
N TYR M 28 30.67 -22.93 -41.68
CA TYR M 28 31.68 -22.53 -42.66
C TYR M 28 33.00 -22.24 -41.95
N ASN M 29 33.67 -23.31 -41.54
CA ASN M 29 34.95 -23.20 -40.85
C ASN M 29 35.98 -22.46 -41.70
N ASP M 30 35.92 -22.69 -43.01
CA ASP M 30 36.85 -22.07 -43.94
C ASP M 30 36.70 -20.54 -44.00
N ILE M 31 35.53 -20.04 -43.64
CA ILE M 31 35.27 -18.60 -43.68
C ILE M 31 35.31 -17.91 -42.31
N ALA M 32 34.72 -18.58 -41.31
CA ALA M 32 34.67 -18.06 -39.96
C ALA M 32 35.06 -19.18 -39.01
N PRO M 33 36.34 -19.60 -39.06
CA PRO M 33 36.85 -20.68 -38.21
C PRO M 33 36.65 -20.49 -36.71
N ARG M 34 36.81 -19.28 -36.23
CA ARG M 34 36.69 -19.03 -34.80
C ARG M 34 35.25 -19.14 -34.28
N THR M 35 34.29 -18.59 -35.02
CA THR M 35 32.91 -18.67 -34.60
C THR M 35 32.36 -20.09 -34.81
N CYS M 36 32.87 -20.78 -35.83
CA CYS M 36 32.42 -22.14 -36.10
C CYS M 36 32.94 -23.12 -35.05
N ASN M 37 34.17 -22.92 -34.59
CA ASN M 37 34.72 -23.80 -33.58
C ASN M 37 34.00 -23.56 -32.26
N ASN M 38 33.59 -22.32 -32.02
CA ASN M 38 32.86 -21.99 -30.80
C ASN M 38 31.52 -22.72 -30.76
N PHE M 39 30.73 -22.56 -31.81
CA PHE M 39 29.42 -23.20 -31.88
C PHE M 39 29.52 -24.70 -31.76
N LEU M 40 30.38 -25.31 -32.57
CA LEU M 40 30.56 -26.76 -32.54
C LEU M 40 30.89 -27.27 -31.15
N MET M 41 31.85 -26.63 -30.49
CA MET M 41 32.23 -27.05 -29.14
C MET M 41 31.04 -26.99 -28.21
N LEU M 42 30.25 -25.93 -28.30
CA LEU M 42 29.09 -25.78 -27.44
C LEU M 42 28.06 -26.87 -27.72
N CYS M 43 28.13 -27.44 -28.92
CA CYS M 43 27.22 -28.52 -29.30
C CYS M 43 27.67 -29.84 -28.71
N THR M 44 28.98 -30.02 -28.60
CA THR M 44 29.52 -31.26 -28.06
C THR M 44 29.83 -31.14 -26.56
N GLY M 45 29.93 -29.90 -26.08
CA GLY M 45 30.23 -29.66 -24.67
C GLY M 45 31.59 -30.14 -24.23
N MET M 46 32.51 -30.22 -25.19
CA MET M 46 33.87 -30.69 -24.92
C MET M 46 34.83 -29.64 -24.38
N ALA M 47 34.46 -28.38 -24.45
CA ALA M 47 35.32 -27.32 -23.94
C ALA M 47 35.19 -27.22 -22.42
N GLY M 48 34.38 -28.11 -21.85
CA GLY M 48 34.21 -28.13 -20.41
C GLY M 48 33.33 -27.08 -19.76
N THR M 49 33.78 -26.61 -18.59
CA THR M 49 33.07 -25.61 -17.81
C THR M 49 33.40 -24.17 -18.24
N GLY M 50 32.43 -23.28 -18.08
CA GLY M 50 32.65 -21.89 -18.45
C GLY M 50 33.36 -21.16 -17.33
N LYS M 51 34.42 -20.43 -17.68
CA LYS M 51 35.20 -19.66 -16.71
C LYS M 51 34.29 -18.77 -15.87
N ILE M 52 33.52 -17.92 -16.55
CA ILE M 52 32.59 -17.01 -15.90
C ILE M 52 31.38 -17.76 -15.34
N SER M 53 30.39 -18.01 -16.19
CA SER M 53 29.18 -18.73 -15.80
C SER M 53 29.37 -19.75 -14.68
N GLY M 54 30.31 -20.67 -14.89
CA GLY M 54 30.55 -21.72 -13.91
C GLY M 54 29.72 -22.92 -14.34
N LYS M 55 28.77 -22.67 -15.25
CA LYS M 55 27.89 -23.72 -15.77
C LYS M 55 28.55 -24.40 -16.97
N PRO M 56 28.00 -25.54 -17.41
CA PRO M 56 28.56 -26.27 -18.54
C PRO M 56 28.45 -25.55 -19.89
N LEU M 57 29.58 -25.41 -20.58
CA LEU M 57 29.61 -24.80 -21.90
C LEU M 57 28.98 -25.82 -22.85
N HIS M 58 27.66 -25.92 -22.82
CA HIS M 58 26.95 -26.90 -23.63
C HIS M 58 25.53 -26.39 -23.88
N TYR M 59 25.02 -26.58 -25.09
CA TYR M 59 23.65 -26.14 -25.41
C TYR M 59 22.61 -27.16 -24.95
N LYS M 60 22.99 -28.42 -24.82
CA LYS M 60 22.06 -29.46 -24.40
C LYS M 60 21.25 -29.06 -23.16
N GLY M 61 19.94 -28.90 -23.34
CA GLY M 61 19.07 -28.51 -22.25
C GLY M 61 18.70 -27.03 -22.39
N SER M 62 19.50 -26.29 -23.17
CA SER M 62 19.25 -24.87 -23.40
C SER M 62 17.90 -24.71 -24.08
N THR M 63 17.53 -23.49 -24.41
CA THR M 63 16.24 -23.26 -25.07
C THR M 63 16.26 -22.13 -26.07
N PHE M 64 15.21 -22.08 -26.87
CA PHE M 64 15.00 -21.01 -27.83
C PHE M 64 14.03 -20.14 -27.01
N HIS M 65 14.56 -19.07 -26.42
CA HIS M 65 13.78 -18.19 -25.57
C HIS M 65 13.02 -17.08 -26.29
N ARG M 66 13.21 -16.95 -27.58
CA ARG M 66 12.54 -15.88 -28.32
C ARG M 66 12.33 -16.21 -29.79
N VAL M 67 11.08 -16.13 -30.24
CA VAL M 67 10.79 -16.38 -31.64
C VAL M 67 9.97 -15.23 -32.20
N ILE M 68 10.30 -14.84 -33.43
CA ILE M 68 9.64 -13.75 -34.11
C ILE M 68 9.13 -14.20 -35.46
N LYS M 69 7.81 -14.19 -35.63
CA LYS M 69 7.20 -14.60 -36.88
C LYS M 69 7.79 -13.85 -38.08
N ASN M 70 8.26 -14.60 -39.07
CA ASN M 70 8.85 -14.04 -40.29
C ASN M 70 10.26 -13.52 -40.15
N PHE M 71 10.87 -13.69 -38.97
CA PHE M 71 12.21 -13.21 -38.77
C PHE M 71 13.16 -14.34 -38.41
N MET M 72 13.18 -14.74 -37.13
CA MET M 72 14.07 -15.81 -36.69
C MET M 72 13.71 -16.46 -35.35
N ILE M 73 14.48 -17.46 -34.96
CA ILE M 73 14.31 -18.09 -33.65
C ILE M 73 15.68 -17.86 -32.99
N GLN M 74 15.68 -17.57 -31.69
CA GLN M 74 16.92 -17.26 -30.95
C GLN M 74 17.09 -18.14 -29.71
N GLY M 75 18.32 -18.61 -29.50
CA GLY M 75 18.61 -19.45 -28.35
C GLY M 75 20.10 -19.50 -28.03
N GLY M 76 20.49 -20.50 -27.25
CA GLY M 76 21.89 -20.61 -26.91
C GLY M 76 22.27 -19.96 -25.59
N ASP M 77 21.29 -19.49 -24.83
CA ASP M 77 21.58 -18.87 -23.54
C ASP M 77 21.40 -19.92 -22.46
N PHE M 78 22.50 -20.58 -22.12
CA PHE M 78 22.48 -21.63 -21.11
C PHE M 78 22.93 -21.17 -19.73
N THR M 79 23.17 -19.88 -19.55
CA THR M 79 23.57 -19.41 -18.23
C THR M 79 22.37 -18.83 -17.50
N LYS M 80 21.57 -18.03 -18.19
CA LYS M 80 20.38 -17.41 -17.60
C LYS M 80 19.11 -17.78 -18.36
N GLY M 81 19.27 -18.25 -19.60
CA GLY M 81 18.12 -18.65 -20.40
C GLY M 81 16.99 -17.66 -20.59
N ASP M 82 17.33 -16.39 -20.83
CA ASP M 82 16.31 -15.36 -21.04
C ASP M 82 16.79 -14.26 -21.99
N GLY M 83 17.97 -14.46 -22.57
CA GLY M 83 18.54 -13.48 -23.50
C GLY M 83 19.67 -12.65 -22.91
N THR M 84 19.77 -12.62 -21.59
CA THR M 84 20.82 -11.83 -20.93
C THR M 84 22.09 -12.59 -20.60
N GLY M 85 22.08 -13.91 -20.80
CA GLY M 85 23.25 -14.70 -20.49
C GLY M 85 24.04 -15.25 -21.65
N GLY M 86 24.75 -16.35 -21.41
CA GLY M 86 25.54 -16.96 -22.45
C GLY M 86 27.01 -16.71 -22.27
N GLU M 87 27.84 -17.60 -22.82
CA GLU M 87 29.28 -17.47 -22.68
C GLU M 87 29.98 -18.31 -23.74
N SER M 88 31.05 -17.78 -24.32
CA SER M 88 31.79 -18.53 -25.33
C SER M 88 32.85 -19.44 -24.71
N ILE M 89 33.39 -20.33 -25.54
CA ILE M 89 34.41 -21.27 -25.09
C ILE M 89 35.77 -20.57 -24.91
N TYR M 90 35.90 -19.36 -25.45
CA TYR M 90 37.14 -18.59 -25.33
C TYR M 90 37.14 -17.72 -24.07
N GLY M 91 36.18 -17.96 -23.17
CA GLY M 91 36.09 -17.18 -21.95
C GLY M 91 35.47 -15.83 -22.22
N GLY M 92 34.26 -15.61 -21.72
CA GLY M 92 33.59 -14.36 -21.95
C GLY M 92 33.16 -14.21 -23.40
N MET M 93 33.60 -13.14 -24.07
CA MET M 93 33.24 -12.88 -25.46
C MET M 93 34.46 -12.93 -26.36
N PHE M 94 34.21 -12.97 -27.67
CA PHE M 94 35.28 -12.96 -28.66
C PHE M 94 34.88 -11.99 -29.79
N ASP M 95 35.88 -11.43 -30.46
CA ASP M 95 35.61 -10.46 -31.51
C ASP M 95 34.94 -11.00 -32.77
N ASP M 96 34.27 -10.10 -33.48
CA ASP M 96 33.60 -10.46 -34.72
C ASP M 96 34.68 -10.80 -35.74
N GLU M 97 34.58 -11.97 -36.36
CA GLU M 97 35.55 -12.32 -37.39
C GLU M 97 35.09 -11.46 -38.59
N GLU M 98 35.76 -11.56 -39.74
CA GLU M 98 35.31 -10.73 -40.86
C GLU M 98 33.87 -11.10 -41.26
N PHE M 99 33.07 -10.08 -41.59
CA PHE M 99 31.68 -10.27 -41.96
C PHE M 99 31.47 -10.74 -43.39
N VAL M 100 32.10 -11.87 -43.74
CA VAL M 100 31.99 -12.39 -45.09
C VAL M 100 30.56 -12.77 -45.47
N MET M 101 30.01 -13.77 -44.78
CA MET M 101 28.65 -14.20 -45.08
C MET M 101 27.58 -13.19 -44.65
N LYS M 102 26.50 -13.12 -45.42
CA LYS M 102 25.42 -12.19 -45.14
C LYS M 102 24.11 -12.92 -44.83
N HIS M 103 23.09 -12.16 -44.46
CA HIS M 103 21.77 -12.71 -44.15
C HIS M 103 20.86 -12.55 -45.37
N ASP M 104 21.40 -12.81 -46.56
CA ASP M 104 20.60 -12.66 -47.78
C ASP M 104 19.73 -13.85 -48.15
N GLU M 105 19.93 -14.98 -47.48
CA GLU M 105 19.10 -16.16 -47.74
C GLU M 105 18.62 -16.65 -46.38
N PRO M 106 17.45 -17.30 -46.33
CA PRO M 106 16.89 -17.81 -45.08
C PRO M 106 17.65 -19.00 -44.53
N PHE M 107 17.32 -19.35 -43.29
CA PHE M 107 17.92 -20.48 -42.62
C PHE M 107 19.43 -20.44 -42.47
N VAL M 108 19.94 -19.28 -42.09
CA VAL M 108 21.37 -19.12 -41.86
C VAL M 108 21.52 -19.02 -40.35
N VAL M 109 22.67 -19.47 -39.86
CA VAL M 109 22.93 -19.43 -38.42
C VAL M 109 23.85 -18.25 -38.16
N SER M 110 23.43 -17.37 -37.26
CA SER M 110 24.20 -16.18 -36.95
C SER M 110 24.32 -15.93 -35.45
N MET M 111 25.34 -15.16 -35.06
CA MET M 111 25.57 -14.85 -33.64
C MET M 111 24.74 -13.69 -33.16
N ALA M 112 24.11 -13.86 -32.01
CA ALA M 112 23.34 -12.80 -31.40
C ALA M 112 24.40 -12.05 -30.60
N ASN M 113 24.25 -10.75 -30.39
CA ASN M 113 25.25 -10.02 -29.63
C ASN M 113 24.64 -8.79 -28.97
N LYS M 114 25.50 -7.91 -28.49
CA LYS M 114 25.05 -6.69 -27.83
C LYS M 114 26.02 -5.54 -28.07
N GLY M 115 26.46 -5.43 -29.31
CA GLY M 115 27.39 -4.38 -29.69
C GLY M 115 28.51 -5.05 -30.45
N PRO M 116 29.50 -4.29 -30.92
CA PRO M 116 30.62 -4.89 -31.66
C PRO M 116 31.43 -5.83 -30.76
N ASN M 117 31.90 -6.94 -31.31
CA ASN M 117 32.71 -7.90 -30.54
C ASN M 117 32.13 -8.33 -29.18
N THR M 118 30.95 -8.93 -29.18
CA THR M 118 30.35 -9.40 -27.94
C THR M 118 29.73 -10.79 -28.12
N ASN M 119 30.27 -11.51 -29.09
CA ASN M 119 29.83 -12.86 -29.40
C ASN M 119 30.02 -13.77 -28.19
N GLY M 120 28.91 -14.28 -27.66
CA GLY M 120 28.98 -15.17 -26.51
C GLY M 120 28.65 -16.58 -26.96
N SER M 121 27.44 -17.04 -26.65
CA SER M 121 27.01 -18.37 -27.05
C SER M 121 25.64 -18.29 -27.74
N GLN M 122 24.89 -17.21 -27.48
CA GLN M 122 23.57 -17.02 -28.09
C GLN M 122 23.63 -16.88 -29.61
N PHE M 123 22.68 -17.53 -30.29
CA PHE M 123 22.61 -17.51 -31.74
C PHE M 123 21.15 -17.50 -32.20
N PHE M 124 20.95 -17.26 -33.49
CA PHE M 124 19.61 -17.27 -34.05
C PHE M 124 19.64 -17.87 -35.44
N ILE M 125 18.50 -18.44 -35.83
CA ILE M 125 18.34 -19.04 -37.15
C ILE M 125 17.24 -18.24 -37.83
N THR M 126 17.59 -17.58 -38.93
CA THR M 126 16.63 -16.79 -39.69
C THR M 126 15.69 -17.69 -40.50
N THR M 127 14.54 -17.17 -40.89
CA THR M 127 13.60 -17.94 -41.70
C THR M 127 13.31 -17.15 -43.00
N THR M 128 13.97 -16.00 -43.12
CA THR M 128 13.83 -15.12 -44.29
C THR M 128 15.04 -14.21 -44.28
N PRO M 129 15.33 -13.54 -45.40
CA PRO M 129 16.48 -12.65 -45.39
C PRO M 129 16.31 -11.59 -44.31
N ALA M 130 17.44 -11.11 -43.78
CA ALA M 130 17.40 -10.07 -42.76
C ALA M 130 18.62 -9.18 -43.02
N PRO M 131 18.75 -8.71 -44.26
CA PRO M 131 19.85 -7.85 -44.70
C PRO M 131 20.21 -6.67 -43.81
N HIS M 132 19.32 -6.29 -42.89
CA HIS M 132 19.63 -5.17 -42.02
C HIS M 132 20.63 -5.57 -40.93
N LEU M 133 20.94 -6.86 -40.85
CA LEU M 133 21.88 -7.36 -39.85
C LEU M 133 23.29 -7.59 -40.42
N ASN M 134 23.42 -7.44 -41.74
CA ASN M 134 24.73 -7.63 -42.36
C ASN M 134 25.73 -6.65 -41.77
N ASN M 135 26.94 -7.15 -41.51
CA ASN M 135 28.05 -6.35 -40.97
C ASN M 135 27.98 -5.99 -39.50
N ILE M 136 27.11 -6.62 -38.74
CA ILE M 136 27.04 -6.35 -37.31
C ILE M 136 26.68 -7.62 -36.58
N HIS M 137 26.47 -8.68 -37.34
CA HIS M 137 26.14 -9.99 -36.81
C HIS M 137 26.90 -10.97 -37.69
N VAL M 138 27.71 -11.82 -37.08
CA VAL M 138 28.49 -12.78 -37.83
C VAL M 138 27.68 -13.98 -38.24
N VAL M 139 27.72 -14.30 -39.52
CA VAL M 139 27.01 -15.45 -40.05
C VAL M 139 28.07 -16.52 -40.26
N PHE M 140 27.85 -17.70 -39.69
CA PHE M 140 28.81 -18.78 -39.80
C PHE M 140 28.21 -20.09 -40.27
N GLY M 141 26.90 -20.14 -40.45
CA GLY M 141 26.31 -21.39 -40.89
C GLY M 141 25.01 -21.32 -41.65
N LYS M 142 24.63 -22.46 -42.18
CA LYS M 142 23.40 -22.59 -42.95
C LYS M 142 22.75 -23.93 -42.64
N VAL M 143 21.43 -23.95 -42.58
CA VAL M 143 20.71 -25.18 -42.30
C VAL M 143 20.62 -26.04 -43.54
N VAL M 144 21.03 -27.31 -43.44
CA VAL M 144 21.01 -28.23 -44.57
C VAL M 144 19.82 -29.17 -44.51
N SER M 145 19.24 -29.34 -43.32
CA SER M 145 18.08 -30.21 -43.19
C SER M 145 17.27 -29.87 -41.93
N GLY M 146 15.97 -30.12 -42.01
CA GLY M 146 15.10 -29.85 -40.89
C GLY M 146 14.68 -28.38 -40.81
N GLN M 147 14.67 -27.68 -41.94
CA GLN M 147 14.27 -26.29 -41.88
C GLN M 147 12.80 -26.18 -41.47
N GLU M 148 12.03 -27.24 -41.69
CA GLU M 148 10.63 -27.18 -41.31
C GLU M 148 10.53 -27.22 -39.79
N VAL M 149 11.57 -27.74 -39.14
CA VAL M 149 11.53 -27.79 -37.68
C VAL M 149 11.75 -26.36 -37.22
N VAL M 150 12.58 -25.62 -37.94
CA VAL M 150 12.86 -24.23 -37.63
C VAL M 150 11.60 -23.37 -37.80
N THR M 151 10.86 -23.63 -38.89
CA THR M 151 9.63 -22.89 -39.17
C THR M 151 8.58 -23.14 -38.07
N LYS M 152 8.23 -24.39 -37.82
CA LYS M 152 7.24 -24.69 -36.80
C LYS M 152 7.52 -23.97 -35.48
N ILE M 153 8.78 -24.00 -35.04
CA ILE M 153 9.16 -23.34 -33.79
C ILE M 153 8.91 -21.83 -33.91
N GLU M 154 9.14 -21.27 -35.09
CA GLU M 154 8.94 -19.84 -35.30
C GLU M 154 7.48 -19.39 -35.17
N TYR M 155 6.54 -20.28 -35.49
CA TYR M 155 5.12 -19.91 -35.42
C TYR M 155 4.37 -20.36 -34.15
N LEU M 156 5.11 -20.65 -33.09
CA LEU M 156 4.48 -21.06 -31.84
C LEU M 156 3.91 -19.83 -31.17
N LYS M 157 2.88 -20.01 -30.35
CA LYS M 157 2.30 -18.88 -29.63
C LYS M 157 3.30 -18.36 -28.59
N THR M 158 3.42 -17.05 -28.49
CA THR M 158 4.34 -16.44 -27.54
C THR M 158 3.64 -15.41 -26.68
N ASN M 159 4.40 -14.79 -25.77
CA ASN M 159 3.86 -13.76 -24.88
C ASN M 159 4.28 -12.37 -25.34
N SER M 160 4.04 -11.37 -24.50
CA SER M 160 4.40 -9.99 -24.82
C SER M 160 5.86 -9.83 -25.25
N LYS M 161 6.76 -10.58 -24.62
CA LYS M 161 8.19 -10.50 -24.92
C LYS M 161 8.64 -11.41 -26.07
N ASN M 162 7.72 -12.22 -26.56
CA ASN M 162 8.01 -13.16 -27.65
C ASN M 162 8.57 -14.49 -27.18
N ARG M 163 8.36 -14.82 -25.92
CA ARG M 163 8.85 -16.09 -25.40
C ARG M 163 7.76 -17.10 -25.67
N PRO M 164 8.11 -18.22 -26.30
CA PRO M 164 7.14 -19.28 -26.61
C PRO M 164 6.38 -19.75 -25.38
N LEU M 165 5.08 -19.90 -25.50
CA LEU M 165 4.25 -20.38 -24.39
C LEU M 165 4.56 -21.85 -24.17
N ALA M 166 5.21 -22.46 -25.15
CA ALA M 166 5.59 -23.86 -25.08
C ALA M 166 7.11 -23.91 -25.03
N ASP M 167 7.62 -24.68 -24.08
CA ASP M 167 9.06 -24.84 -23.89
C ASP M 167 9.70 -25.48 -25.11
N VAL M 168 10.66 -24.78 -25.70
CA VAL M 168 11.38 -25.28 -26.87
C VAL M 168 12.78 -25.58 -26.38
N VAL M 169 13.02 -26.86 -26.07
CA VAL M 169 14.28 -27.32 -25.53
C VAL M 169 15.15 -28.09 -26.51
N ILE M 170 16.45 -27.84 -26.46
CA ILE M 170 17.37 -28.57 -27.31
C ILE M 170 17.61 -29.84 -26.50
N LEU M 171 17.00 -30.94 -26.93
CA LEU M 171 17.11 -32.23 -26.24
C LEU M 171 18.54 -32.75 -26.36
N ASN M 172 19.00 -32.96 -27.59
CA ASN M 172 20.37 -33.43 -27.81
C ASN M 172 21.03 -32.51 -28.82
N CYS M 173 22.35 -32.61 -28.92
CA CYS M 173 23.09 -31.83 -29.88
C CYS M 173 24.50 -32.38 -29.91
N GLY M 174 25.24 -32.02 -30.95
CA GLY M 174 26.60 -32.50 -31.08
C GLY M 174 27.01 -32.41 -32.53
N GLU M 175 28.05 -33.15 -32.89
CA GLU M 175 28.52 -33.13 -34.27
C GLU M 175 28.15 -34.43 -34.97
N LEU M 176 27.77 -34.30 -36.24
CA LEU M 176 27.44 -35.46 -37.05
C LEU M 176 28.72 -35.80 -37.76
N VAL M 177 29.61 -36.47 -37.05
CA VAL M 177 30.87 -36.88 -37.64
C VAL M 177 30.57 -37.84 -38.78
N DAL N 1 10.62 -4.46 -33.13
CA DAL N 1 10.98 -4.54 -34.53
CB DAL N 1 9.73 -4.42 -35.39
C DAL N 1 11.67 -5.87 -34.79
O DAL N 1 11.21 -6.92 -34.34
N MLE N 2 12.81 -5.83 -35.48
CN MLE N 2 13.42 -4.50 -35.85
CA MLE N 2 13.52 -7.06 -35.80
CB MLE N 2 13.37 -7.35 -37.30
CG MLE N 2 11.97 -7.19 -37.92
CD1 MLE N 2 12.04 -7.56 -39.39
CD2 MLE N 2 10.97 -8.06 -37.20
C MLE N 2 15.01 -7.11 -35.45
O MLE N 2 15.86 -7.15 -36.34
N MLE N 3 15.35 -7.12 -34.16
CN MLE N 3 14.30 -6.94 -33.09
CA MLE N 3 16.76 -7.20 -33.78
CB MLE N 3 17.15 -6.00 -32.89
CG MLE N 3 17.07 -4.62 -33.57
CD1 MLE N 3 17.63 -3.56 -32.62
CD2 MLE N 3 17.86 -4.64 -34.90
C MLE N 3 17.05 -8.51 -33.03
O MLE N 3 16.14 -9.14 -32.50
N MVA N 4 18.32 -8.94 -33.00
CN MVA N 4 19.42 -8.19 -33.72
CA MVA N 4 18.66 -10.16 -32.26
CB MVA N 4 19.16 -11.29 -33.20
CG1 MVA N 4 19.21 -12.61 -32.43
CG2 MVA N 4 18.23 -11.42 -34.40
C MVA N 4 19.78 -9.79 -31.30
O MVA N 4 20.96 -9.94 -31.62
N BMT N 5 19.40 -9.30 -30.12
CN BMT N 5 17.95 -9.18 -29.79
CA BMT N 5 20.41 -8.90 -29.13
C BMT N 5 20.39 -9.68 -27.80
O BMT N 5 19.42 -10.39 -27.49
CB BMT N 5 20.32 -7.38 -28.83
OG1 BMT N 5 19.17 -7.11 -28.02
CG2 BMT N 5 20.23 -6.59 -30.16
CD1 BMT N 5 21.52 -6.69 -30.96
CD2 BMT N 5 19.88 -5.11 -29.88
CE BMT N 5 20.71 -4.37 -28.83
CZ BMT N 5 22.08 -4.05 -29.05
CH BMT N 5 22.88 -3.31 -27.98
N ABA N 6 21.45 -9.52 -27.02
CA ABA N 6 21.59 -10.20 -25.74
C ABA N 6 21.69 -9.17 -24.61
O ABA N 6 22.80 -8.79 -24.21
CB ABA N 6 22.87 -11.04 -25.74
CG ABA N 6 23.10 -11.80 -27.03
N SAR N 7 20.56 -8.71 -24.09
CA SAR N 7 20.60 -7.74 -23.00
C SAR N 7 19.48 -6.71 -23.08
O SAR N 7 18.53 -6.76 -22.30
CN SAR N 7 19.23 -9.14 -24.67
N MLE N 8 19.60 -5.75 -24.02
CN MLE N 8 20.83 -5.67 -24.87
CA MLE N 8 18.55 -4.75 -24.20
CB MLE N 8 19.14 -3.34 -24.35
CG MLE N 8 18.13 -2.27 -24.77
CD1 MLE N 8 17.15 -2.05 -23.63
CD2 MLE N 8 18.85 -0.97 -25.11
C MLE N 8 17.81 -5.12 -25.49
O MLE N 8 18.35 -4.97 -26.59
N VAL N 9 16.60 -5.63 -25.35
CA VAL N 9 15.84 -6.01 -26.53
C VAL N 9 14.89 -4.92 -27.01
N MLE N 10 15.01 -4.54 -28.27
CN MLE N 10 16.06 -5.18 -29.16
CA MLE N 10 14.14 -3.51 -28.83
CB MLE N 10 14.97 -2.47 -29.57
CG MLE N 10 15.97 -1.75 -28.68
CD1 MLE N 10 16.67 -0.64 -29.43
CD2 MLE N 10 15.25 -1.17 -27.47
C MLE N 10 13.09 -4.11 -29.75
O MLE N 10 13.25 -5.21 -30.30
N ALA N 11 11.99 -3.40 -29.92
CA ALA N 11 10.92 -3.87 -30.80
C ALA N 11 11.42 -3.87 -32.25
N ARG O 6 -20.29 20.83 48.10
CA ARG O 6 -19.03 20.03 48.02
C ARG O 6 -19.24 18.59 48.44
N ARG O 7 -19.10 17.69 47.47
CA ARG O 7 -19.27 16.26 47.66
C ARG O 7 -17.93 15.63 48.01
N ARG O 8 -17.95 14.35 48.36
CA ARG O 8 -16.74 13.60 48.69
C ARG O 8 -16.76 12.26 47.98
N VAL O 9 -15.70 11.98 47.22
CA VAL O 9 -15.57 10.74 46.48
C VAL O 9 -14.39 9.96 47.00
N PHE O 10 -14.30 8.69 46.61
CA PHE O 10 -13.20 7.85 47.07
C PHE O 10 -12.72 6.88 45.99
N LEU O 11 -11.45 6.49 46.11
CA LEU O 11 -10.84 5.56 45.18
C LEU O 11 -10.02 4.59 46.02
N ASP O 12 -10.39 3.31 46.00
CA ASP O 12 -9.63 2.32 46.76
C ASP O 12 -8.66 1.67 45.79
N VAL O 13 -7.37 1.88 46.03
CA VAL O 13 -6.31 1.35 45.17
C VAL O 13 -5.66 0.06 45.66
N THR O 14 -5.16 -0.74 44.72
CA THR O 14 -4.45 -1.97 45.04
C THR O 14 -3.20 -2.04 44.15
N ILE O 15 -2.07 -2.35 44.75
CA ILE O 15 -0.82 -2.43 44.01
C ILE O 15 -0.49 -3.93 43.91
N ASP O 16 -0.54 -4.46 42.69
CA ASP O 16 -0.30 -5.87 42.46
C ASP O 16 -1.27 -6.68 43.31
N GLY O 17 -2.49 -6.18 43.41
CA GLY O 17 -3.51 -6.86 44.18
C GLY O 17 -3.52 -6.55 45.65
N ASN O 18 -2.43 -6.00 46.17
CA ASN O 18 -2.35 -5.68 47.60
C ASN O 18 -3.05 -4.37 47.93
N LEU O 19 -3.99 -4.43 48.88
CA LEU O 19 -4.74 -3.26 49.32
C LEU O 19 -3.76 -2.15 49.74
N ALA O 20 -3.87 -0.98 49.10
CA ALA O 20 -2.98 0.13 49.38
C ALA O 20 -3.62 1.29 50.12
N GLY O 21 -4.89 1.17 50.44
CA GLY O 21 -5.54 2.23 51.16
C GLY O 21 -6.57 2.93 50.31
N ARG O 22 -7.17 3.97 50.89
CA ARG O 22 -8.19 4.73 50.21
C ARG O 22 -7.89 6.22 50.14
N ILE O 23 -8.02 6.78 48.94
CA ILE O 23 -7.83 8.21 48.75
C ILE O 23 -9.23 8.82 48.77
N VAL O 24 -9.46 9.74 49.70
CA VAL O 24 -10.77 10.42 49.78
C VAL O 24 -10.59 11.86 49.32
N MET O 25 -11.41 12.29 48.37
CA MET O 25 -11.31 13.65 47.85
C MET O 25 -12.59 14.46 48.03
N GLU O 26 -12.41 15.75 48.23
CA GLU O 26 -13.52 16.66 48.39
C GLU O 26 -13.60 17.44 47.08
N LEU O 27 -14.73 17.33 46.39
CA LEU O 27 -14.93 18.01 45.12
C LEU O 27 -15.50 19.41 45.32
N TYR O 28 -14.86 20.40 44.70
CA TYR O 28 -15.33 21.78 44.80
C TYR O 28 -16.41 22.09 43.79
N ASN O 29 -17.59 21.52 44.01
CA ASN O 29 -18.74 21.71 43.13
C ASN O 29 -19.00 23.20 42.90
N ASP O 30 -18.96 23.97 43.97
CA ASP O 30 -19.20 25.40 43.91
C ASP O 30 -18.23 26.19 43.02
N ILE O 31 -17.01 25.70 42.86
CA ILE O 31 -16.03 26.41 42.05
C ILE O 31 -15.99 25.94 40.61
N ALA O 32 -16.08 24.62 40.41
CA ALA O 32 -16.04 24.07 39.06
C ALA O 32 -17.08 22.97 38.93
N PRO O 33 -18.35 23.36 38.72
CA PRO O 33 -19.50 22.48 38.56
C PRO O 33 -19.39 21.31 37.58
N ARG O 34 -19.25 21.61 36.29
CA ARG O 34 -19.18 20.54 35.30
C ARG O 34 -18.05 19.52 35.52
N THR O 35 -16.87 19.99 35.85
CA THR O 35 -15.74 19.10 36.05
C THR O 35 -15.97 18.15 37.24
N CYS O 36 -16.51 18.70 38.32
CA CYS O 36 -16.81 17.91 39.52
C CYS O 36 -17.91 16.91 39.26
N ASN O 37 -18.89 17.30 38.45
CA ASN O 37 -20.00 16.40 38.13
C ASN O 37 -19.48 15.24 37.31
N ASN O 38 -18.59 15.53 36.38
CA ASN O 38 -18.00 14.49 35.53
C ASN O 38 -17.26 13.47 36.37
N PHE O 39 -16.33 13.98 37.18
CA PHE O 39 -15.52 13.14 38.06
C PHE O 39 -16.36 12.32 39.03
N LEU O 40 -17.27 12.99 39.75
CA LEU O 40 -18.11 12.29 40.71
C LEU O 40 -18.90 11.19 40.03
N MET O 41 -19.37 11.46 38.81
CA MET O 41 -20.13 10.48 38.07
C MET O 41 -19.26 9.33 37.56
N LEU O 42 -18.04 9.62 37.14
CA LEU O 42 -17.15 8.58 36.65
C LEU O 42 -16.72 7.64 37.78
N CYS O 43 -16.89 8.09 39.02
CA CYS O 43 -16.54 7.29 40.19
C CYS O 43 -17.65 6.32 40.55
N THR O 44 -18.88 6.70 40.21
CA THR O 44 -20.06 5.91 40.51
C THR O 44 -20.53 5.15 39.27
N GLY O 45 -20.05 5.57 38.11
CA GLY O 45 -20.43 4.91 36.88
C GLY O 45 -21.89 5.04 36.51
N MET O 46 -22.62 5.92 37.17
CA MET O 46 -24.04 6.10 36.91
C MET O 46 -24.46 6.76 35.58
N ALA O 47 -23.51 7.25 34.80
CA ALA O 47 -23.85 7.90 33.53
C ALA O 47 -23.84 6.98 32.33
N GLY O 48 -23.99 5.68 32.57
CA GLY O 48 -24.01 4.71 31.49
C GLY O 48 -22.72 4.52 30.69
N THR O 49 -22.89 4.39 29.38
CA THR O 49 -21.78 4.16 28.46
C THR O 49 -21.29 5.43 27.73
N GLY O 50 -20.04 5.40 27.28
CA GLY O 50 -19.46 6.54 26.59
C GLY O 50 -19.95 6.63 25.16
N LYS O 51 -20.47 7.79 24.78
CA LYS O 51 -20.99 7.97 23.42
C LYS O 51 -19.96 7.69 22.33
N ILE O 52 -18.85 8.42 22.36
CA ILE O 52 -17.82 8.24 21.35
C ILE O 52 -17.12 6.88 21.40
N SER O 53 -16.71 6.46 22.60
CA SER O 53 -15.98 5.20 22.77
C SER O 53 -16.82 3.95 23.01
N GLY O 54 -18.01 4.12 23.60
CA GLY O 54 -18.86 2.99 23.85
C GLY O 54 -18.51 2.13 25.06
N LYS O 55 -17.63 2.61 25.94
CA LYS O 55 -17.24 1.85 27.13
C LYS O 55 -17.78 2.47 28.44
N PRO O 56 -17.93 1.64 29.49
CA PRO O 56 -18.42 2.09 30.80
C PRO O 56 -17.74 3.35 31.33
N LEU O 57 -18.53 4.42 31.48
CA LEU O 57 -18.03 5.69 32.01
C LEU O 57 -17.80 5.47 33.50
N HIS O 58 -16.80 4.65 33.81
CA HIS O 58 -16.51 4.27 35.19
C HIS O 58 -15.02 4.16 35.44
N TYR O 59 -14.54 4.73 36.54
CA TYR O 59 -13.12 4.67 36.90
C TYR O 59 -12.77 3.29 37.44
N LYS O 60 -13.77 2.60 38.01
CA LYS O 60 -13.55 1.28 38.57
C LYS O 60 -12.93 0.35 37.54
N GLY O 61 -11.79 -0.21 37.91
CA GLY O 61 -11.07 -1.12 37.02
C GLY O 61 -9.94 -0.42 36.30
N SER O 62 -9.99 0.91 36.23
CA SER O 62 -8.94 1.68 35.55
C SER O 62 -7.67 1.71 36.40
N THR O 63 -6.61 2.31 35.87
CA THR O 63 -5.35 2.36 36.60
C THR O 63 -4.69 3.71 36.53
N PHE O 64 -3.63 3.89 37.33
CA PHE O 64 -2.84 5.11 37.31
C PHE O 64 -1.69 4.65 36.41
N HIS O 65 -1.69 5.11 35.17
CA HIS O 65 -0.69 4.69 34.18
C HIS O 65 0.62 5.45 34.13
N ARG O 66 0.69 6.59 34.78
CA ARG O 66 1.91 7.39 34.72
C ARG O 66 2.13 8.08 36.06
N VAL O 67 3.34 7.97 36.61
CA VAL O 67 3.66 8.63 37.87
C VAL O 67 5.06 9.21 37.83
N ILE O 68 5.18 10.46 38.24
CA ILE O 68 6.47 11.14 38.26
C ILE O 68 6.81 11.57 39.69
N LYS O 69 7.91 11.02 40.21
CA LYS O 69 8.35 11.34 41.56
C LYS O 69 8.48 12.83 41.82
N ASN O 70 8.08 13.24 43.01
CA ASN O 70 8.15 14.64 43.42
C ASN O 70 7.24 15.51 42.59
N PHE O 71 6.32 14.90 41.84
CA PHE O 71 5.40 15.66 41.01
C PHE O 71 3.92 15.30 41.15
N MET O 72 3.49 14.26 40.46
CA MET O 72 2.09 13.85 40.52
C MET O 72 1.85 12.41 40.05
N ILE O 73 0.62 11.95 40.20
CA ILE O 73 0.25 10.62 39.71
C ILE O 73 -0.90 10.83 38.72
N GLN O 74 -0.88 10.10 37.61
CA GLN O 74 -1.92 10.27 36.59
C GLN O 74 -2.70 9.00 36.24
N GLY O 75 -4.01 9.17 36.04
CA GLY O 75 -4.86 8.05 35.67
C GLY O 75 -6.20 8.52 35.11
N GLY O 76 -7.13 7.58 34.95
CA GLY O 76 -8.45 7.94 34.43
C GLY O 76 -8.72 7.52 33.00
N ASP O 77 -7.74 6.89 32.38
CA ASP O 77 -7.91 6.42 31.00
C ASP O 77 -8.46 5.01 31.04
N PHE O 78 -9.78 4.89 31.04
CA PHE O 78 -10.45 3.60 31.08
C PHE O 78 -10.83 3.04 29.71
N THR O 79 -10.48 3.75 28.64
CA THR O 79 -10.77 3.28 27.29
C THR O 79 -9.50 2.73 26.63
N LYS O 80 -8.36 3.31 26.97
CA LYS O 80 -7.07 2.89 26.41
C LYS O 80 -6.05 2.49 27.47
N GLY O 81 -6.13 3.12 28.64
CA GLY O 81 -5.24 2.81 29.74
C GLY O 81 -3.77 3.17 29.58
N ASP O 82 -3.45 4.10 28.68
CA ASP O 82 -2.06 4.49 28.45
C ASP O 82 -1.93 6.01 28.25
N GLY O 83 -2.97 6.74 28.65
CA GLY O 83 -2.96 8.19 28.53
C GLY O 83 -3.49 8.73 27.21
N THR O 84 -3.69 7.87 26.21
CA THR O 84 -4.20 8.34 24.93
C THR O 84 -5.72 8.32 24.84
N GLY O 85 -6.36 7.59 25.76
CA GLY O 85 -7.80 7.48 25.75
C GLY O 85 -8.57 8.22 26.83
N GLY O 86 -9.75 7.70 27.14
CA GLY O 86 -10.60 8.31 28.16
C GLY O 86 -11.70 9.14 27.53
N GLU O 87 -12.74 9.44 28.32
CA GLU O 87 -13.87 10.24 27.82
C GLU O 87 -14.66 10.88 28.96
N SER O 88 -15.41 11.93 28.66
CA SER O 88 -16.22 12.60 29.68
C SER O 88 -17.66 12.10 29.59
N ILE O 89 -18.43 12.34 30.65
CA ILE O 89 -19.83 11.92 30.69
C ILE O 89 -20.71 12.72 29.71
N TYR O 90 -20.21 13.89 29.32
CA TYR O 90 -20.92 14.77 28.39
C TYR O 90 -20.75 14.34 26.95
N GLY O 91 -19.98 13.28 26.73
CA GLY O 91 -19.76 12.81 25.38
C GLY O 91 -18.58 13.59 24.82
N GLY O 92 -17.50 12.88 24.54
CA GLY O 92 -16.31 13.54 24.02
C GLY O 92 -15.61 14.29 25.14
N MET O 93 -15.26 15.54 24.90
CA MET O 93 -14.57 16.34 25.91
C MET O 93 -15.40 17.57 26.23
N PHE O 94 -15.09 18.22 27.36
CA PHE O 94 -15.82 19.42 27.72
C PHE O 94 -14.87 20.56 27.97
N ASP O 95 -15.34 21.77 27.73
CA ASP O 95 -14.52 22.96 27.89
C ASP O 95 -13.98 23.14 29.30
N ASP O 96 -12.93 23.92 29.40
CA ASP O 96 -12.30 24.24 30.68
C ASP O 96 -13.20 25.25 31.34
N GLU O 97 -13.51 25.05 32.61
CA GLU O 97 -14.32 26.01 33.32
C GLU O 97 -13.32 27.07 33.76
N GLU O 98 -13.74 28.07 34.53
CA GLU O 98 -12.79 29.09 34.95
C GLU O 98 -11.64 28.51 35.79
N PHE O 99 -10.40 28.81 35.40
CA PHE O 99 -9.20 28.32 36.09
C PHE O 99 -9.04 29.03 37.44
N VAL O 100 -10.07 28.92 38.28
CA VAL O 100 -10.08 29.55 39.60
C VAL O 100 -9.09 28.97 40.60
N MET O 101 -9.12 27.65 40.79
CA MET O 101 -8.22 27.00 41.72
C MET O 101 -6.84 26.78 41.10
N LYS O 102 -5.80 26.92 41.91
CA LYS O 102 -4.43 26.77 41.44
C LYS O 102 -3.72 25.53 41.98
N HIS O 103 -2.55 25.25 41.42
CA HIS O 103 -1.73 24.13 41.85
C HIS O 103 -0.69 24.65 42.85
N ASP O 104 -1.16 25.29 43.93
CA ASP O 104 -0.27 25.85 44.94
C ASP O 104 -0.08 25.00 46.20
N GLU O 105 -0.96 24.02 46.38
CA GLU O 105 -0.85 23.13 47.54
C GLU O 105 -0.63 21.72 47.04
N PRO O 106 0.06 20.89 47.84
CA PRO O 106 0.27 19.52 47.39
C PRO O 106 -1.09 18.82 47.52
N PHE O 107 -1.30 17.78 46.74
CA PHE O 107 -2.54 17.00 46.81
C PHE O 107 -3.82 17.64 46.29
N VAL O 108 -3.72 18.34 45.15
CA VAL O 108 -4.91 18.91 44.53
C VAL O 108 -5.29 17.93 43.43
N VAL O 109 -6.54 17.96 42.99
CA VAL O 109 -6.98 17.06 41.93
C VAL O 109 -7.22 17.92 40.71
N SER O 110 -6.50 17.64 39.63
CA SER O 110 -6.65 18.44 38.44
C SER O 110 -6.96 17.58 37.23
N MET O 111 -7.39 18.24 36.16
CA MET O 111 -7.74 17.55 34.93
C MET O 111 -6.55 17.53 33.99
N ALA O 112 -6.23 16.35 33.47
CA ALA O 112 -5.15 16.26 32.51
C ALA O 112 -5.83 16.64 31.21
N ASN O 113 -5.05 17.00 30.20
CA ASN O 113 -5.64 17.36 28.93
C ASN O 113 -4.62 17.33 27.81
N LYS O 114 -5.05 17.76 26.62
CA LYS O 114 -4.18 17.79 25.45
C LYS O 114 -4.32 19.15 24.77
N GLY O 115 -4.65 20.16 25.56
CA GLY O 115 -4.79 21.49 25.03
C GLY O 115 -6.02 22.20 25.56
N PRO O 116 -6.31 23.40 25.06
CA PRO O 116 -7.50 24.14 25.53
C PRO O 116 -8.75 23.28 25.35
N ASN O 117 -9.64 23.32 26.34
CA ASN O 117 -10.89 22.58 26.30
C ASN O 117 -10.78 21.16 25.71
N THR O 118 -9.98 20.32 26.35
CA THR O 118 -9.79 18.94 25.90
C THR O 118 -10.00 17.93 27.03
N ASN O 119 -10.61 18.37 28.12
CA ASN O 119 -10.84 17.50 29.27
C ASN O 119 -11.70 16.28 28.96
N GLY O 120 -11.24 15.10 29.39
CA GLY O 120 -11.99 13.88 29.16
C GLY O 120 -12.32 13.19 30.47
N SER O 121 -11.45 12.29 30.91
CA SER O 121 -11.65 11.61 32.18
C SER O 121 -10.31 11.53 32.93
N GLN O 122 -9.22 11.77 32.21
CA GLN O 122 -7.88 11.71 32.82
C GLN O 122 -7.60 12.87 33.78
N PHE O 123 -7.18 12.51 34.99
CA PHE O 123 -6.87 13.47 36.03
C PHE O 123 -5.52 13.12 36.63
N PHE O 124 -5.06 13.97 37.53
CA PHE O 124 -3.81 13.71 38.21
C PHE O 124 -3.92 14.26 39.61
N ILE O 125 -3.10 13.75 40.52
CA ILE O 125 -3.09 14.21 41.89
C ILE O 125 -1.64 14.58 42.18
N THR O 126 -1.39 15.86 42.44
CA THR O 126 -0.05 16.35 42.72
C THR O 126 0.31 16.03 44.16
N THR O 127 1.58 16.18 44.49
CA THR O 127 2.06 15.95 45.84
C THR O 127 2.97 17.12 46.18
N THR O 128 2.99 18.08 45.27
CA THR O 128 3.83 19.26 45.38
C THR O 128 3.21 20.38 44.55
N PRO O 129 3.57 21.65 44.84
CA PRO O 129 3.02 22.77 44.06
C PRO O 129 3.43 22.66 42.60
N ALA O 130 2.54 23.05 41.69
CA ALA O 130 2.82 22.98 40.26
C ALA O 130 2.34 24.24 39.53
N PRO O 131 2.79 25.41 39.98
CA PRO O 131 2.43 26.71 39.41
C PRO O 131 2.45 26.78 37.88
N HIS O 132 3.43 26.11 37.28
CA HIS O 132 3.54 26.13 35.83
C HIS O 132 2.31 25.50 35.16
N LEU O 133 1.45 24.86 35.94
CA LEU O 133 0.24 24.26 35.37
C LEU O 133 -0.99 25.16 35.56
N ASN O 134 -0.84 26.24 36.31
CA ASN O 134 -1.95 27.17 36.53
C ASN O 134 -2.44 27.71 35.19
N ASN O 135 -3.75 27.91 35.08
CA ASN O 135 -4.38 28.44 33.86
C ASN O 135 -4.36 27.52 32.66
N ILE O 136 -3.80 26.33 32.83
CA ILE O 136 -3.74 25.35 31.75
C ILE O 136 -4.64 24.18 32.14
N HIS O 137 -4.56 23.79 33.40
CA HIS O 137 -5.35 22.67 33.91
C HIS O 137 -6.35 23.12 34.97
N VAL O 138 -7.57 22.61 34.85
CA VAL O 138 -8.64 22.97 35.77
C VAL O 138 -8.61 22.19 37.08
N VAL O 139 -8.34 22.90 38.17
CA VAL O 139 -8.30 22.27 39.48
C VAL O 139 -9.73 22.22 40.04
N PHE O 140 -10.15 21.05 40.51
CA PHE O 140 -11.50 20.89 41.03
C PHE O 140 -11.59 20.12 42.34
N GLY O 141 -10.48 19.58 42.80
CA GLY O 141 -10.52 18.80 44.03
C GLY O 141 -9.40 18.99 45.03
N LYS O 142 -9.49 18.24 46.11
CA LYS O 142 -8.51 18.29 47.19
C LYS O 142 -8.56 16.97 47.98
N VAL O 143 -7.39 16.38 48.19
CA VAL O 143 -7.26 15.14 48.93
C VAL O 143 -7.45 15.46 50.41
N VAL O 144 -8.45 14.84 51.06
CA VAL O 144 -8.69 15.11 52.47
C VAL O 144 -8.28 13.98 53.41
N SER O 145 -8.07 12.79 52.86
CA SER O 145 -7.63 11.67 53.68
C SER O 145 -6.97 10.64 52.75
N GLY O 146 -5.95 9.95 53.28
CA GLY O 146 -5.26 8.96 52.48
C GLY O 146 -4.20 9.51 51.56
N GLN O 147 -3.66 10.69 51.86
CA GLN O 147 -2.63 11.24 50.99
C GLN O 147 -1.35 10.40 50.99
N GLU O 148 -1.18 9.53 51.98
CA GLU O 148 0.02 8.69 52.03
C GLU O 148 -0.13 7.60 50.95
N VAL O 149 -1.37 7.36 50.53
CA VAL O 149 -1.61 6.39 49.48
C VAL O 149 -1.10 7.03 48.19
N VAL O 150 -1.38 8.33 48.03
CA VAL O 150 -0.93 9.06 46.85
C VAL O 150 0.58 9.02 46.76
N THR O 151 1.25 9.16 47.91
CA THR O 151 2.70 9.14 47.95
C THR O 151 3.25 7.76 47.60
N LYS O 152 2.75 6.75 48.29
CA LYS O 152 3.19 5.39 48.03
C LYS O 152 3.23 5.16 46.51
N ILE O 153 2.10 5.40 45.86
CA ILE O 153 1.97 5.22 44.41
C ILE O 153 2.99 6.01 43.58
N GLU O 154 3.13 7.30 43.86
CA GLU O 154 4.04 8.14 43.09
C GLU O 154 5.50 7.70 43.12
N TYR O 155 5.95 7.05 44.19
CA TYR O 155 7.34 6.61 44.23
C TYR O 155 7.53 5.15 43.89
N LEU O 156 6.50 4.57 43.28
CA LEU O 156 6.55 3.18 42.83
C LEU O 156 7.58 3.12 41.73
N LYS O 157 8.14 1.95 41.51
CA LYS O 157 9.14 1.72 40.49
C LYS O 157 8.41 1.82 39.13
N THR O 158 9.05 2.42 38.14
CA THR O 158 8.43 2.56 36.82
C THR O 158 9.37 2.21 35.69
N ASN O 159 8.82 2.08 34.48
CA ASN O 159 9.63 1.78 33.31
C ASN O 159 10.10 3.09 32.70
N SER O 160 10.67 3.01 31.50
CA SER O 160 11.20 4.19 30.80
C SER O 160 10.17 5.28 30.50
N LYS O 161 8.90 4.90 30.42
CA LYS O 161 7.85 5.88 30.13
C LYS O 161 7.04 6.25 31.37
N ASN O 162 7.63 6.01 32.54
CA ASN O 162 7.02 6.32 33.83
C ASN O 162 5.79 5.52 34.19
N ARG O 163 5.64 4.35 33.59
CA ARG O 163 4.49 3.53 33.90
C ARG O 163 4.90 2.62 35.05
N PRO O 164 4.09 2.59 36.12
CA PRO O 164 4.44 1.73 37.25
C PRO O 164 4.62 0.29 36.79
N LEU O 165 5.68 -0.37 37.22
CA LEU O 165 5.88 -1.76 36.83
C LEU O 165 4.74 -2.57 37.47
N ALA O 166 4.41 -2.24 38.70
CA ALA O 166 3.32 -2.92 39.41
C ALA O 166 2.00 -2.38 38.87
N ASP O 167 0.92 -3.11 39.11
CA ASP O 167 -0.39 -2.66 38.62
C ASP O 167 -1.15 -1.89 39.69
N VAL O 168 -1.34 -0.61 39.43
CA VAL O 168 -2.06 0.25 40.35
C VAL O 168 -3.51 0.34 39.84
N VAL O 169 -4.35 -0.51 40.40
CA VAL O 169 -5.75 -0.58 40.04
C VAL O 169 -6.66 0.15 41.01
N ILE O 170 -7.62 0.90 40.49
CA ILE O 170 -8.58 1.58 41.34
C ILE O 170 -9.59 0.45 41.47
N LEU O 171 -9.30 -0.50 42.36
CA LEU O 171 -10.17 -1.67 42.54
C LEU O 171 -11.62 -1.35 42.79
N ASN O 172 -11.87 -0.17 43.36
CA ASN O 172 -13.24 0.24 43.63
C ASN O 172 -13.31 1.74 43.85
N CYS O 173 -14.52 2.29 43.73
CA CYS O 173 -14.71 3.73 43.91
C CYS O 173 -16.20 4.12 43.95
N GLY O 174 -16.48 5.36 44.31
CA GLY O 174 -17.85 5.83 44.38
C GLY O 174 -17.92 7.14 45.12
N GLU O 175 -19.09 7.46 45.69
CA GLU O 175 -19.25 8.69 46.45
C GLU O 175 -19.44 8.35 47.94
N LEU O 176 -18.97 9.25 48.80
CA LEU O 176 -19.13 9.06 50.24
C LEU O 176 -20.21 9.99 50.76
N VAL O 177 -21.39 9.41 50.97
CA VAL O 177 -22.54 10.16 51.47
C VAL O 177 -22.85 9.69 52.90
N DAL P 1 9.99 16.75 31.08
CA DAL P 1 9.87 17.77 32.12
CB DAL P 1 11.16 17.88 32.88
C DAL P 1 8.74 17.42 33.06
O DAL P 1 8.71 16.31 33.57
N MLE P 2 7.83 18.35 33.29
CN MLE P 2 7.91 19.68 32.60
CA MLE P 2 6.74 18.09 34.22
CB MLE P 2 6.96 18.84 35.53
CG MLE P 2 8.38 18.92 36.11
CD1 MLE P 2 8.36 19.85 37.30
CD2 MLE P 2 8.86 17.53 36.49
C MLE P 2 5.38 18.52 33.66
O MLE P 2 4.83 19.52 34.11
N MLE P 3 4.85 17.77 32.70
CN MLE P 3 5.66 16.66 32.08
CA MLE P 3 3.55 18.10 32.14
CB MLE P 3 3.70 18.45 30.65
CG MLE P 3 4.73 19.55 30.33
CD1 MLE P 3 4.92 19.64 28.83
CD2 MLE P 3 4.28 20.90 30.92
C MLE P 3 2.59 16.91 32.31
O MLE P 3 3.04 15.79 32.57
N MVA P 4 1.27 17.14 32.23
CN MVA P 4 0.75 18.54 32.08
CA MVA P 4 0.33 16.04 32.36
CB MVA P 4 -0.52 16.15 33.65
CG1 MVA P 4 -1.30 14.85 33.87
CG2 MVA P 4 0.37 16.44 34.84
C MVA P 4 -0.60 16.06 31.14
O MVA P 4 -1.68 16.64 31.18
N BMT P 5 -0.17 15.42 30.05
CN BMT P 5 1.08 14.61 30.10
CA BMT P 5 -0.99 15.43 28.84
C BMT P 5 -1.57 14.05 28.51
O BMT P 5 -1.18 13.04 29.08
CB BMT P 5 -0.19 15.95 27.63
OG1 BMT P 5 0.78 14.97 27.23
CG2 BMT P 5 0.52 17.26 28.00
CD1 BMT P 5 -0.50 18.35 28.31
CD2 BMT P 5 1.45 17.70 26.86
CE BMT P 5 0.88 17.68 25.44
CZ BMT P 5 -0.15 18.57 25.01
CH BMT P 5 -0.70 18.49 23.58
N ABA P 6 -2.53 14.05 27.59
CA ABA P 6 -3.21 12.82 27.17
C ABA P 6 -2.95 12.51 25.71
O ABA P 6 -3.75 12.90 24.85
CB ABA P 6 -4.71 12.95 27.40
CG ABA P 6 -5.11 13.10 28.85
N SAR P 7 -1.86 11.83 25.42
CA SAR P 7 -1.57 11.49 24.04
C SAR P 7 -0.13 11.76 23.64
O SAR P 7 0.59 10.83 23.28
CN SAR P 7 -0.90 11.42 26.51
N MLE P 8 0.30 13.02 23.72
CN MLE P 8 -0.60 14.11 24.23
CA MLE P 8 1.68 13.36 23.34
CB MLE P 8 1.67 14.47 22.28
CG MLE P 8 3.02 14.86 21.69
CD1 MLE P 8 3.44 13.81 20.66
CD2 MLE P 8 2.95 16.25 21.06
C MLE P 8 2.45 13.84 24.57
O MLE P 8 2.58 15.04 24.80
N VAL P 9 2.97 12.89 25.34
CA VAL P 9 3.73 13.20 26.54
C VAL P 9 5.07 13.87 26.27
N MLE P 10 5.29 15.04 26.86
CN MLE P 10 4.21 15.68 27.71
CA MLE P 10 6.55 15.76 26.67
CB MLE P 10 6.29 17.24 26.39
CG MLE P 10 5.46 17.49 25.12
CD1 MLE P 10 5.23 18.96 24.93
CD2 MLE P 10 6.16 16.90 23.92
C MLE P 10 7.44 15.59 27.90
O MLE P 10 6.99 15.17 28.96
N ALA P 11 8.73 15.92 27.76
CA ALA P 11 9.67 15.81 28.86
C ALA P 11 9.48 16.94 29.86
#